data_5C20
# 
_entry.id   5C20 
# 
_audit_conform.dict_name       mmcif_pdbx.dic 
_audit_conform.dict_version    5.397 
_audit_conform.dict_location   http://mmcif.pdb.org/dictionaries/ascii/mmcif_pdbx.dic 
# 
loop_
_database_2.database_id 
_database_2.database_code 
_database_2.pdbx_database_accession 
_database_2.pdbx_DOI 
PDB   5C20         pdb_00005c20 10.2210/pdb5c20/pdb 
WWPDB D_1000210896 ?            ?                   
# 
loop_
_pdbx_audit_revision_history.ordinal 
_pdbx_audit_revision_history.data_content_type 
_pdbx_audit_revision_history.major_revision 
_pdbx_audit_revision_history.minor_revision 
_pdbx_audit_revision_history.revision_date 
1 'Structure model' 1 0 2016-06-01 
2 'Structure model' 1 1 2016-10-26 
3 'Structure model' 1 2 2017-09-27 
4 'Structure model' 2 0 2020-09-02 
5 'Structure model' 2 1 2023-11-08 
6 'Structure model' 2 2 2024-10-09 
# 
_pdbx_audit_revision_details.ordinal             1 
_pdbx_audit_revision_details.revision_ordinal    1 
_pdbx_audit_revision_details.data_content_type   'Structure model' 
_pdbx_audit_revision_details.provider            repository 
_pdbx_audit_revision_details.type                'Initial release' 
_pdbx_audit_revision_details.description         ? 
_pdbx_audit_revision_details.details             ? 
# 
loop_
_pdbx_audit_revision_group.ordinal 
_pdbx_audit_revision_group.revision_ordinal 
_pdbx_audit_revision_group.data_content_type 
_pdbx_audit_revision_group.group 
1  2 'Structure model' 'Database references'     
2  3 'Structure model' 'Data collection'         
3  3 'Structure model' 'Derived calculations'    
4  4 'Structure model' 'Derived calculations'    
5  4 'Structure model' 'Non-polymer description' 
6  4 'Structure model' 'Structure summary'       
7  5 'Structure model' 'Data collection'         
8  5 'Structure model' 'Database references'     
9  5 'Structure model' 'Refinement description'  
10 6 'Structure model' 'Structure summary'       
# 
loop_
_pdbx_audit_revision_category.ordinal 
_pdbx_audit_revision_category.revision_ordinal 
_pdbx_audit_revision_category.data_content_type 
_pdbx_audit_revision_category.category 
1  3 'Structure model' diffrn_detector               
2  3 'Structure model' pdbx_struct_oper_list         
3  4 'Structure model' chem_comp                     
4  4 'Structure model' entity                        
5  4 'Structure model' pdbx_entity_nonpoly           
6  5 'Structure model' chem_comp_atom                
7  5 'Structure model' chem_comp_bond                
8  5 'Structure model' database_2                    
9  5 'Structure model' pdbx_initial_refinement_model 
10 6 'Structure model' pdbx_entry_details            
11 6 'Structure model' pdbx_modification_feature     
# 
loop_
_pdbx_audit_revision_item.ordinal 
_pdbx_audit_revision_item.revision_ordinal 
_pdbx_audit_revision_item.data_content_type 
_pdbx_audit_revision_item.item 
1  3 'Structure model' '_diffrn_detector.detector'                 
2  3 'Structure model' '_pdbx_struct_oper_list.symmetry_operation' 
3  4 'Structure model' '_chem_comp.formula'                        
4  4 'Structure model' '_chem_comp.formula_weight'                 
5  4 'Structure model' '_chem_comp.name'                           
6  4 'Structure model' '_entity.formula_weight'                    
7  4 'Structure model' '_entity.pdbx_description'                  
8  4 'Structure model' '_pdbx_entity_nonpoly.name'                 
9  5 'Structure model' '_database_2.pdbx_DOI'                      
10 5 'Structure model' '_database_2.pdbx_database_accession'       
# 
_pdbx_database_status.status_code                     REL 
_pdbx_database_status.status_code_sf                  REL 
_pdbx_database_status.status_code_mr                  ? 
_pdbx_database_status.entry_id                        5C20 
_pdbx_database_status.recvd_initial_deposition_date   2015-06-15 
_pdbx_database_status.SG_entry                        N 
_pdbx_database_status.deposit_site                    RCSB 
_pdbx_database_status.process_site                    PDBJ 
_pdbx_database_status.status_code_cs                  ? 
_pdbx_database_status.methods_development_category    ? 
_pdbx_database_status.pdb_format_compatible           Y 
_pdbx_database_status.status_code_nmr_data            ? 
# 
loop_
_pdbx_database_related.db_name 
_pdbx_database_related.details 
_pdbx_database_related.db_id 
_pdbx_database_related.content_type 
PDB . 4GHQ unspecified 
PDB . 4GHT unspecified 
PDB . 5C1U unspecified 
PDB . 5C1X unspecified 
PDB . 5C1Y unspecified 
# 
loop_
_audit_author.name 
_audit_author.pdbx_ordinal 
'Zhang, L.' 1  
'Huang, G.' 2  
'Cai, Q.'   3  
'Zhao, C.'  4  
'Ren, H.'   5  
'Li, P.'    6  
'Li, N.'    7  
'Chen, S.'  8  
'Li, J.'    9  
'Lin, T.'   10 
# 
_citation.abstract                  ? 
_citation.abstract_id_CAS           ? 
_citation.book_id_ISBN              ? 
_citation.book_publisher            ? 
_citation.book_publisher_city       ? 
_citation.book_title                ? 
_citation.coordinate_linkage        ? 
_citation.country                   UK 
_citation.database_id_Medline       ? 
_citation.details                   ? 
_citation.id                        primary 
_citation.journal_abbrev            J.Mol.Recognit. 
_citation.journal_id_ASTM           ? 
_citation.journal_id_CSD            ? 
_citation.journal_id_ISSN           0952-3499 
_citation.journal_full              ? 
_citation.journal_issue             ? 
_citation.journal_volume            29 
_citation.language                  ? 
_citation.page_first                520 
_citation.page_last                 527 
_citation.title                     
'Optimize the interactions at S4 with efficient inhibitors targeting 3C proteinase from enterovirus 71' 
_citation.year                      2016 
_citation.database_id_CSD           ? 
_citation.pdbx_database_id_DOI      10.1002/jmr.2551 
_citation.pdbx_database_id_PubMed   27185390 
_citation.unpublished_flag          ? 
# 
loop_
_citation_author.citation_id 
_citation_author.name 
_citation_author.ordinal 
_citation_author.identifier_ORCID 
primary 'Zhang, L.' 1  ? 
primary 'Huang, G.' 2  ? 
primary 'Cai, Q.'   3  ? 
primary 'Zhao, C.'  4  ? 
primary 'Tang, L.'  5  ? 
primary 'Ren, H.'   6  ? 
primary 'Li, P.'    7  ? 
primary 'Li, N.'    8  ? 
primary 'Huang, J.' 9  ? 
primary 'Chen, X.'  10 ? 
primary 'Guan, Y.'  11 ? 
primary 'You, H.'   12 ? 
primary 'Chen, S.'  13 ? 
primary 'Li, J.'    14 ? 
primary 'Lin, T.'   15 ? 
# 
loop_
_entity.id 
_entity.type 
_entity.src_method 
_entity.pdbx_description 
_entity.formula_weight 
_entity.pdbx_number_of_molecules 
_entity.pdbx_ec 
_entity.pdbx_mutation 
_entity.pdbx_fragment 
_entity.details 
1 polymer     man '3C proteinase' 21391.482 1  3.4.22.28 ? ? ? 
2 non-polymer syn 
;2-methylpropyl N-[(2S)-1-oxidanylidene-1-[[(2S)-1-oxidanyl-3-[(3S)-2-oxidanylidenepyrrolidin-3-yl]propan-2-yl]amino]-3-phenyl-propan-2-yl]carbamate
;
405.488   1  ?         ? ? ? 
3 water       nat water 18.015    13 ?         ? ? ? 
# 
_entity_poly.entity_id                      1 
_entity_poly.type                           'polypeptide(L)' 
_entity_poly.nstd_linkage                   no 
_entity_poly.nstd_monomer                   no 
_entity_poly.pdbx_seq_one_letter_code       
;MGPSLDFALSLLRRNVRQVQTDQGHFTMLGVRDRLAVLPRHSQPGKTIWIEHKLVNILDAVELVDEQGVNLELTLITLDT
NEKFRDITKFIPENISTASDATLVINTEHMPSMFVPVGDVVQYGFLNLSGKPTHRTMMYNFPTKAGQCGGVVTSVGKVIG
IHIGGNGRQGFCAGLKRSYFASEQLEHHHHHH
;
_entity_poly.pdbx_seq_one_letter_code_can   
;MGPSLDFALSLLRRNVRQVQTDQGHFTMLGVRDRLAVLPRHSQPGKTIWIEHKLVNILDAVELVDEQGVNLELTLITLDT
NEKFRDITKFIPENISTASDATLVINTEHMPSMFVPVGDVVQYGFLNLSGKPTHRTMMYNFPTKAGQCGGVVTSVGKVIG
IHIGGNGRQGFCAGLKRSYFASEQLEHHHHHH
;
_entity_poly.pdbx_strand_id                 A 
_entity_poly.pdbx_target_identifier         ? 
# 
loop_
_pdbx_entity_nonpoly.entity_id 
_pdbx_entity_nonpoly.name 
_pdbx_entity_nonpoly.comp_id 
2 
;2-methylpropyl N-[(2S)-1-oxidanylidene-1-[[(2S)-1-oxidanyl-3-[(3S)-2-oxidanylidenepyrrolidin-3-yl]propan-2-yl]amino]-3-phenyl-propan-2-yl]carbamate
;
GHZ 
3 water HOH 
# 
loop_
_entity_poly_seq.entity_id 
_entity_poly_seq.num 
_entity_poly_seq.mon_id 
_entity_poly_seq.hetero 
1 1   MET n 
1 2   GLY n 
1 3   PRO n 
1 4   SER n 
1 5   LEU n 
1 6   ASP n 
1 7   PHE n 
1 8   ALA n 
1 9   LEU n 
1 10  SER n 
1 11  LEU n 
1 12  LEU n 
1 13  ARG n 
1 14  ARG n 
1 15  ASN n 
1 16  VAL n 
1 17  ARG n 
1 18  GLN n 
1 19  VAL n 
1 20  GLN n 
1 21  THR n 
1 22  ASP n 
1 23  GLN n 
1 24  GLY n 
1 25  HIS n 
1 26  PHE n 
1 27  THR n 
1 28  MET n 
1 29  LEU n 
1 30  GLY n 
1 31  VAL n 
1 32  ARG n 
1 33  ASP n 
1 34  ARG n 
1 35  LEU n 
1 36  ALA n 
1 37  VAL n 
1 38  LEU n 
1 39  PRO n 
1 40  ARG n 
1 41  HIS n 
1 42  SER n 
1 43  GLN n 
1 44  PRO n 
1 45  GLY n 
1 46  LYS n 
1 47  THR n 
1 48  ILE n 
1 49  TRP n 
1 50  ILE n 
1 51  GLU n 
1 52  HIS n 
1 53  LYS n 
1 54  LEU n 
1 55  VAL n 
1 56  ASN n 
1 57  ILE n 
1 58  LEU n 
1 59  ASP n 
1 60  ALA n 
1 61  VAL n 
1 62  GLU n 
1 63  LEU n 
1 64  VAL n 
1 65  ASP n 
1 66  GLU n 
1 67  GLN n 
1 68  GLY n 
1 69  VAL n 
1 70  ASN n 
1 71  LEU n 
1 72  GLU n 
1 73  LEU n 
1 74  THR n 
1 75  LEU n 
1 76  ILE n 
1 77  THR n 
1 78  LEU n 
1 79  ASP n 
1 80  THR n 
1 81  ASN n 
1 82  GLU n 
1 83  LYS n 
1 84  PHE n 
1 85  ARG n 
1 86  ASP n 
1 87  ILE n 
1 88  THR n 
1 89  LYS n 
1 90  PHE n 
1 91  ILE n 
1 92  PRO n 
1 93  GLU n 
1 94  ASN n 
1 95  ILE n 
1 96  SER n 
1 97  THR n 
1 98  ALA n 
1 99  SER n 
1 100 ASP n 
1 101 ALA n 
1 102 THR n 
1 103 LEU n 
1 104 VAL n 
1 105 ILE n 
1 106 ASN n 
1 107 THR n 
1 108 GLU n 
1 109 HIS n 
1 110 MET n 
1 111 PRO n 
1 112 SER n 
1 113 MET n 
1 114 PHE n 
1 115 VAL n 
1 116 PRO n 
1 117 VAL n 
1 118 GLY n 
1 119 ASP n 
1 120 VAL n 
1 121 VAL n 
1 122 GLN n 
1 123 TYR n 
1 124 GLY n 
1 125 PHE n 
1 126 LEU n 
1 127 ASN n 
1 128 LEU n 
1 129 SER n 
1 130 GLY n 
1 131 LYS n 
1 132 PRO n 
1 133 THR n 
1 134 HIS n 
1 135 ARG n 
1 136 THR n 
1 137 MET n 
1 138 MET n 
1 139 TYR n 
1 140 ASN n 
1 141 PHE n 
1 142 PRO n 
1 143 THR n 
1 144 LYS n 
1 145 ALA n 
1 146 GLY n 
1 147 GLN n 
1 148 CYS n 
1 149 GLY n 
1 150 GLY n 
1 151 VAL n 
1 152 VAL n 
1 153 THR n 
1 154 SER n 
1 155 VAL n 
1 156 GLY n 
1 157 LYS n 
1 158 VAL n 
1 159 ILE n 
1 160 GLY n 
1 161 ILE n 
1 162 HIS n 
1 163 ILE n 
1 164 GLY n 
1 165 GLY n 
1 166 ASN n 
1 167 GLY n 
1 168 ARG n 
1 169 GLN n 
1 170 GLY n 
1 171 PHE n 
1 172 CYS n 
1 173 ALA n 
1 174 GLY n 
1 175 LEU n 
1 176 LYS n 
1 177 ARG n 
1 178 SER n 
1 179 TYR n 
1 180 PHE n 
1 181 ALA n 
1 182 SER n 
1 183 GLU n 
1 184 GLN n 
1 185 LEU n 
1 186 GLU n 
1 187 HIS n 
1 188 HIS n 
1 189 HIS n 
1 190 HIS n 
1 191 HIS n 
1 192 HIS n 
# 
_entity_src_gen.entity_id                          1 
_entity_src_gen.pdbx_src_id                        1 
_entity_src_gen.pdbx_alt_source_flag               sample 
_entity_src_gen.pdbx_seq_type                      'Biological sequence' 
_entity_src_gen.pdbx_beg_seq_num                   1 
_entity_src_gen.pdbx_end_seq_num                   192 
_entity_src_gen.gene_src_common_name               ? 
_entity_src_gen.gene_src_genus                     ? 
_entity_src_gen.pdbx_gene_src_gene                 ? 
_entity_src_gen.gene_src_species                   ? 
_entity_src_gen.gene_src_strain                    E2004104-TW-CDC 
_entity_src_gen.gene_src_tissue                    ? 
_entity_src_gen.gene_src_tissue_fraction           ? 
_entity_src_gen.gene_src_details                   ? 
_entity_src_gen.pdbx_gene_src_fragment             ? 
_entity_src_gen.pdbx_gene_src_scientific_name      'Enterovirus A71' 
_entity_src_gen.pdbx_gene_src_ncbi_taxonomy_id     39054 
_entity_src_gen.pdbx_gene_src_variant              ? 
_entity_src_gen.pdbx_gene_src_cell_line            ? 
_entity_src_gen.pdbx_gene_src_atcc                 ? 
_entity_src_gen.pdbx_gene_src_organ                ? 
_entity_src_gen.pdbx_gene_src_organelle            ? 
_entity_src_gen.pdbx_gene_src_cell                 ? 
_entity_src_gen.pdbx_gene_src_cellular_location    ? 
_entity_src_gen.host_org_common_name               ? 
_entity_src_gen.pdbx_host_org_scientific_name      'Escherichia coli BL21(DE3)' 
_entity_src_gen.pdbx_host_org_ncbi_taxonomy_id     469008 
_entity_src_gen.host_org_genus                     ? 
_entity_src_gen.pdbx_host_org_gene                 ? 
_entity_src_gen.pdbx_host_org_organ                ? 
_entity_src_gen.host_org_species                   ? 
_entity_src_gen.pdbx_host_org_tissue               ? 
_entity_src_gen.pdbx_host_org_tissue_fraction      ? 
_entity_src_gen.pdbx_host_org_strain               'BL21(DE3)' 
_entity_src_gen.pdbx_host_org_variant              ? 
_entity_src_gen.pdbx_host_org_cell_line            ? 
_entity_src_gen.pdbx_host_org_atcc                 ? 
_entity_src_gen.pdbx_host_org_culture_collection   ? 
_entity_src_gen.pdbx_host_org_cell                 ? 
_entity_src_gen.pdbx_host_org_organelle            ? 
_entity_src_gen.pdbx_host_org_cellular_location    ? 
_entity_src_gen.pdbx_host_org_vector_type          PLASMID 
_entity_src_gen.pdbx_host_org_vector               ? 
_entity_src_gen.host_org_details                   ? 
_entity_src_gen.expression_system_id               ? 
_entity_src_gen.plasmid_name                       PET28A 
_entity_src_gen.plasmid_details                    ? 
_entity_src_gen.pdbx_description                   ? 
# 
loop_
_chem_comp.id 
_chem_comp.type 
_chem_comp.mon_nstd_flag 
_chem_comp.name 
_chem_comp.pdbx_synonyms 
_chem_comp.formula 
_chem_comp.formula_weight 
ALA 'L-peptide linking' y ALANINE ? 'C3 H7 N O2'     89.093  
ARG 'L-peptide linking' y ARGININE ? 'C6 H15 N4 O2 1' 175.209 
ASN 'L-peptide linking' y ASPARAGINE ? 'C4 H8 N2 O3'    132.118 
ASP 'L-peptide linking' y 'ASPARTIC ACID' ? 'C4 H7 N O4'     133.103 
CYS 'L-peptide linking' y CYSTEINE ? 'C3 H7 N O2 S'   121.158 
GHZ non-polymer         . 
;2-methylpropyl N-[(2S)-1-oxidanylidene-1-[[(2S)-1-oxidanyl-3-[(3S)-2-oxidanylidenepyrrolidin-3-yl]propan-2-yl]amino]-3-phenyl-propan-2-yl]carbamate
;
? 'C21 H31 N3 O5'  405.488 
GLN 'L-peptide linking' y GLUTAMINE ? 'C5 H10 N2 O3'   146.144 
GLU 'L-peptide linking' y 'GLUTAMIC ACID' ? 'C5 H9 N O4'     147.129 
GLY 'peptide linking'   y GLYCINE ? 'C2 H5 N O2'     75.067  
HIS 'L-peptide linking' y HISTIDINE ? 'C6 H10 N3 O2 1' 156.162 
HOH non-polymer         . WATER ? 'H2 O'           18.015  
ILE 'L-peptide linking' y ISOLEUCINE ? 'C6 H13 N O2'    131.173 
LEU 'L-peptide linking' y LEUCINE ? 'C6 H13 N O2'    131.173 
LYS 'L-peptide linking' y LYSINE ? 'C6 H15 N2 O2 1' 147.195 
MET 'L-peptide linking' y METHIONINE ? 'C5 H11 N O2 S'  149.211 
PHE 'L-peptide linking' y PHENYLALANINE ? 'C9 H11 N O2'    165.189 
PRO 'L-peptide linking' y PROLINE ? 'C5 H9 N O2'     115.130 
SER 'L-peptide linking' y SERINE ? 'C3 H7 N O3'     105.093 
THR 'L-peptide linking' y THREONINE ? 'C4 H9 N O3'     119.119 
TRP 'L-peptide linking' y TRYPTOPHAN ? 'C11 H12 N2 O2'  204.225 
TYR 'L-peptide linking' y TYROSINE ? 'C9 H11 N O3'    181.189 
VAL 'L-peptide linking' y VALINE ? 'C5 H11 N O2'    117.146 
# 
loop_
_pdbx_poly_seq_scheme.asym_id 
_pdbx_poly_seq_scheme.entity_id 
_pdbx_poly_seq_scheme.seq_id 
_pdbx_poly_seq_scheme.mon_id 
_pdbx_poly_seq_scheme.ndb_seq_num 
_pdbx_poly_seq_scheme.pdb_seq_num 
_pdbx_poly_seq_scheme.auth_seq_num 
_pdbx_poly_seq_scheme.pdb_mon_id 
_pdbx_poly_seq_scheme.auth_mon_id 
_pdbx_poly_seq_scheme.pdb_strand_id 
_pdbx_poly_seq_scheme.pdb_ins_code 
_pdbx_poly_seq_scheme.hetero 
A 1 1   MET 1   0   0   MET MET A . n 
A 1 2   GLY 2   1   1   GLY GLY A . n 
A 1 3   PRO 3   2   2   PRO PRO A . n 
A 1 4   SER 4   3   3   SER SER A . n 
A 1 5   LEU 5   4   4   LEU LEU A . n 
A 1 6   ASP 6   5   5   ASP ASP A . n 
A 1 7   PHE 7   6   6   PHE PHE A . n 
A 1 8   ALA 8   7   7   ALA ALA A . n 
A 1 9   LEU 9   8   8   LEU LEU A . n 
A 1 10  SER 10  9   9   SER SER A . n 
A 1 11  LEU 11  10  10  LEU LEU A . n 
A 1 12  LEU 12  11  11  LEU LEU A . n 
A 1 13  ARG 13  12  12  ARG ARG A . n 
A 1 14  ARG 14  13  13  ARG ARG A . n 
A 1 15  ASN 15  14  14  ASN ASN A . n 
A 1 16  VAL 16  15  15  VAL VAL A . n 
A 1 17  ARG 17  16  16  ARG ARG A . n 
A 1 18  GLN 18  17  17  GLN GLN A . n 
A 1 19  VAL 19  18  18  VAL VAL A . n 
A 1 20  GLN 20  19  19  GLN GLN A . n 
A 1 21  THR 21  20  20  THR THR A . n 
A 1 22  ASP 22  21  21  ASP ASP A . n 
A 1 23  GLN 23  22  22  GLN GLN A . n 
A 1 24  GLY 24  23  23  GLY GLY A . n 
A 1 25  HIS 25  24  24  HIS HIS A . n 
A 1 26  PHE 26  25  25  PHE PHE A . n 
A 1 27  THR 27  26  26  THR THR A . n 
A 1 28  MET 28  27  27  MET MET A . n 
A 1 29  LEU 29  28  28  LEU LEU A . n 
A 1 30  GLY 30  29  29  GLY GLY A . n 
A 1 31  VAL 31  30  30  VAL VAL A . n 
A 1 32  ARG 32  31  31  ARG ARG A . n 
A 1 33  ASP 33  32  32  ASP ASP A . n 
A 1 34  ARG 34  33  33  ARG ARG A . n 
A 1 35  LEU 35  34  34  LEU LEU A . n 
A 1 36  ALA 36  35  35  ALA ALA A . n 
A 1 37  VAL 37  36  36  VAL VAL A . n 
A 1 38  LEU 38  37  37  LEU LEU A . n 
A 1 39  PRO 39  38  38  PRO PRO A . n 
A 1 40  ARG 40  39  39  ARG ARG A . n 
A 1 41  HIS 41  40  40  HIS HIS A . n 
A 1 42  SER 42  41  41  SER SER A . n 
A 1 43  GLN 43  42  42  GLN GLN A . n 
A 1 44  PRO 44  43  43  PRO PRO A . n 
A 1 45  GLY 45  44  44  GLY GLY A . n 
A 1 46  LYS 46  45  45  LYS LYS A . n 
A 1 47  THR 47  46  46  THR THR A . n 
A 1 48  ILE 48  47  47  ILE ILE A . n 
A 1 49  TRP 49  48  48  TRP TRP A . n 
A 1 50  ILE 50  49  49  ILE ILE A . n 
A 1 51  GLU 51  50  50  GLU GLU A . n 
A 1 52  HIS 52  51  51  HIS HIS A . n 
A 1 53  LYS 53  52  52  LYS LYS A . n 
A 1 54  LEU 54  53  53  LEU LEU A . n 
A 1 55  VAL 55  54  54  VAL VAL A . n 
A 1 56  ASN 56  55  55  ASN ASN A . n 
A 1 57  ILE 57  56  56  ILE ILE A . n 
A 1 58  LEU 58  57  57  LEU LEU A . n 
A 1 59  ASP 59  58  58  ASP ASP A . n 
A 1 60  ALA 60  59  59  ALA ALA A . n 
A 1 61  VAL 61  60  60  VAL VAL A . n 
A 1 62  GLU 62  61  61  GLU GLU A . n 
A 1 63  LEU 63  62  62  LEU LEU A . n 
A 1 64  VAL 64  63  63  VAL VAL A . n 
A 1 65  ASP 65  64  64  ASP ASP A . n 
A 1 66  GLU 66  65  65  GLU GLU A . n 
A 1 67  GLN 67  66  66  GLN GLN A . n 
A 1 68  GLY 68  67  67  GLY GLY A . n 
A 1 69  VAL 69  68  68  VAL VAL A . n 
A 1 70  ASN 70  69  69  ASN ASN A . n 
A 1 71  LEU 71  70  70  LEU LEU A . n 
A 1 72  GLU 72  71  71  GLU GLU A . n 
A 1 73  LEU 73  72  72  LEU LEU A . n 
A 1 74  THR 74  73  73  THR THR A . n 
A 1 75  LEU 75  74  74  LEU LEU A . n 
A 1 76  ILE 76  75  75  ILE ILE A . n 
A 1 77  THR 77  76  76  THR THR A . n 
A 1 78  LEU 78  77  77  LEU LEU A . n 
A 1 79  ASP 79  78  78  ASP ASP A . n 
A 1 80  THR 80  79  79  THR THR A . n 
A 1 81  ASN 81  80  80  ASN ASN A . n 
A 1 82  GLU 82  81  81  GLU GLU A . n 
A 1 83  LYS 83  82  82  LYS LYS A . n 
A 1 84  PHE 84  83  83  PHE PHE A . n 
A 1 85  ARG 85  84  84  ARG ARG A . n 
A 1 86  ASP 86  85  85  ASP ASP A . n 
A 1 87  ILE 87  86  86  ILE ILE A . n 
A 1 88  THR 88  87  87  THR THR A . n 
A 1 89  LYS 89  88  88  LYS LYS A . n 
A 1 90  PHE 90  89  89  PHE PHE A . n 
A 1 91  ILE 91  90  90  ILE ILE A . n 
A 1 92  PRO 92  91  91  PRO PRO A . n 
A 1 93  GLU 93  92  92  GLU GLU A . n 
A 1 94  ASN 94  93  93  ASN ASN A . n 
A 1 95  ILE 95  94  94  ILE ILE A . n 
A 1 96  SER 96  95  95  SER SER A . n 
A 1 97  THR 97  96  96  THR THR A . n 
A 1 98  ALA 98  97  97  ALA ALA A . n 
A 1 99  SER 99  98  98  SER SER A . n 
A 1 100 ASP 100 99  99  ASP ASP A . n 
A 1 101 ALA 101 100 100 ALA ALA A . n 
A 1 102 THR 102 101 101 THR THR A . n 
A 1 103 LEU 103 102 102 LEU LEU A . n 
A 1 104 VAL 104 103 103 VAL VAL A . n 
A 1 105 ILE 105 104 104 ILE ILE A . n 
A 1 106 ASN 106 105 105 ASN ASN A . n 
A 1 107 THR 107 106 106 THR THR A . n 
A 1 108 GLU 108 107 107 GLU GLU A . n 
A 1 109 HIS 109 108 108 HIS HIS A . n 
A 1 110 MET 110 109 109 MET MET A . n 
A 1 111 PRO 111 110 110 PRO PRO A . n 
A 1 112 SER 112 111 111 SER SER A . n 
A 1 113 MET 113 112 112 MET MET A . n 
A 1 114 PHE 114 113 113 PHE PHE A . n 
A 1 115 VAL 115 114 114 VAL VAL A . n 
A 1 116 PRO 116 115 115 PRO PRO A . n 
A 1 117 VAL 117 116 116 VAL VAL A . n 
A 1 118 GLY 118 117 117 GLY GLY A . n 
A 1 119 ASP 119 118 118 ASP ASP A . n 
A 1 120 VAL 120 119 119 VAL VAL A . n 
A 1 121 VAL 121 120 120 VAL VAL A . n 
A 1 122 GLN 122 121 121 GLN GLN A . n 
A 1 123 TYR 123 122 122 TYR TYR A . n 
A 1 124 GLY 124 123 123 GLY GLY A . n 
A 1 125 PHE 125 124 124 PHE PHE A . n 
A 1 126 LEU 126 125 125 LEU LEU A . n 
A 1 127 ASN 127 126 126 ASN ASN A . n 
A 1 128 LEU 128 127 127 LEU LEU A . n 
A 1 129 SER 129 128 128 SER SER A . n 
A 1 130 GLY 130 129 129 GLY GLY A . n 
A 1 131 LYS 131 130 130 LYS LYS A . n 
A 1 132 PRO 132 131 131 PRO PRO A . n 
A 1 133 THR 133 132 132 THR THR A . n 
A 1 134 HIS 134 133 133 HIS HIS A . n 
A 1 135 ARG 135 134 134 ARG ARG A . n 
A 1 136 THR 136 135 135 THR THR A . n 
A 1 137 MET 137 136 136 MET MET A . n 
A 1 138 MET 138 137 137 MET MET A . n 
A 1 139 TYR 139 138 138 TYR TYR A . n 
A 1 140 ASN 140 139 139 ASN ASN A . n 
A 1 141 PHE 141 140 140 PHE PHE A . n 
A 1 142 PRO 142 141 141 PRO PRO A . n 
A 1 143 THR 143 142 142 THR THR A . n 
A 1 144 LYS 144 143 143 LYS LYS A . n 
A 1 145 ALA 145 144 144 ALA ALA A . n 
A 1 146 GLY 146 145 145 GLY GLY A . n 
A 1 147 GLN 147 146 146 GLN GLN A . n 
A 1 148 CYS 148 147 147 CYS CYS A . n 
A 1 149 GLY 149 148 148 GLY GLY A . n 
A 1 150 GLY 150 149 149 GLY GLY A . n 
A 1 151 VAL 151 150 150 VAL VAL A . n 
A 1 152 VAL 152 151 151 VAL VAL A . n 
A 1 153 THR 153 152 152 THR THR A . n 
A 1 154 SER 154 153 153 SER SER A . n 
A 1 155 VAL 155 154 154 VAL VAL A . n 
A 1 156 GLY 156 155 155 GLY GLY A . n 
A 1 157 LYS 157 156 156 LYS LYS A . n 
A 1 158 VAL 158 157 157 VAL VAL A . n 
A 1 159 ILE 159 158 158 ILE ILE A . n 
A 1 160 GLY 160 159 159 GLY GLY A . n 
A 1 161 ILE 161 160 160 ILE ILE A . n 
A 1 162 HIS 162 161 161 HIS HIS A . n 
A 1 163 ILE 163 162 162 ILE ILE A . n 
A 1 164 GLY 164 163 163 GLY GLY A . n 
A 1 165 GLY 165 164 164 GLY GLY A . n 
A 1 166 ASN 166 165 165 ASN ASN A . n 
A 1 167 GLY 167 166 166 GLY GLY A . n 
A 1 168 ARG 168 167 167 ARG ARG A . n 
A 1 169 GLN 169 168 168 GLN GLN A . n 
A 1 170 GLY 170 169 169 GLY GLY A . n 
A 1 171 PHE 171 170 170 PHE PHE A . n 
A 1 172 CYS 172 171 171 CYS CYS A . n 
A 1 173 ALA 173 172 172 ALA ALA A . n 
A 1 174 GLY 174 173 173 GLY GLY A . n 
A 1 175 LEU 175 174 174 LEU LEU A . n 
A 1 176 LYS 176 175 175 LYS LYS A . n 
A 1 177 ARG 177 176 176 ARG ARG A . n 
A 1 178 SER 178 177 177 SER SER A . n 
A 1 179 TYR 179 178 178 TYR TYR A . n 
A 1 180 PHE 180 179 179 PHE PHE A . n 
A 1 181 ALA 181 180 180 ALA ALA A . n 
A 1 182 SER 182 181 ?   ?   ?   A . n 
A 1 183 GLU 183 182 ?   ?   ?   A . n 
A 1 184 GLN 184 183 ?   ?   ?   A . n 
A 1 185 LEU 185 184 ?   ?   ?   A . n 
A 1 186 GLU 186 185 ?   ?   ?   A . n 
A 1 187 HIS 187 186 ?   ?   ?   A . n 
A 1 188 HIS 188 187 ?   ?   ?   A . n 
A 1 189 HIS 189 188 ?   ?   ?   A . n 
A 1 190 HIS 190 189 ?   ?   ?   A . n 
A 1 191 HIS 191 190 ?   ?   ?   A . n 
A 1 192 HIS 192 191 ?   ?   ?   A . n 
# 
loop_
_pdbx_nonpoly_scheme.asym_id 
_pdbx_nonpoly_scheme.entity_id 
_pdbx_nonpoly_scheme.mon_id 
_pdbx_nonpoly_scheme.ndb_seq_num 
_pdbx_nonpoly_scheme.pdb_seq_num 
_pdbx_nonpoly_scheme.auth_seq_num 
_pdbx_nonpoly_scheme.pdb_mon_id 
_pdbx_nonpoly_scheme.auth_mon_id 
_pdbx_nonpoly_scheme.pdb_strand_id 
_pdbx_nonpoly_scheme.pdb_ins_code 
B 2 GHZ 1  201 201 GHZ GHZ A . 
C 3 HOH 1  301 310 HOH HOH A . 
C 3 HOH 2  302 305 HOH HOH A . 
C 3 HOH 3  303 309 HOH HOH A . 
C 3 HOH 4  304 306 HOH HOH A . 
C 3 HOH 5  305 307 HOH HOH A . 
C 3 HOH 6  306 311 HOH HOH A . 
C 3 HOH 7  307 304 HOH HOH A . 
C 3 HOH 8  308 308 HOH HOH A . 
C 3 HOH 9  309 301 HOH HOH A . 
C 3 HOH 10 310 303 HOH HOH A . 
C 3 HOH 11 311 312 HOH HOH A . 
C 3 HOH 12 312 313 HOH HOH A . 
C 3 HOH 13 313 302 HOH HOH A . 
# 
loop_
_software.citation_id 
_software.classification 
_software.compiler_name 
_software.compiler_version 
_software.contact_author 
_software.contact_author_email 
_software.date 
_software.description 
_software.dependencies 
_software.hardware 
_software.language 
_software.location 
_software.mods 
_software.name 
_software.os 
_software.os_version 
_software.type 
_software.version 
_software.pdbx_ordinal 
? 'data reduction' ? ? ? ? ? ? ? ? ? ? ? AUTOMAR ? ? ? .        1 
? 'data scaling'   ? ? ? ? ? ? ? ? ? ? ? AUTOMAR ? ? ? .        2 
? phasing          ? ? ? ? ? ? ? ? ? ? ? PHASER  ? ? ? .        3 
? refinement       ? ? ? ? ? ? ? ? ? ? ? REFMAC  ? ? ? 5.7.0029 4 
# 
_cell.angle_alpha                  90.00 
_cell.angle_alpha_esd              ? 
_cell.angle_beta                   90.00 
_cell.angle_beta_esd               ? 
_cell.angle_gamma                  90.00 
_cell.angle_gamma_esd              ? 
_cell.entry_id                     5C20 
_cell.details                      ? 
_cell.formula_units_Z              ? 
_cell.length_a                     64.119 
_cell.length_a_esd                 ? 
_cell.length_b                     64.564 
_cell.length_b_esd                 ? 
_cell.length_c                     75.334 
_cell.length_c_esd                 ? 
_cell.volume                       ? 
_cell.volume_esd                   ? 
_cell.Z_PDB                        8 
_cell.reciprocal_angle_alpha       ? 
_cell.reciprocal_angle_beta        ? 
_cell.reciprocal_angle_gamma       ? 
_cell.reciprocal_angle_alpha_esd   ? 
_cell.reciprocal_angle_beta_esd    ? 
_cell.reciprocal_angle_gamma_esd   ? 
_cell.reciprocal_length_a          ? 
_cell.reciprocal_length_b          ? 
_cell.reciprocal_length_c          ? 
_cell.reciprocal_length_a_esd      ? 
_cell.reciprocal_length_b_esd      ? 
_cell.reciprocal_length_c_esd      ? 
_cell.pdbx_unique_axis             ? 
# 
_symmetry.entry_id                         5C20 
_symmetry.cell_setting                     ? 
_symmetry.Int_Tables_number                20 
_symmetry.space_group_name_Hall            ? 
_symmetry.space_group_name_H-M             'C 2 2 21' 
_symmetry.pdbx_full_space_group_name_H-M   ? 
# 
_exptl.absorpt_coefficient_mu     ? 
_exptl.absorpt_correction_T_max   ? 
_exptl.absorpt_correction_T_min   ? 
_exptl.absorpt_correction_type    ? 
_exptl.absorpt_process_details    ? 
_exptl.entry_id                   5C20 
_exptl.crystals_number            1 
_exptl.details                    ? 
_exptl.method                     'X-RAY DIFFRACTION' 
_exptl.method_details             ? 
# 
_exptl_crystal.colour                      ? 
_exptl_crystal.density_diffrn              ? 
_exptl_crystal.density_Matthews            1.82 
_exptl_crystal.density_method              ? 
_exptl_crystal.density_percent_sol         32.51 
_exptl_crystal.description                 ? 
_exptl_crystal.F_000                       ? 
_exptl_crystal.id                          1 
_exptl_crystal.preparation                 ? 
_exptl_crystal.size_max                    ? 
_exptl_crystal.size_mid                    ? 
_exptl_crystal.size_min                    ? 
_exptl_crystal.size_rad                    ? 
_exptl_crystal.colour_lustre               ? 
_exptl_crystal.colour_modifier             ? 
_exptl_crystal.colour_primary              ? 
_exptl_crystal.density_meas                ? 
_exptl_crystal.density_meas_esd            ? 
_exptl_crystal.density_meas_gt             ? 
_exptl_crystal.density_meas_lt             ? 
_exptl_crystal.density_meas_temp           ? 
_exptl_crystal.density_meas_temp_esd       ? 
_exptl_crystal.density_meas_temp_gt        ? 
_exptl_crystal.density_meas_temp_lt        ? 
_exptl_crystal.pdbx_crystal_image_url      ? 
_exptl_crystal.pdbx_crystal_image_format   ? 
_exptl_crystal.pdbx_mosaicity              ? 
_exptl_crystal.pdbx_mosaicity_esd          ? 
# 
_exptl_crystal_grow.apparatus       ? 
_exptl_crystal_grow.atmosphere      ? 
_exptl_crystal_grow.crystal_id      1 
_exptl_crystal_grow.details         ? 
_exptl_crystal_grow.method          'VAPOR DIFFUSION, HANGING DROP' 
_exptl_crystal_grow.method_ref      ? 
_exptl_crystal_grow.pH              8.5 
_exptl_crystal_grow.pressure        ? 
_exptl_crystal_grow.pressure_esd    ? 
_exptl_crystal_grow.seeding         ? 
_exptl_crystal_grow.seeding_ref     ? 
_exptl_crystal_grow.temp            289 
_exptl_crystal_grow.temp_details    ? 
_exptl_crystal_grow.temp_esd        ? 
_exptl_crystal_grow.time            ? 
_exptl_crystal_grow.pdbx_details    '100MM TRIS, 25% PEG4000, 0.8M LITHIUM CHLORIDE' 
_exptl_crystal_grow.pdbx_pH_range   ? 
# 
_diffrn.ambient_environment    ? 
_diffrn.ambient_temp           100 
_diffrn.ambient_temp_details   ? 
_diffrn.ambient_temp_esd       ? 
_diffrn.crystal_id             1 
_diffrn.crystal_support        ? 
_diffrn.crystal_treatment      ? 
_diffrn.details                ? 
_diffrn.id                     1 
_diffrn.ambient_pressure       ? 
_diffrn.ambient_pressure_esd   ? 
_diffrn.ambient_pressure_gt    ? 
_diffrn.ambient_pressure_lt    ? 
_diffrn.ambient_temp_gt        ? 
_diffrn.ambient_temp_lt        ? 
# 
_diffrn_detector.details                      ? 
_diffrn_detector.detector                     CCD 
_diffrn_detector.diffrn_id                    1 
_diffrn_detector.type                         'ADSC QUANTUM 315r' 
_diffrn_detector.area_resol_mean              ? 
_diffrn_detector.dtime                        ? 
_diffrn_detector.pdbx_frames_total            ? 
_diffrn_detector.pdbx_collection_time_total   ? 
_diffrn_detector.pdbx_collection_date         2011-11-01 
# 
_diffrn_radiation.collimation                      ? 
_diffrn_radiation.diffrn_id                        1 
_diffrn_radiation.filter_edge                      ? 
_diffrn_radiation.inhomogeneity                    ? 
_diffrn_radiation.monochromator                    ? 
_diffrn_radiation.polarisn_norm                    ? 
_diffrn_radiation.polarisn_ratio                   ? 
_diffrn_radiation.probe                            ? 
_diffrn_radiation.type                             ? 
_diffrn_radiation.xray_symbol                      ? 
_diffrn_radiation.wavelength_id                    1 
_diffrn_radiation.pdbx_monochromatic_or_laue_m_l   M 
_diffrn_radiation.pdbx_wavelength_list             ? 
_diffrn_radiation.pdbx_wavelength                  ? 
_diffrn_radiation.pdbx_diffrn_protocol             'SINGLE WAVELENGTH' 
_diffrn_radiation.pdbx_analyzer                    ? 
_diffrn_radiation.pdbx_scattering_type             x-ray 
# 
_diffrn_radiation_wavelength.id           1 
_diffrn_radiation_wavelength.wavelength   1.5418 
_diffrn_radiation_wavelength.wt           1.0 
# 
_diffrn_source.current                     ? 
_diffrn_source.details                     ? 
_diffrn_source.diffrn_id                   1 
_diffrn_source.power                       ? 
_diffrn_source.size                        ? 
_diffrn_source.source                      'ROTATING ANODE' 
_diffrn_source.target                      ? 
_diffrn_source.type                        'RIGAKU MICROMAX-007 HF' 
_diffrn_source.voltage                     ? 
_diffrn_source.take-off_angle              ? 
_diffrn_source.pdbx_wavelength_list        1.5418 
_diffrn_source.pdbx_wavelength             ? 
_diffrn_source.pdbx_synchrotron_beamline   ? 
_diffrn_source.pdbx_synchrotron_site       ? 
# 
_reflns.B_iso_Wilson_estimate            ? 
_reflns.entry_id                         5C20 
_reflns.data_reduction_details           ? 
_reflns.data_reduction_method            ? 
_reflns.d_resolution_high                2.750 
_reflns.d_resolution_low                 50.000 
_reflns.details                          ? 
_reflns.limit_h_max                      ? 
_reflns.limit_h_min                      ? 
_reflns.limit_k_max                      ? 
_reflns.limit_k_min                      ? 
_reflns.limit_l_max                      ? 
_reflns.limit_l_min                      ? 
_reflns.number_all                       ? 
_reflns.number_obs                       3961 
_reflns.observed_criterion               ? 
_reflns.observed_criterion_F_max         ? 
_reflns.observed_criterion_F_min         ? 
_reflns.observed_criterion_I_max         ? 
_reflns.observed_criterion_I_min         ? 
_reflns.observed_criterion_sigma_F       ? 
_reflns.observed_criterion_sigma_I       0.000 
_reflns.percent_possible_obs             92.3 
_reflns.R_free_details                   ? 
_reflns.Rmerge_F_all                     ? 
_reflns.Rmerge_F_obs                     ? 
_reflns.Friedel_coverage                 ? 
_reflns.number_gt                        ? 
_reflns.threshold_expression             ? 
_reflns.pdbx_redundancy                  3.480 
_reflns.pdbx_Rmerge_I_obs                0.13250 
_reflns.pdbx_Rmerge_I_all                ? 
_reflns.pdbx_Rsym_value                  ? 
_reflns.pdbx_netI_over_av_sigmaI         ? 
_reflns.pdbx_netI_over_sigmaI            4.6000 
_reflns.pdbx_res_netI_over_av_sigmaI_2   ? 
_reflns.pdbx_res_netI_over_sigmaI_2      ? 
_reflns.pdbx_chi_squared                 ? 
_reflns.pdbx_scaling_rejects             ? 
_reflns.pdbx_d_res_high_opt              ? 
_reflns.pdbx_d_res_low_opt               ? 
_reflns.pdbx_d_res_opt_method            ? 
_reflns.phase_calculation_details        ? 
_reflns.pdbx_Rrim_I_all                  ? 
_reflns.pdbx_Rpim_I_all                  ? 
_reflns.pdbx_d_opt                       ? 
_reflns.pdbx_number_measured_all         ? 
_reflns.pdbx_diffrn_id                   1 
_reflns.pdbx_ordinal                     1 
_reflns.pdbx_CC_half                     ? 
_reflns.pdbx_R_split                     ? 
# 
_reflns_shell.d_res_high                  2.75 
_reflns_shell.d_res_low                   2.85 
_reflns_shell.meanI_over_sigI_all         ? 
_reflns_shell.meanI_over_sigI_obs         1.100 
_reflns_shell.number_measured_all         ? 
_reflns_shell.number_measured_obs         ? 
_reflns_shell.number_possible             ? 
_reflns_shell.number_unique_all           ? 
_reflns_shell.number_unique_obs           ? 
_reflns_shell.percent_possible_all        96.2 
_reflns_shell.percent_possible_obs        ? 
_reflns_shell.Rmerge_F_all                ? 
_reflns_shell.Rmerge_F_obs                ? 
_reflns_shell.Rmerge_I_all                ? 
_reflns_shell.Rmerge_I_obs                0.39770 
_reflns_shell.meanI_over_sigI_gt          ? 
_reflns_shell.meanI_over_uI_all           ? 
_reflns_shell.meanI_over_uI_gt            ? 
_reflns_shell.number_measured_gt          ? 
_reflns_shell.number_unique_gt            ? 
_reflns_shell.percent_possible_gt         ? 
_reflns_shell.Rmerge_F_gt                 ? 
_reflns_shell.Rmerge_I_gt                 ? 
_reflns_shell.pdbx_redundancy             3.45 
_reflns_shell.pdbx_Rsym_value             ? 
_reflns_shell.pdbx_chi_squared            ? 
_reflns_shell.pdbx_netI_over_sigmaI_all   ? 
_reflns_shell.pdbx_netI_over_sigmaI_obs   ? 
_reflns_shell.pdbx_Rrim_I_all             ? 
_reflns_shell.pdbx_Rpim_I_all             ? 
_reflns_shell.pdbx_rejects                ? 
_reflns_shell.pdbx_ordinal                1 
_reflns_shell.pdbx_diffrn_id              1 
_reflns_shell.pdbx_CC_half                ? 
_reflns_shell.pdbx_R_split                ? 
# 
_refine.aniso_B[1][1]                            0.33000 
_refine.aniso_B[1][2]                            0.00000 
_refine.aniso_B[1][3]                            -0.00000 
_refine.aniso_B[2][2]                            -0.40000 
_refine.aniso_B[2][3]                            -0.00000 
_refine.aniso_B[3][3]                            0.08000 
_refine.B_iso_max                                ? 
_refine.B_iso_mean                               35.16 
_refine.B_iso_min                                ? 
_refine.correlation_coeff_Fo_to_Fc               0.926 
_refine.correlation_coeff_Fo_to_Fc_free          0.852 
_refine.details                                  'HYDROGENS HAVE BEEN ADDED IN THE RIDING' 
_refine.diff_density_max                         ? 
_refine.diff_density_max_esd                     ? 
_refine.diff_density_min                         ? 
_refine.diff_density_min_esd                     ? 
_refine.diff_density_rms                         ? 
_refine.diff_density_rms_esd                     ? 
_refine.entry_id                                 5C20 
_refine.pdbx_refine_id                           'X-RAY DIFFRACTION' 
_refine.ls_abs_structure_details                 ? 
_refine.ls_abs_structure_Flack                   ? 
_refine.ls_abs_structure_Flack_esd               ? 
_refine.ls_abs_structure_Rogers                  ? 
_refine.ls_abs_structure_Rogers_esd              ? 
_refine.ls_d_res_high                            2.75 
_refine.ls_d_res_low                             20.29 
_refine.ls_extinction_coef                       ? 
_refine.ls_extinction_coef_esd                   ? 
_refine.ls_extinction_expression                 ? 
_refine.ls_extinction_method                     ? 
_refine.ls_goodness_of_fit_all                   ? 
_refine.ls_goodness_of_fit_all_esd               ? 
_refine.ls_goodness_of_fit_obs                   ? 
_refine.ls_goodness_of_fit_obs_esd               ? 
_refine.ls_hydrogen_treatment                    ? 
_refine.ls_matrix_type                           ? 
_refine.ls_number_constraints                    ? 
_refine.ls_number_parameters                     ? 
_refine.ls_number_reflns_all                     ? 
_refine.ls_number_reflns_obs                     3934 
_refine.ls_number_reflns_R_free                  182 
_refine.ls_number_reflns_R_work                  ? 
_refine.ls_number_restraints                     ? 
_refine.ls_percent_reflns_obs                    92.0 
_refine.ls_percent_reflns_R_free                 4.600 
_refine.ls_R_factor_all                          ? 
_refine.ls_R_factor_obs                          0.215 
_refine.ls_R_factor_R_free                       0.282 
_refine.ls_R_factor_R_free_error                 ? 
_refine.ls_R_factor_R_free_error_details         ? 
_refine.ls_R_factor_R_work                       0.211 
_refine.ls_R_Fsqd_factor_obs                     ? 
_refine.ls_R_I_factor_obs                        ? 
_refine.ls_redundancy_reflns_all                 ? 
_refine.ls_redundancy_reflns_obs                 ? 
_refine.ls_restrained_S_all                      ? 
_refine.ls_restrained_S_obs                      ? 
_refine.ls_shift_over_esd_max                    ? 
_refine.ls_shift_over_esd_mean                   ? 
_refine.ls_structure_factor_coef                 ? 
_refine.ls_weighting_details                     ? 
_refine.ls_weighting_scheme                      ? 
_refine.ls_wR_factor_all                         ? 
_refine.ls_wR_factor_obs                         ? 
_refine.ls_wR_factor_R_free                      ? 
_refine.ls_wR_factor_R_work                      ? 
_refine.occupancy_max                            ? 
_refine.occupancy_min                            ? 
_refine.solvent_model_details                    MASK 
_refine.solvent_model_param_bsol                 ? 
_refine.solvent_model_param_ksol                 ? 
_refine.ls_R_factor_gt                           ? 
_refine.ls_goodness_of_fit_gt                    ? 
_refine.ls_goodness_of_fit_ref                   ? 
_refine.ls_shift_over_su_max                     ? 
_refine.ls_shift_over_su_max_lt                  ? 
_refine.ls_shift_over_su_mean                    ? 
_refine.ls_shift_over_su_mean_lt                 ? 
_refine.pdbx_ls_sigma_I                          ? 
_refine.pdbx_ls_sigma_F                          0.000 
_refine.pdbx_ls_sigma_Fsqd                       ? 
_refine.pdbx_data_cutoff_high_absF               ? 
_refine.pdbx_data_cutoff_high_rms_absF           ? 
_refine.pdbx_data_cutoff_low_absF                ? 
_refine.pdbx_isotropic_thermal_model             ? 
_refine.pdbx_ls_cross_valid_method               THROUGHOUT 
_refine.pdbx_method_to_determine_struct          'MOLECULAR REPLACEMENT' 
_refine.pdbx_starting_model                      'PDB ENTRY 4GHQ' 
_refine.pdbx_stereochemistry_target_values       'MAXIMUM LIKELIHOOD' 
_refine.pdbx_R_Free_selection_details            RANDOM 
_refine.pdbx_stereochem_target_val_spec_case     ? 
_refine.pdbx_overall_ESU_R                       ? 
_refine.pdbx_overall_ESU_R_Free                  0.503 
_refine.pdbx_solvent_vdw_probe_radii             1.20 
_refine.pdbx_solvent_ion_probe_radii             0.80 
_refine.pdbx_solvent_shrinkage_radii             0.80 
_refine.pdbx_real_space_R                        ? 
_refine.pdbx_density_correlation                 ? 
_refine.pdbx_pd_number_of_powder_patterns        ? 
_refine.pdbx_pd_number_of_points                 ? 
_refine.pdbx_pd_meas_number_of_points            ? 
_refine.pdbx_pd_proc_ls_prof_R_factor            ? 
_refine.pdbx_pd_proc_ls_prof_wR_factor           ? 
_refine.pdbx_pd_Marquardt_correlation_coeff      ? 
_refine.pdbx_pd_Fsqrd_R_factor                   ? 
_refine.pdbx_pd_ls_matrix_band_width             ? 
_refine.pdbx_overall_phase_error                 ? 
_refine.pdbx_overall_SU_R_free_Cruickshank_DPI   ? 
_refine.pdbx_overall_SU_R_free_Blow_DPI          ? 
_refine.pdbx_overall_SU_R_Blow_DPI               ? 
_refine.pdbx_TLS_residual_ADP_flag               ? 
_refine.pdbx_diffrn_id                           1 
_refine.overall_SU_B                             19.541 
_refine.overall_SU_ML                            0.380 
_refine.overall_SU_R_Cruickshank_DPI             ? 
_refine.overall_SU_R_free                        ? 
_refine.overall_FOM_free_R_set                   ? 
_refine.overall_FOM_work_R_set                   ? 
_refine.pdbx_average_fsc_overall                 ? 
_refine.pdbx_average_fsc_work                    ? 
_refine.pdbx_average_fsc_free                    ? 
# 
_refine_hist.pdbx_refine_id                   'X-RAY DIFFRACTION' 
_refine_hist.cycle_id                         LAST 
_refine_hist.pdbx_number_atoms_protein        1401 
_refine_hist.pdbx_number_atoms_nucleic_acid   0 
_refine_hist.pdbx_number_atoms_ligand         29 
_refine_hist.number_atoms_solvent             13 
_refine_hist.number_atoms_total               1443 
_refine_hist.d_res_high                       2.75 
_refine_hist.d_res_low                        20.29 
# 
loop_
_refine_ls_restr.pdbx_refine_id 
_refine_ls_restr.criterion 
_refine_ls_restr.dev_ideal 
_refine_ls_restr.dev_ideal_target 
_refine_ls_restr.number 
_refine_ls_restr.rejects 
_refine_ls_restr.type 
_refine_ls_restr.weight 
_refine_ls_restr.pdbx_restraint_function 
'X-RAY DIFFRACTION' ? 0.011  0.019  1459 ? r_bond_refined_d             ? ? 
'X-RAY DIFFRACTION' ? 0.002  0.020  1425 ? r_bond_other_d               ? ? 
'X-RAY DIFFRACTION' ? 1.487  1.979  1975 ? r_angle_refined_deg          ? ? 
'X-RAY DIFFRACTION' ? 0.904  3.000  3269 ? r_angle_other_deg            ? ? 
'X-RAY DIFFRACTION' ? 6.066  5.000  180  ? r_dihedral_angle_1_deg       ? ? 
'X-RAY DIFFRACTION' ? 38.274 23.710 62   ? r_dihedral_angle_2_deg       ? ? 
'X-RAY DIFFRACTION' ? 22.881 15.000 247  ? r_dihedral_angle_3_deg       ? ? 
'X-RAY DIFFRACTION' ? 21.937 15.000 10   ? r_dihedral_angle_4_deg       ? ? 
'X-RAY DIFFRACTION' ? 0.085  0.200  228  ? r_chiral_restr               ? ? 
'X-RAY DIFFRACTION' ? 0.005  0.021  1638 ? r_gen_planes_refined         ? ? 
'X-RAY DIFFRACTION' ? 0.002  0.020  338  ? r_gen_planes_other           ? ? 
'X-RAY DIFFRACTION' ? ?      ?      ?    ? r_nbd_refined                ? ? 
'X-RAY DIFFRACTION' ? ?      ?      ?    ? r_nbd_other                  ? ? 
'X-RAY DIFFRACTION' ? ?      ?      ?    ? r_nbtor_refined              ? ? 
'X-RAY DIFFRACTION' ? ?      ?      ?    ? r_nbtor_other                ? ? 
'X-RAY DIFFRACTION' ? ?      ?      ?    ? r_xyhbond_nbd_refined        ? ? 
'X-RAY DIFFRACTION' ? ?      ?      ?    ? r_xyhbond_nbd_other          ? ? 
'X-RAY DIFFRACTION' ? ?      ?      ?    ? r_metal_ion_refined          ? ? 
'X-RAY DIFFRACTION' ? ?      ?      ?    ? r_metal_ion_other            ? ? 
'X-RAY DIFFRACTION' ? ?      ?      ?    ? r_symmetry_vdw_refined       ? ? 
'X-RAY DIFFRACTION' ? ?      ?      ?    ? r_symmetry_vdw_other         ? ? 
'X-RAY DIFFRACTION' ? ?      ?      ?    ? r_symmetry_hbond_refined     ? ? 
'X-RAY DIFFRACTION' ? ?      ?      ?    ? r_symmetry_hbond_other       ? ? 
'X-RAY DIFFRACTION' ? ?      ?      ?    ? r_symmetry_metal_ion_refined ? ? 
'X-RAY DIFFRACTION' ? ?      ?      ?    ? r_symmetry_metal_ion_other   ? ? 
'X-RAY DIFFRACTION' ? ?      ?      ?    ? r_mcbond_it                  ? ? 
'X-RAY DIFFRACTION' ? ?      ?      ?    ? r_mcbond_other               ? ? 
'X-RAY DIFFRACTION' ? ?      ?      ?    ? r_mcangle_it                 ? ? 
'X-RAY DIFFRACTION' ? ?      ?      ?    ? r_mcangle_other              ? ? 
'X-RAY DIFFRACTION' ? ?      ?      ?    ? r_scbond_it                  ? ? 
'X-RAY DIFFRACTION' ? ?      ?      ?    ? r_scbond_other               ? ? 
'X-RAY DIFFRACTION' ? ?      ?      ?    ? r_scangle_it                 ? ? 
'X-RAY DIFFRACTION' ? ?      ?      ?    ? r_scangle_other              ? ? 
'X-RAY DIFFRACTION' ? ?      ?      ?    ? r_long_range_B_refined       ? ? 
'X-RAY DIFFRACTION' ? ?      ?      ?    ? r_long_range_B_other         ? ? 
'X-RAY DIFFRACTION' ? ?      ?      ?    ? r_rigid_bond_restr           ? ? 
'X-RAY DIFFRACTION' ? ?      ?      ?    ? r_sphericity_free            ? ? 
'X-RAY DIFFRACTION' ? ?      ?      ?    ? r_sphericity_bonded          ? ? 
# 
_refine_ls_shell.pdbx_refine_id                   'X-RAY DIFFRACTION' 
_refine_ls_shell.d_res_high                       2.75 
_refine_ls_shell.d_res_low                        2.82 
_refine_ls_shell.number_reflns_all                ? 
_refine_ls_shell.number_reflns_obs                ? 
_refine_ls_shell.number_reflns_R_free             14 
_refine_ls_shell.number_reflns_R_work             282 
_refine_ls_shell.percent_reflns_obs               96.10 
_refine_ls_shell.percent_reflns_R_free            ? 
_refine_ls_shell.R_factor_all                     ? 
_refine_ls_shell.R_factor_obs                     ? 
_refine_ls_shell.R_factor_R_free                  0.3230 
_refine_ls_shell.R_factor_R_free_error            ? 
_refine_ls_shell.R_factor_R_work                  0.3190 
_refine_ls_shell.redundancy_reflns_all            ? 
_refine_ls_shell.redundancy_reflns_obs            ? 
_refine_ls_shell.wR_factor_all                    ? 
_refine_ls_shell.wR_factor_obs                    ? 
_refine_ls_shell.wR_factor_R_free                 ? 
_refine_ls_shell.wR_factor_R_work                 ? 
_refine_ls_shell.pdbx_total_number_of_bins_used   20 
_refine_ls_shell.pdbx_phase_error                 ? 
_refine_ls_shell.pdbx_fsc_work                    ? 
_refine_ls_shell.pdbx_fsc_free                    ? 
# 
_struct.entry_id                     5C20 
_struct.title                        'Crystal structure of EV71 3C Proteinase in complex with Compound 2' 
_struct.pdbx_model_details           ? 
_struct.pdbx_formula_weight          ? 
_struct.pdbx_formula_weight_method   ? 
_struct.pdbx_model_type_details      ? 
_struct.pdbx_CASP_flag               ? 
# 
_struct_keywords.entry_id        5C20 
_struct_keywords.text            'HYDROLASE, CYSTEINE PROTEINASE, INHIBITOR, HYDROLASE-HYDROLASE INHIBITOR COMPLEX' 
_struct_keywords.pdbx_keywords   'HYDROLASE/HYDROLASE INHIBITOR' 
# 
loop_
_struct_asym.id 
_struct_asym.pdbx_blank_PDB_chainid_flag 
_struct_asym.pdbx_modified 
_struct_asym.entity_id 
_struct_asym.details 
A N N 1 ? 
B N N 2 ? 
C N N 3 ? 
# 
_struct_ref.id                         1 
_struct_ref.db_name                    UNP 
_struct_ref.db_code                    A9XG43_9ENTO 
_struct_ref.pdbx_db_accession          A9XG43 
_struct_ref.pdbx_db_isoform            ? 
_struct_ref.entity_id                  1 
_struct_ref.pdbx_seq_one_letter_code   
;GPSLDFALSLLRRNVRQVQTDQGHFTMLGVRDRLAVLPRHSQPGKTIWIEHKLVNILDAVELVDEQGVNLELTLITLDTN
EKFRDITKFIPENISTASDATLVINTEHMPSMFVPVGDVVQYGFLNLSGKPTHRTMMYNFPTKAGQCGGVVTSVGKVIGI
HIGGNGRQGFCAGLKRSYFASEQ
;
_struct_ref.pdbx_align_begin           1549 
# 
_struct_ref_seq.align_id                      1 
_struct_ref_seq.ref_id                        1 
_struct_ref_seq.pdbx_PDB_id_code              5C20 
_struct_ref_seq.pdbx_strand_id                A 
_struct_ref_seq.seq_align_beg                 2 
_struct_ref_seq.pdbx_seq_align_beg_ins_code   ? 
_struct_ref_seq.seq_align_end                 184 
_struct_ref_seq.pdbx_seq_align_end_ins_code   ? 
_struct_ref_seq.pdbx_db_accession             A9XG43 
_struct_ref_seq.db_align_beg                  1549 
_struct_ref_seq.pdbx_db_align_beg_ins_code    ? 
_struct_ref_seq.db_align_end                  1731 
_struct_ref_seq.pdbx_db_align_end_ins_code    ? 
_struct_ref_seq.pdbx_auth_seq_align_beg       1 
_struct_ref_seq.pdbx_auth_seq_align_end       183 
# 
loop_
_struct_ref_seq_dif.align_id 
_struct_ref_seq_dif.pdbx_pdb_id_code 
_struct_ref_seq_dif.mon_id 
_struct_ref_seq_dif.pdbx_pdb_strand_id 
_struct_ref_seq_dif.seq_num 
_struct_ref_seq_dif.pdbx_pdb_ins_code 
_struct_ref_seq_dif.pdbx_seq_db_name 
_struct_ref_seq_dif.pdbx_seq_db_accession_code 
_struct_ref_seq_dif.db_mon_id 
_struct_ref_seq_dif.pdbx_seq_db_seq_num 
_struct_ref_seq_dif.details 
_struct_ref_seq_dif.pdbx_auth_seq_num 
_struct_ref_seq_dif.pdbx_ordinal 
1 5C20 MET A 1   ? UNP A9XG43 ? ? 'expression tag' 0   1 
1 5C20 LEU A 185 ? UNP A9XG43 ? ? 'expression tag' 184 2 
1 5C20 GLU A 186 ? UNP A9XG43 ? ? 'expression tag' 185 3 
1 5C20 HIS A 187 ? UNP A9XG43 ? ? 'expression tag' 186 4 
1 5C20 HIS A 188 ? UNP A9XG43 ? ? 'expression tag' 187 5 
1 5C20 HIS A 189 ? UNP A9XG43 ? ? 'expression tag' 188 6 
1 5C20 HIS A 190 ? UNP A9XG43 ? ? 'expression tag' 189 7 
1 5C20 HIS A 191 ? UNP A9XG43 ? ? 'expression tag' 190 8 
1 5C20 HIS A 192 ? UNP A9XG43 ? ? 'expression tag' 191 9 
# 
_pdbx_struct_assembly.id                   1 
_pdbx_struct_assembly.details              author_defined_assembly 
_pdbx_struct_assembly.method_details       ? 
_pdbx_struct_assembly.oligomeric_details   monomeric 
_pdbx_struct_assembly.oligomeric_count     1 
# 
loop_
_pdbx_struct_assembly_prop.biol_id 
_pdbx_struct_assembly_prop.type 
_pdbx_struct_assembly_prop.value 
_pdbx_struct_assembly_prop.details 
1 'ABSA (A^2)' 0    ? 
1 MORE         0    ? 
1 'SSA (A^2)'  8380 ? 
# 
_pdbx_struct_assembly_gen.assembly_id       1 
_pdbx_struct_assembly_gen.oper_expression   1 
_pdbx_struct_assembly_gen.asym_id_list      A,B,C 
# 
_pdbx_struct_oper_list.id                   1 
_pdbx_struct_oper_list.type                 'identity operation' 
_pdbx_struct_oper_list.name                 1_555 
_pdbx_struct_oper_list.symmetry_operation   x,y,z 
_pdbx_struct_oper_list.matrix[1][1]         1.0000000000 
_pdbx_struct_oper_list.matrix[1][2]         0.0000000000 
_pdbx_struct_oper_list.matrix[1][3]         0.0000000000 
_pdbx_struct_oper_list.vector[1]            0.0000000000 
_pdbx_struct_oper_list.matrix[2][1]         0.0000000000 
_pdbx_struct_oper_list.matrix[2][2]         1.0000000000 
_pdbx_struct_oper_list.matrix[2][3]         0.0000000000 
_pdbx_struct_oper_list.vector[2]            0.0000000000 
_pdbx_struct_oper_list.matrix[3][1]         0.0000000000 
_pdbx_struct_oper_list.matrix[3][2]         0.0000000000 
_pdbx_struct_oper_list.matrix[3][3]         1.0000000000 
_pdbx_struct_oper_list.vector[3]            0.0000000000 
# 
loop_
_struct_conf.conf_type_id 
_struct_conf.id 
_struct_conf.pdbx_PDB_helix_id 
_struct_conf.beg_label_comp_id 
_struct_conf.beg_label_asym_id 
_struct_conf.beg_label_seq_id 
_struct_conf.pdbx_beg_PDB_ins_code 
_struct_conf.end_label_comp_id 
_struct_conf.end_label_asym_id 
_struct_conf.end_label_seq_id 
_struct_conf.pdbx_end_PDB_ins_code 
_struct_conf.beg_auth_comp_id 
_struct_conf.beg_auth_asym_id 
_struct_conf.beg_auth_seq_id 
_struct_conf.end_auth_comp_id 
_struct_conf.end_auth_asym_id 
_struct_conf.end_auth_seq_id 
_struct_conf.pdbx_PDB_helix_class 
_struct_conf.details 
_struct_conf.pdbx_PDB_helix_length 
HELX_P HELX_P1 AA1 GLY A 2   ? ASN A 15  ? GLY A 1   ASN A 14  1 ? 14 
HELX_P HELX_P2 AA2 HIS A 41  ? GLN A 43  ? HIS A 40  GLN A 42  5 ? 3  
HELX_P HELX_P3 AA3 ILE A 87  ? ILE A 91  ? ILE A 86  ILE A 90  5 ? 5  
HELX_P HELX_P4 AA4 LYS A 176 ? ALA A 181 ? LYS A 175 ALA A 180 5 ? 6  
# 
_struct_conf_type.id          HELX_P 
_struct_conf_type.criteria    ? 
_struct_conf_type.reference   ? 
# 
_struct_conn.id                            covale1 
_struct_conn.conn_type_id                  covale 
_struct_conn.pdbx_leaving_atom_flag        none 
_struct_conn.pdbx_PDB_id                   ? 
_struct_conn.ptnr1_label_asym_id           A 
_struct_conn.ptnr1_label_comp_id           CYS 
_struct_conn.ptnr1_label_seq_id            148 
_struct_conn.ptnr1_label_atom_id           SG 
_struct_conn.pdbx_ptnr1_label_alt_id       ? 
_struct_conn.pdbx_ptnr1_PDB_ins_code       ? 
_struct_conn.pdbx_ptnr1_standard_comp_id   ? 
_struct_conn.ptnr1_symmetry                1_555 
_struct_conn.ptnr2_label_asym_id           B 
_struct_conn.ptnr2_label_comp_id           GHZ 
_struct_conn.ptnr2_label_seq_id            . 
_struct_conn.ptnr2_label_atom_id           C27 
_struct_conn.pdbx_ptnr2_label_alt_id       ? 
_struct_conn.pdbx_ptnr2_PDB_ins_code       ? 
_struct_conn.ptnr1_auth_asym_id            A 
_struct_conn.ptnr1_auth_comp_id            CYS 
_struct_conn.ptnr1_auth_seq_id             147 
_struct_conn.ptnr2_auth_asym_id            A 
_struct_conn.ptnr2_auth_comp_id            GHZ 
_struct_conn.ptnr2_auth_seq_id             201 
_struct_conn.ptnr2_symmetry                1_555 
_struct_conn.pdbx_ptnr3_label_atom_id      ? 
_struct_conn.pdbx_ptnr3_label_seq_id       ? 
_struct_conn.pdbx_ptnr3_label_comp_id      ? 
_struct_conn.pdbx_ptnr3_label_asym_id      ? 
_struct_conn.pdbx_ptnr3_label_alt_id       ? 
_struct_conn.pdbx_ptnr3_PDB_ins_code       ? 
_struct_conn.details                       ? 
_struct_conn.pdbx_dist_value               1.761 
_struct_conn.pdbx_value_order              ? 
_struct_conn.pdbx_role                     ? 
# 
_struct_conn_type.id          covale 
_struct_conn_type.criteria    ? 
_struct_conn_type.reference   ? 
# 
_pdbx_modification_feature.ordinal                            1 
_pdbx_modification_feature.label_comp_id                      GHZ 
_pdbx_modification_feature.label_asym_id                      B 
_pdbx_modification_feature.label_seq_id                       . 
_pdbx_modification_feature.label_alt_id                       ? 
_pdbx_modification_feature.modified_residue_label_comp_id     CYS 
_pdbx_modification_feature.modified_residue_label_asym_id     A 
_pdbx_modification_feature.modified_residue_label_seq_id      148 
_pdbx_modification_feature.modified_residue_label_alt_id      ? 
_pdbx_modification_feature.auth_comp_id                       GHZ 
_pdbx_modification_feature.auth_asym_id                       A 
_pdbx_modification_feature.auth_seq_id                        201 
_pdbx_modification_feature.PDB_ins_code                       ? 
_pdbx_modification_feature.symmetry                           1_555 
_pdbx_modification_feature.modified_residue_auth_comp_id      CYS 
_pdbx_modification_feature.modified_residue_auth_asym_id      A 
_pdbx_modification_feature.modified_residue_auth_seq_id       147 
_pdbx_modification_feature.modified_residue_PDB_ins_code      ? 
_pdbx_modification_feature.modified_residue_symmetry          1_555 
_pdbx_modification_feature.comp_id_linking_atom               C27 
_pdbx_modification_feature.modified_residue_id_linking_atom   SG 
_pdbx_modification_feature.modified_residue_id                CYS 
_pdbx_modification_feature.ref_pcm_id                         1 
_pdbx_modification_feature.ref_comp_id                        GHZ 
_pdbx_modification_feature.type                               None 
_pdbx_modification_feature.category                           'Covalent chemical modification' 
# 
loop_
_struct_sheet.id 
_struct_sheet.type 
_struct_sheet.number_strands 
_struct_sheet.details 
AA1 ? 7 ? 
AA2 ? 7 ? 
# 
loop_
_struct_sheet_order.sheet_id 
_struct_sheet_order.range_id_1 
_struct_sheet_order.range_id_2 
_struct_sheet_order.offset 
_struct_sheet_order.sense 
AA1 1 2 ? anti-parallel 
AA1 2 3 ? anti-parallel 
AA1 3 4 ? anti-parallel 
AA1 4 5 ? anti-parallel 
AA1 5 6 ? anti-parallel 
AA1 6 7 ? anti-parallel 
AA2 1 2 ? anti-parallel 
AA2 2 3 ? anti-parallel 
AA2 3 4 ? anti-parallel 
AA2 4 5 ? anti-parallel 
AA2 5 6 ? anti-parallel 
AA2 6 7 ? anti-parallel 
# 
loop_
_struct_sheet_range.sheet_id 
_struct_sheet_range.id 
_struct_sheet_range.beg_label_comp_id 
_struct_sheet_range.beg_label_asym_id 
_struct_sheet_range.beg_label_seq_id 
_struct_sheet_range.pdbx_beg_PDB_ins_code 
_struct_sheet_range.end_label_comp_id 
_struct_sheet_range.end_label_asym_id 
_struct_sheet_range.end_label_seq_id 
_struct_sheet_range.pdbx_end_PDB_ins_code 
_struct_sheet_range.beg_auth_comp_id 
_struct_sheet_range.beg_auth_asym_id 
_struct_sheet_range.beg_auth_seq_id 
_struct_sheet_range.end_auth_comp_id 
_struct_sheet_range.end_auth_asym_id 
_struct_sheet_range.end_auth_seq_id 
AA1 1 VAL A 16  ? THR A 21  ? VAL A 15  THR A 20  
AA1 2 GLY A 24  ? ARG A 32  ? GLY A 23  ARG A 31  
AA1 3 LEU A 35  ? PRO A 39  ? LEU A 34  PRO A 38  
AA1 4 ASN A 70  ? ASP A 79  ? ASN A 69  ASP A 78  
AA1 5 LYS A 53  ? VAL A 64  ? LYS A 52  VAL A 63  
AA1 6 THR A 47  ? ILE A 50  ? THR A 46  ILE A 49  
AA1 7 VAL A 16  ? THR A 21  ? VAL A 15  THR A 20  
AA2 1 ALA A 98  ? ILE A 105 ? ALA A 97  ILE A 104 
AA2 2 MET A 113 ? LEU A 128 ? MET A 112 LEU A 127 
AA2 3 LYS A 131 ? TYR A 139 ? LYS A 130 TYR A 138 
AA2 4 GLY A 170 ? GLY A 174 ? GLY A 169 GLY A 173 
AA2 5 LYS A 157 ? GLY A 165 ? LYS A 156 GLY A 164 
AA2 6 VAL A 151 ? SER A 154 ? VAL A 150 SER A 153 
AA2 7 ALA A 98  ? ILE A 105 ? ALA A 97  ILE A 104 
# 
loop_
_pdbx_struct_sheet_hbond.sheet_id 
_pdbx_struct_sheet_hbond.range_id_1 
_pdbx_struct_sheet_hbond.range_id_2 
_pdbx_struct_sheet_hbond.range_1_label_atom_id 
_pdbx_struct_sheet_hbond.range_1_label_comp_id 
_pdbx_struct_sheet_hbond.range_1_label_asym_id 
_pdbx_struct_sheet_hbond.range_1_label_seq_id 
_pdbx_struct_sheet_hbond.range_1_PDB_ins_code 
_pdbx_struct_sheet_hbond.range_1_auth_atom_id 
_pdbx_struct_sheet_hbond.range_1_auth_comp_id 
_pdbx_struct_sheet_hbond.range_1_auth_asym_id 
_pdbx_struct_sheet_hbond.range_1_auth_seq_id 
_pdbx_struct_sheet_hbond.range_2_label_atom_id 
_pdbx_struct_sheet_hbond.range_2_label_comp_id 
_pdbx_struct_sheet_hbond.range_2_label_asym_id 
_pdbx_struct_sheet_hbond.range_2_label_seq_id 
_pdbx_struct_sheet_hbond.range_2_PDB_ins_code 
_pdbx_struct_sheet_hbond.range_2_auth_atom_id 
_pdbx_struct_sheet_hbond.range_2_auth_comp_id 
_pdbx_struct_sheet_hbond.range_2_auth_asym_id 
_pdbx_struct_sheet_hbond.range_2_auth_seq_id 
AA1 1 2 N ARG A 17  ? N ARG A 16  O MET A 28  ? O MET A 27  
AA1 2 3 N VAL A 31  ? N VAL A 30  O LEU A 35  ? O LEU A 34  
AA1 3 4 N LEU A 38  ? N LEU A 37  O THR A 74  ? O THR A 73  
AA1 4 5 O THR A 77  ? O THR A 76  N LEU A 58  ? N LEU A 57  
AA1 5 6 O VAL A 55  ? O VAL A 54  N ILE A 48  ? N ILE A 47  
AA1 6 7 O TRP A 49  ? O TRP A 48  N GLN A 20  ? N GLN A 19  
AA2 1 2 N LEU A 103 ? N LEU A 102 O VAL A 115 ? O VAL A 114 
AA2 2 3 N VAL A 121 ? N VAL A 120 O MET A 138 ? O MET A 137 
AA2 3 4 N TYR A 139 ? N TYR A 138 O GLY A 170 ? O GLY A 169 
AA2 4 5 O ALA A 173 ? O ALA A 172 N ILE A 161 ? N ILE A 160 
AA2 5 6 O ILE A 159 ? O ILE A 158 N VAL A 152 ? N VAL A 151 
AA2 6 7 O VAL A 151 ? O VAL A 150 N VAL A 104 ? N VAL A 103 
# 
_struct_site.id                   AC1 
_struct_site.pdbx_evidence_code   Software 
_struct_site.pdbx_auth_asym_id    A 
_struct_site.pdbx_auth_comp_id    GHZ 
_struct_site.pdbx_auth_seq_id     201 
_struct_site.pdbx_auth_ins_code   ? 
_struct_site.pdbx_num_residues    14 
_struct_site.details              'binding site for residue GHZ A 201' 
# 
loop_
_struct_site_gen.id 
_struct_site_gen.site_id 
_struct_site_gen.pdbx_num_res 
_struct_site_gen.label_comp_id 
_struct_site_gen.label_asym_id 
_struct_site_gen.label_seq_id 
_struct_site_gen.pdbx_auth_ins_code 
_struct_site_gen.auth_comp_id 
_struct_site_gen.auth_asym_id 
_struct_site_gen.auth_seq_id 
_struct_site_gen.label_atom_id 
_struct_site_gen.label_alt_id 
_struct_site_gen.symmetry 
_struct_site_gen.details 
1  AC1 14 ARG A 40  ? ARG A 39  . ? 1_555 ? 
2  AC1 14 HIS A 41  ? HIS A 40  . ? 1_555 ? 
3  AC1 14 GLU A 72  ? GLU A 71  . ? 1_555 ? 
4  AC1 14 LEU A 128 ? LEU A 127 . ? 1_555 ? 
5  AC1 14 SER A 129 ? SER A 128 . ? 1_555 ? 
6  AC1 14 THR A 143 ? THR A 142 . ? 1_555 ? 
7  AC1 14 LYS A 144 ? LYS A 143 . ? 1_555 ? 
8  AC1 14 ALA A 145 ? ALA A 144 . ? 1_555 ? 
9  AC1 14 GLY A 146 ? GLY A 145 . ? 1_555 ? 
10 AC1 14 CYS A 148 ? CYS A 147 . ? 1_555 ? 
11 AC1 14 HIS A 162 ? HIS A 161 . ? 1_555 ? 
12 AC1 14 ILE A 163 ? ILE A 162 . ? 1_555 ? 
13 AC1 14 GLY A 164 ? GLY A 163 . ? 1_555 ? 
14 AC1 14 GLY A 165 ? GLY A 164 . ? 1_555 ? 
# 
_pdbx_entry_details.entry_id                   5C20 
_pdbx_entry_details.compound_details           ? 
_pdbx_entry_details.source_details             ? 
_pdbx_entry_details.nonpolymer_details         ? 
_pdbx_entry_details.sequence_details           ? 
_pdbx_entry_details.has_ligand_of_interest     ? 
_pdbx_entry_details.has_protein_modification   Y 
# 
loop_
_pdbx_validate_close_contact.id 
_pdbx_validate_close_contact.PDB_model_num 
_pdbx_validate_close_contact.auth_atom_id_1 
_pdbx_validate_close_contact.auth_asym_id_1 
_pdbx_validate_close_contact.auth_comp_id_1 
_pdbx_validate_close_contact.auth_seq_id_1 
_pdbx_validate_close_contact.PDB_ins_code_1 
_pdbx_validate_close_contact.label_alt_id_1 
_pdbx_validate_close_contact.auth_atom_id_2 
_pdbx_validate_close_contact.auth_asym_id_2 
_pdbx_validate_close_contact.auth_comp_id_2 
_pdbx_validate_close_contact.auth_seq_id_2 
_pdbx_validate_close_contact.PDB_ins_code_2 
_pdbx_validate_close_contact.label_alt_id_2 
_pdbx_validate_close_contact.dist 
1 1 OD1 A ASP 32  ? ? NZ  A LYS 82  ? ? 1.53 
2 1 OD1 A ASP 85  ? ? OG1 A THR 87  ? ? 2.03 
3 1 O   A THR 142 ? ? N33 A GHZ 201 ? ? 2.13 
# 
loop_
_pdbx_validate_torsion.id 
_pdbx_validate_torsion.PDB_model_num 
_pdbx_validate_torsion.auth_comp_id 
_pdbx_validate_torsion.auth_asym_id 
_pdbx_validate_torsion.auth_seq_id 
_pdbx_validate_torsion.PDB_ins_code 
_pdbx_validate_torsion.label_alt_id 
_pdbx_validate_torsion.phi 
_pdbx_validate_torsion.psi 
1 1 ASP A 32 ? ? 56.53 -125.85 
2 1 GLU A 50 ? ? 71.56 -66.94  
# 
_pdbx_struct_special_symmetry.id              1 
_pdbx_struct_special_symmetry.PDB_model_num   1 
_pdbx_struct_special_symmetry.auth_asym_id    A 
_pdbx_struct_special_symmetry.auth_comp_id    HOH 
_pdbx_struct_special_symmetry.auth_seq_id     313 
_pdbx_struct_special_symmetry.PDB_ins_code    ? 
_pdbx_struct_special_symmetry.label_asym_id   C 
_pdbx_struct_special_symmetry.label_comp_id   HOH 
_pdbx_struct_special_symmetry.label_seq_id    . 
# 
loop_
_pdbx_unobs_or_zero_occ_residues.id 
_pdbx_unobs_or_zero_occ_residues.PDB_model_num 
_pdbx_unobs_or_zero_occ_residues.polymer_flag 
_pdbx_unobs_or_zero_occ_residues.occupancy_flag 
_pdbx_unobs_or_zero_occ_residues.auth_asym_id 
_pdbx_unobs_or_zero_occ_residues.auth_comp_id 
_pdbx_unobs_or_zero_occ_residues.auth_seq_id 
_pdbx_unobs_or_zero_occ_residues.PDB_ins_code 
_pdbx_unobs_or_zero_occ_residues.label_asym_id 
_pdbx_unobs_or_zero_occ_residues.label_comp_id 
_pdbx_unobs_or_zero_occ_residues.label_seq_id 
1  1 Y 1 A SER 181 ? A SER 182 
2  1 Y 1 A GLU 182 ? A GLU 183 
3  1 Y 1 A GLN 183 ? A GLN 184 
4  1 Y 1 A LEU 184 ? A LEU 185 
5  1 Y 1 A GLU 185 ? A GLU 186 
6  1 Y 1 A HIS 186 ? A HIS 187 
7  1 Y 1 A HIS 187 ? A HIS 188 
8  1 Y 1 A HIS 188 ? A HIS 189 
9  1 Y 1 A HIS 189 ? A HIS 190 
10 1 Y 1 A HIS 190 ? A HIS 191 
11 1 Y 1 A HIS 191 ? A HIS 192 
# 
loop_
_chem_comp_atom.comp_id 
_chem_comp_atom.atom_id 
_chem_comp_atom.type_symbol 
_chem_comp_atom.pdbx_aromatic_flag 
_chem_comp_atom.pdbx_stereo_config 
_chem_comp_atom.pdbx_ordinal 
ALA N    N N N 1   
ALA CA   C N S 2   
ALA C    C N N 3   
ALA O    O N N 4   
ALA CB   C N N 5   
ALA OXT  O N N 6   
ALA H    H N N 7   
ALA H2   H N N 8   
ALA HA   H N N 9   
ALA HB1  H N N 10  
ALA HB2  H N N 11  
ALA HB3  H N N 12  
ALA HXT  H N N 13  
ARG N    N N N 14  
ARG CA   C N S 15  
ARG C    C N N 16  
ARG O    O N N 17  
ARG CB   C N N 18  
ARG CG   C N N 19  
ARG CD   C N N 20  
ARG NE   N N N 21  
ARG CZ   C N N 22  
ARG NH1  N N N 23  
ARG NH2  N N N 24  
ARG OXT  O N N 25  
ARG H    H N N 26  
ARG H2   H N N 27  
ARG HA   H N N 28  
ARG HB2  H N N 29  
ARG HB3  H N N 30  
ARG HG2  H N N 31  
ARG HG3  H N N 32  
ARG HD2  H N N 33  
ARG HD3  H N N 34  
ARG HE   H N N 35  
ARG HH11 H N N 36  
ARG HH12 H N N 37  
ARG HH21 H N N 38  
ARG HH22 H N N 39  
ARG HXT  H N N 40  
ASN N    N N N 41  
ASN CA   C N S 42  
ASN C    C N N 43  
ASN O    O N N 44  
ASN CB   C N N 45  
ASN CG   C N N 46  
ASN OD1  O N N 47  
ASN ND2  N N N 48  
ASN OXT  O N N 49  
ASN H    H N N 50  
ASN H2   H N N 51  
ASN HA   H N N 52  
ASN HB2  H N N 53  
ASN HB3  H N N 54  
ASN HD21 H N N 55  
ASN HD22 H N N 56  
ASN HXT  H N N 57  
ASP N    N N N 58  
ASP CA   C N S 59  
ASP C    C N N 60  
ASP O    O N N 61  
ASP CB   C N N 62  
ASP CG   C N N 63  
ASP OD1  O N N 64  
ASP OD2  O N N 65  
ASP OXT  O N N 66  
ASP H    H N N 67  
ASP H2   H N N 68  
ASP HA   H N N 69  
ASP HB2  H N N 70  
ASP HB3  H N N 71  
ASP HD2  H N N 72  
ASP HXT  H N N 73  
CYS N    N N N 74  
CYS CA   C N R 75  
CYS C    C N N 76  
CYS O    O N N 77  
CYS CB   C N N 78  
CYS SG   S N N 79  
CYS OXT  O N N 80  
CYS H    H N N 81  
CYS H2   H N N 82  
CYS HA   H N N 83  
CYS HB2  H N N 84  
CYS HB3  H N N 85  
CYS HG   H N N 86  
CYS HXT  H N N 87  
GHZ O25  O N N 88  
GHZ C23  C N N 89  
GHZ C15  C N S 90  
GHZ C16  C N N 91  
GHZ C17  C Y N 92  
GHZ C22  C Y N 93  
GHZ C21  C Y N 94  
GHZ C20  C Y N 95  
GHZ C19  C Y N 96  
GHZ C18  C Y N 97  
GHZ N13  N N N 98  
GHZ C12  C N N 99  
GHZ O11  O N N 100 
GHZ C10  C N N 101 
GHZ C1   C N N 102 
GHZ O14  O N N 103 
GHZ N24  N N N 104 
GHZ C26  C N S 105 
GHZ C27  C N N 106 
GHZ O28  O N N 107 
GHZ C29  C N N 108 
GHZ C30  C N S 109 
GHZ C31  C N N 110 
GHZ C32  C N N 111 
GHZ N33  N N N 112 
GHZ C34  C N N 113 
GHZ O1   O N N 114 
GHZ C2   C N N 115 
GHZ C3   C N N 116 
GHZ H1   H N N 117 
GHZ H2   H N N 118 
GHZ H3   H N N 119 
GHZ H4   H N N 120 
GHZ H5   H N N 121 
GHZ H6   H N N 122 
GHZ H7   H N N 123 
GHZ H8   H N N 124 
GHZ H9   H N N 125 
GHZ H10  H N N 126 
GHZ H11  H N N 127 
GHZ H12  H N N 128 
GHZ H13  H N N 129 
GHZ H14  H N N 130 
GHZ H15  H N N 131 
GHZ H16  H N N 132 
GHZ H17  H N N 133 
GHZ H18  H N N 134 
GHZ H19  H N N 135 
GHZ H20  H N N 136 
GHZ H21  H N N 137 
GHZ H22  H N N 138 
GHZ H23  H N N 139 
GHZ H24  H N N 140 
GHZ H25  H N N 141 
GHZ H26  H N N 142 
GHZ H27  H N N 143 
GHZ H28  H N N 144 
GHZ H29  H N N 145 
GHZ H30  H N N 146 
GHZ H31  H N N 147 
GLN N    N N N 148 
GLN CA   C N S 149 
GLN C    C N N 150 
GLN O    O N N 151 
GLN CB   C N N 152 
GLN CG   C N N 153 
GLN CD   C N N 154 
GLN OE1  O N N 155 
GLN NE2  N N N 156 
GLN OXT  O N N 157 
GLN H    H N N 158 
GLN H2   H N N 159 
GLN HA   H N N 160 
GLN HB2  H N N 161 
GLN HB3  H N N 162 
GLN HG2  H N N 163 
GLN HG3  H N N 164 
GLN HE21 H N N 165 
GLN HE22 H N N 166 
GLN HXT  H N N 167 
GLU N    N N N 168 
GLU CA   C N S 169 
GLU C    C N N 170 
GLU O    O N N 171 
GLU CB   C N N 172 
GLU CG   C N N 173 
GLU CD   C N N 174 
GLU OE1  O N N 175 
GLU OE2  O N N 176 
GLU OXT  O N N 177 
GLU H    H N N 178 
GLU H2   H N N 179 
GLU HA   H N N 180 
GLU HB2  H N N 181 
GLU HB3  H N N 182 
GLU HG2  H N N 183 
GLU HG3  H N N 184 
GLU HE2  H N N 185 
GLU HXT  H N N 186 
GLY N    N N N 187 
GLY CA   C N N 188 
GLY C    C N N 189 
GLY O    O N N 190 
GLY OXT  O N N 191 
GLY H    H N N 192 
GLY H2   H N N 193 
GLY HA2  H N N 194 
GLY HA3  H N N 195 
GLY HXT  H N N 196 
HIS N    N N N 197 
HIS CA   C N S 198 
HIS C    C N N 199 
HIS O    O N N 200 
HIS CB   C N N 201 
HIS CG   C Y N 202 
HIS ND1  N Y N 203 
HIS CD2  C Y N 204 
HIS CE1  C Y N 205 
HIS NE2  N Y N 206 
HIS OXT  O N N 207 
HIS H    H N N 208 
HIS H2   H N N 209 
HIS HA   H N N 210 
HIS HB2  H N N 211 
HIS HB3  H N N 212 
HIS HD1  H N N 213 
HIS HD2  H N N 214 
HIS HE1  H N N 215 
HIS HE2  H N N 216 
HIS HXT  H N N 217 
HOH O    O N N 218 
HOH H1   H N N 219 
HOH H2   H N N 220 
ILE N    N N N 221 
ILE CA   C N S 222 
ILE C    C N N 223 
ILE O    O N N 224 
ILE CB   C N S 225 
ILE CG1  C N N 226 
ILE CG2  C N N 227 
ILE CD1  C N N 228 
ILE OXT  O N N 229 
ILE H    H N N 230 
ILE H2   H N N 231 
ILE HA   H N N 232 
ILE HB   H N N 233 
ILE HG12 H N N 234 
ILE HG13 H N N 235 
ILE HG21 H N N 236 
ILE HG22 H N N 237 
ILE HG23 H N N 238 
ILE HD11 H N N 239 
ILE HD12 H N N 240 
ILE HD13 H N N 241 
ILE HXT  H N N 242 
LEU N    N N N 243 
LEU CA   C N S 244 
LEU C    C N N 245 
LEU O    O N N 246 
LEU CB   C N N 247 
LEU CG   C N N 248 
LEU CD1  C N N 249 
LEU CD2  C N N 250 
LEU OXT  O N N 251 
LEU H    H N N 252 
LEU H2   H N N 253 
LEU HA   H N N 254 
LEU HB2  H N N 255 
LEU HB3  H N N 256 
LEU HG   H N N 257 
LEU HD11 H N N 258 
LEU HD12 H N N 259 
LEU HD13 H N N 260 
LEU HD21 H N N 261 
LEU HD22 H N N 262 
LEU HD23 H N N 263 
LEU HXT  H N N 264 
LYS N    N N N 265 
LYS CA   C N S 266 
LYS C    C N N 267 
LYS O    O N N 268 
LYS CB   C N N 269 
LYS CG   C N N 270 
LYS CD   C N N 271 
LYS CE   C N N 272 
LYS NZ   N N N 273 
LYS OXT  O N N 274 
LYS H    H N N 275 
LYS H2   H N N 276 
LYS HA   H N N 277 
LYS HB2  H N N 278 
LYS HB3  H N N 279 
LYS HG2  H N N 280 
LYS HG3  H N N 281 
LYS HD2  H N N 282 
LYS HD3  H N N 283 
LYS HE2  H N N 284 
LYS HE3  H N N 285 
LYS HZ1  H N N 286 
LYS HZ2  H N N 287 
LYS HZ3  H N N 288 
LYS HXT  H N N 289 
MET N    N N N 290 
MET CA   C N S 291 
MET C    C N N 292 
MET O    O N N 293 
MET CB   C N N 294 
MET CG   C N N 295 
MET SD   S N N 296 
MET CE   C N N 297 
MET OXT  O N N 298 
MET H    H N N 299 
MET H2   H N N 300 
MET HA   H N N 301 
MET HB2  H N N 302 
MET HB3  H N N 303 
MET HG2  H N N 304 
MET HG3  H N N 305 
MET HE1  H N N 306 
MET HE2  H N N 307 
MET HE3  H N N 308 
MET HXT  H N N 309 
PHE N    N N N 310 
PHE CA   C N S 311 
PHE C    C N N 312 
PHE O    O N N 313 
PHE CB   C N N 314 
PHE CG   C Y N 315 
PHE CD1  C Y N 316 
PHE CD2  C Y N 317 
PHE CE1  C Y N 318 
PHE CE2  C Y N 319 
PHE CZ   C Y N 320 
PHE OXT  O N N 321 
PHE H    H N N 322 
PHE H2   H N N 323 
PHE HA   H N N 324 
PHE HB2  H N N 325 
PHE HB3  H N N 326 
PHE HD1  H N N 327 
PHE HD2  H N N 328 
PHE HE1  H N N 329 
PHE HE2  H N N 330 
PHE HZ   H N N 331 
PHE HXT  H N N 332 
PRO N    N N N 333 
PRO CA   C N S 334 
PRO C    C N N 335 
PRO O    O N N 336 
PRO CB   C N N 337 
PRO CG   C N N 338 
PRO CD   C N N 339 
PRO OXT  O N N 340 
PRO H    H N N 341 
PRO HA   H N N 342 
PRO HB2  H N N 343 
PRO HB3  H N N 344 
PRO HG2  H N N 345 
PRO HG3  H N N 346 
PRO HD2  H N N 347 
PRO HD3  H N N 348 
PRO HXT  H N N 349 
SER N    N N N 350 
SER CA   C N S 351 
SER C    C N N 352 
SER O    O N N 353 
SER CB   C N N 354 
SER OG   O N N 355 
SER OXT  O N N 356 
SER H    H N N 357 
SER H2   H N N 358 
SER HA   H N N 359 
SER HB2  H N N 360 
SER HB3  H N N 361 
SER HG   H N N 362 
SER HXT  H N N 363 
THR N    N N N 364 
THR CA   C N S 365 
THR C    C N N 366 
THR O    O N N 367 
THR CB   C N R 368 
THR OG1  O N N 369 
THR CG2  C N N 370 
THR OXT  O N N 371 
THR H    H N N 372 
THR H2   H N N 373 
THR HA   H N N 374 
THR HB   H N N 375 
THR HG1  H N N 376 
THR HG21 H N N 377 
THR HG22 H N N 378 
THR HG23 H N N 379 
THR HXT  H N N 380 
TRP N    N N N 381 
TRP CA   C N S 382 
TRP C    C N N 383 
TRP O    O N N 384 
TRP CB   C N N 385 
TRP CG   C Y N 386 
TRP CD1  C Y N 387 
TRP CD2  C Y N 388 
TRP NE1  N Y N 389 
TRP CE2  C Y N 390 
TRP CE3  C Y N 391 
TRP CZ2  C Y N 392 
TRP CZ3  C Y N 393 
TRP CH2  C Y N 394 
TRP OXT  O N N 395 
TRP H    H N N 396 
TRP H2   H N N 397 
TRP HA   H N N 398 
TRP HB2  H N N 399 
TRP HB3  H N N 400 
TRP HD1  H N N 401 
TRP HE1  H N N 402 
TRP HE3  H N N 403 
TRP HZ2  H N N 404 
TRP HZ3  H N N 405 
TRP HH2  H N N 406 
TRP HXT  H N N 407 
TYR N    N N N 408 
TYR CA   C N S 409 
TYR C    C N N 410 
TYR O    O N N 411 
TYR CB   C N N 412 
TYR CG   C Y N 413 
TYR CD1  C Y N 414 
TYR CD2  C Y N 415 
TYR CE1  C Y N 416 
TYR CE2  C Y N 417 
TYR CZ   C Y N 418 
TYR OH   O N N 419 
TYR OXT  O N N 420 
TYR H    H N N 421 
TYR H2   H N N 422 
TYR HA   H N N 423 
TYR HB2  H N N 424 
TYR HB3  H N N 425 
TYR HD1  H N N 426 
TYR HD2  H N N 427 
TYR HE1  H N N 428 
TYR HE2  H N N 429 
TYR HH   H N N 430 
TYR HXT  H N N 431 
VAL N    N N N 432 
VAL CA   C N S 433 
VAL C    C N N 434 
VAL O    O N N 435 
VAL CB   C N N 436 
VAL CG1  C N N 437 
VAL CG2  C N N 438 
VAL OXT  O N N 439 
VAL H    H N N 440 
VAL H2   H N N 441 
VAL HA   H N N 442 
VAL HB   H N N 443 
VAL HG11 H N N 444 
VAL HG12 H N N 445 
VAL HG13 H N N 446 
VAL HG21 H N N 447 
VAL HG22 H N N 448 
VAL HG23 H N N 449 
VAL HXT  H N N 450 
# 
loop_
_chem_comp_bond.comp_id 
_chem_comp_bond.atom_id_1 
_chem_comp_bond.atom_id_2 
_chem_comp_bond.value_order 
_chem_comp_bond.pdbx_aromatic_flag 
_chem_comp_bond.pdbx_stereo_config 
_chem_comp_bond.pdbx_ordinal 
ALA N   CA   sing N N 1   
ALA N   H    sing N N 2   
ALA N   H2   sing N N 3   
ALA CA  C    sing N N 4   
ALA CA  CB   sing N N 5   
ALA CA  HA   sing N N 6   
ALA C   O    doub N N 7   
ALA C   OXT  sing N N 8   
ALA CB  HB1  sing N N 9   
ALA CB  HB2  sing N N 10  
ALA CB  HB3  sing N N 11  
ALA OXT HXT  sing N N 12  
ARG N   CA   sing N N 13  
ARG N   H    sing N N 14  
ARG N   H2   sing N N 15  
ARG CA  C    sing N N 16  
ARG CA  CB   sing N N 17  
ARG CA  HA   sing N N 18  
ARG C   O    doub N N 19  
ARG C   OXT  sing N N 20  
ARG CB  CG   sing N N 21  
ARG CB  HB2  sing N N 22  
ARG CB  HB3  sing N N 23  
ARG CG  CD   sing N N 24  
ARG CG  HG2  sing N N 25  
ARG CG  HG3  sing N N 26  
ARG CD  NE   sing N N 27  
ARG CD  HD2  sing N N 28  
ARG CD  HD3  sing N N 29  
ARG NE  CZ   sing N N 30  
ARG NE  HE   sing N N 31  
ARG CZ  NH1  sing N N 32  
ARG CZ  NH2  doub N N 33  
ARG NH1 HH11 sing N N 34  
ARG NH1 HH12 sing N N 35  
ARG NH2 HH21 sing N N 36  
ARG NH2 HH22 sing N N 37  
ARG OXT HXT  sing N N 38  
ASN N   CA   sing N N 39  
ASN N   H    sing N N 40  
ASN N   H2   sing N N 41  
ASN CA  C    sing N N 42  
ASN CA  CB   sing N N 43  
ASN CA  HA   sing N N 44  
ASN C   O    doub N N 45  
ASN C   OXT  sing N N 46  
ASN CB  CG   sing N N 47  
ASN CB  HB2  sing N N 48  
ASN CB  HB3  sing N N 49  
ASN CG  OD1  doub N N 50  
ASN CG  ND2  sing N N 51  
ASN ND2 HD21 sing N N 52  
ASN ND2 HD22 sing N N 53  
ASN OXT HXT  sing N N 54  
ASP N   CA   sing N N 55  
ASP N   H    sing N N 56  
ASP N   H2   sing N N 57  
ASP CA  C    sing N N 58  
ASP CA  CB   sing N N 59  
ASP CA  HA   sing N N 60  
ASP C   O    doub N N 61  
ASP C   OXT  sing N N 62  
ASP CB  CG   sing N N 63  
ASP CB  HB2  sing N N 64  
ASP CB  HB3  sing N N 65  
ASP CG  OD1  doub N N 66  
ASP CG  OD2  sing N N 67  
ASP OD2 HD2  sing N N 68  
ASP OXT HXT  sing N N 69  
CYS N   CA   sing N N 70  
CYS N   H    sing N N 71  
CYS N   H2   sing N N 72  
CYS CA  C    sing N N 73  
CYS CA  CB   sing N N 74  
CYS CA  HA   sing N N 75  
CYS C   O    doub N N 76  
CYS C   OXT  sing N N 77  
CYS CB  SG   sing N N 78  
CYS CB  HB2  sing N N 79  
CYS CB  HB3  sing N N 80  
CYS SG  HG   sing N N 81  
CYS OXT HXT  sing N N 82  
GHZ C3  C1   sing N N 83  
GHZ C1  C2   sing N N 84  
GHZ C1  C10  sing N N 85  
GHZ C10 O11  sing N N 86  
GHZ O11 C12  sing N N 87  
GHZ C20 C19  doub Y N 88  
GHZ C20 C21  sing Y N 89  
GHZ C19 C18  sing Y N 90  
GHZ C12 N13  sing N N 91  
GHZ C12 O14  doub N N 92  
GHZ C21 C22  doub Y N 93  
GHZ N13 C15  sing N N 94  
GHZ C18 C17  doub Y N 95  
GHZ C22 C17  sing Y N 96  
GHZ C17 C16  sing N N 97  
GHZ C16 C15  sing N N 98  
GHZ C15 C23  sing N N 99  
GHZ C23 O25  doub N N 100 
GHZ C23 N24  sing N N 101 
GHZ N24 C26  sing N N 102 
GHZ C31 C30  sing N N 103 
GHZ C31 C32  sing N N 104 
GHZ C30 C34  sing N N 105 
GHZ C30 C29  sing N N 106 
GHZ C32 N33  sing N N 107 
GHZ C34 N33  sing N N 108 
GHZ C34 O1   doub N N 109 
GHZ C26 C29  sing N N 110 
GHZ C26 C27  sing N N 111 
GHZ C27 O28  sing N N 112 
GHZ C15 H1   sing N N 113 
GHZ C16 H2   sing N N 114 
GHZ C16 H3   sing N N 115 
GHZ C22 H4   sing N N 116 
GHZ C21 H5   sing N N 117 
GHZ C20 H6   sing N N 118 
GHZ C19 H7   sing N N 119 
GHZ C18 H8   sing N N 120 
GHZ N13 H9   sing N N 121 
GHZ C10 H10  sing N N 122 
GHZ C10 H11  sing N N 123 
GHZ C1  H12  sing N N 124 
GHZ N24 H13  sing N N 125 
GHZ C26 H14  sing N N 126 
GHZ C27 H15  sing N N 127 
GHZ C27 H16  sing N N 128 
GHZ O28 H17  sing N N 129 
GHZ C29 H18  sing N N 130 
GHZ C29 H19  sing N N 131 
GHZ C30 H20  sing N N 132 
GHZ C31 H21  sing N N 133 
GHZ C31 H22  sing N N 134 
GHZ C32 H23  sing N N 135 
GHZ C2  H24  sing N N 136 
GHZ C2  H25  sing N N 137 
GHZ C2  H26  sing N N 138 
GHZ C3  H27  sing N N 139 
GHZ C3  H28  sing N N 140 
GHZ C3  H29  sing N N 141 
GHZ C32 H30  sing N N 142 
GHZ N33 H31  sing N N 143 
GLN N   CA   sing N N 144 
GLN N   H    sing N N 145 
GLN N   H2   sing N N 146 
GLN CA  C    sing N N 147 
GLN CA  CB   sing N N 148 
GLN CA  HA   sing N N 149 
GLN C   O    doub N N 150 
GLN C   OXT  sing N N 151 
GLN CB  CG   sing N N 152 
GLN CB  HB2  sing N N 153 
GLN CB  HB3  sing N N 154 
GLN CG  CD   sing N N 155 
GLN CG  HG2  sing N N 156 
GLN CG  HG3  sing N N 157 
GLN CD  OE1  doub N N 158 
GLN CD  NE2  sing N N 159 
GLN NE2 HE21 sing N N 160 
GLN NE2 HE22 sing N N 161 
GLN OXT HXT  sing N N 162 
GLU N   CA   sing N N 163 
GLU N   H    sing N N 164 
GLU N   H2   sing N N 165 
GLU CA  C    sing N N 166 
GLU CA  CB   sing N N 167 
GLU CA  HA   sing N N 168 
GLU C   O    doub N N 169 
GLU C   OXT  sing N N 170 
GLU CB  CG   sing N N 171 
GLU CB  HB2  sing N N 172 
GLU CB  HB3  sing N N 173 
GLU CG  CD   sing N N 174 
GLU CG  HG2  sing N N 175 
GLU CG  HG3  sing N N 176 
GLU CD  OE1  doub N N 177 
GLU CD  OE2  sing N N 178 
GLU OE2 HE2  sing N N 179 
GLU OXT HXT  sing N N 180 
GLY N   CA   sing N N 181 
GLY N   H    sing N N 182 
GLY N   H2   sing N N 183 
GLY CA  C    sing N N 184 
GLY CA  HA2  sing N N 185 
GLY CA  HA3  sing N N 186 
GLY C   O    doub N N 187 
GLY C   OXT  sing N N 188 
GLY OXT HXT  sing N N 189 
HIS N   CA   sing N N 190 
HIS N   H    sing N N 191 
HIS N   H2   sing N N 192 
HIS CA  C    sing N N 193 
HIS CA  CB   sing N N 194 
HIS CA  HA   sing N N 195 
HIS C   O    doub N N 196 
HIS C   OXT  sing N N 197 
HIS CB  CG   sing N N 198 
HIS CB  HB2  sing N N 199 
HIS CB  HB3  sing N N 200 
HIS CG  ND1  sing Y N 201 
HIS CG  CD2  doub Y N 202 
HIS ND1 CE1  doub Y N 203 
HIS ND1 HD1  sing N N 204 
HIS CD2 NE2  sing Y N 205 
HIS CD2 HD2  sing N N 206 
HIS CE1 NE2  sing Y N 207 
HIS CE1 HE1  sing N N 208 
HIS NE2 HE2  sing N N 209 
HIS OXT HXT  sing N N 210 
HOH O   H1   sing N N 211 
HOH O   H2   sing N N 212 
ILE N   CA   sing N N 213 
ILE N   H    sing N N 214 
ILE N   H2   sing N N 215 
ILE CA  C    sing N N 216 
ILE CA  CB   sing N N 217 
ILE CA  HA   sing N N 218 
ILE C   O    doub N N 219 
ILE C   OXT  sing N N 220 
ILE CB  CG1  sing N N 221 
ILE CB  CG2  sing N N 222 
ILE CB  HB   sing N N 223 
ILE CG1 CD1  sing N N 224 
ILE CG1 HG12 sing N N 225 
ILE CG1 HG13 sing N N 226 
ILE CG2 HG21 sing N N 227 
ILE CG2 HG22 sing N N 228 
ILE CG2 HG23 sing N N 229 
ILE CD1 HD11 sing N N 230 
ILE CD1 HD12 sing N N 231 
ILE CD1 HD13 sing N N 232 
ILE OXT HXT  sing N N 233 
LEU N   CA   sing N N 234 
LEU N   H    sing N N 235 
LEU N   H2   sing N N 236 
LEU CA  C    sing N N 237 
LEU CA  CB   sing N N 238 
LEU CA  HA   sing N N 239 
LEU C   O    doub N N 240 
LEU C   OXT  sing N N 241 
LEU CB  CG   sing N N 242 
LEU CB  HB2  sing N N 243 
LEU CB  HB3  sing N N 244 
LEU CG  CD1  sing N N 245 
LEU CG  CD2  sing N N 246 
LEU CG  HG   sing N N 247 
LEU CD1 HD11 sing N N 248 
LEU CD1 HD12 sing N N 249 
LEU CD1 HD13 sing N N 250 
LEU CD2 HD21 sing N N 251 
LEU CD2 HD22 sing N N 252 
LEU CD2 HD23 sing N N 253 
LEU OXT HXT  sing N N 254 
LYS N   CA   sing N N 255 
LYS N   H    sing N N 256 
LYS N   H2   sing N N 257 
LYS CA  C    sing N N 258 
LYS CA  CB   sing N N 259 
LYS CA  HA   sing N N 260 
LYS C   O    doub N N 261 
LYS C   OXT  sing N N 262 
LYS CB  CG   sing N N 263 
LYS CB  HB2  sing N N 264 
LYS CB  HB3  sing N N 265 
LYS CG  CD   sing N N 266 
LYS CG  HG2  sing N N 267 
LYS CG  HG3  sing N N 268 
LYS CD  CE   sing N N 269 
LYS CD  HD2  sing N N 270 
LYS CD  HD3  sing N N 271 
LYS CE  NZ   sing N N 272 
LYS CE  HE2  sing N N 273 
LYS CE  HE3  sing N N 274 
LYS NZ  HZ1  sing N N 275 
LYS NZ  HZ2  sing N N 276 
LYS NZ  HZ3  sing N N 277 
LYS OXT HXT  sing N N 278 
MET N   CA   sing N N 279 
MET N   H    sing N N 280 
MET N   H2   sing N N 281 
MET CA  C    sing N N 282 
MET CA  CB   sing N N 283 
MET CA  HA   sing N N 284 
MET C   O    doub N N 285 
MET C   OXT  sing N N 286 
MET CB  CG   sing N N 287 
MET CB  HB2  sing N N 288 
MET CB  HB3  sing N N 289 
MET CG  SD   sing N N 290 
MET CG  HG2  sing N N 291 
MET CG  HG3  sing N N 292 
MET SD  CE   sing N N 293 
MET CE  HE1  sing N N 294 
MET CE  HE2  sing N N 295 
MET CE  HE3  sing N N 296 
MET OXT HXT  sing N N 297 
PHE N   CA   sing N N 298 
PHE N   H    sing N N 299 
PHE N   H2   sing N N 300 
PHE CA  C    sing N N 301 
PHE CA  CB   sing N N 302 
PHE CA  HA   sing N N 303 
PHE C   O    doub N N 304 
PHE C   OXT  sing N N 305 
PHE CB  CG   sing N N 306 
PHE CB  HB2  sing N N 307 
PHE CB  HB3  sing N N 308 
PHE CG  CD1  doub Y N 309 
PHE CG  CD2  sing Y N 310 
PHE CD1 CE1  sing Y N 311 
PHE CD1 HD1  sing N N 312 
PHE CD2 CE2  doub Y N 313 
PHE CD2 HD2  sing N N 314 
PHE CE1 CZ   doub Y N 315 
PHE CE1 HE1  sing N N 316 
PHE CE2 CZ   sing Y N 317 
PHE CE2 HE2  sing N N 318 
PHE CZ  HZ   sing N N 319 
PHE OXT HXT  sing N N 320 
PRO N   CA   sing N N 321 
PRO N   CD   sing N N 322 
PRO N   H    sing N N 323 
PRO CA  C    sing N N 324 
PRO CA  CB   sing N N 325 
PRO CA  HA   sing N N 326 
PRO C   O    doub N N 327 
PRO C   OXT  sing N N 328 
PRO CB  CG   sing N N 329 
PRO CB  HB2  sing N N 330 
PRO CB  HB3  sing N N 331 
PRO CG  CD   sing N N 332 
PRO CG  HG2  sing N N 333 
PRO CG  HG3  sing N N 334 
PRO CD  HD2  sing N N 335 
PRO CD  HD3  sing N N 336 
PRO OXT HXT  sing N N 337 
SER N   CA   sing N N 338 
SER N   H    sing N N 339 
SER N   H2   sing N N 340 
SER CA  C    sing N N 341 
SER CA  CB   sing N N 342 
SER CA  HA   sing N N 343 
SER C   O    doub N N 344 
SER C   OXT  sing N N 345 
SER CB  OG   sing N N 346 
SER CB  HB2  sing N N 347 
SER CB  HB3  sing N N 348 
SER OG  HG   sing N N 349 
SER OXT HXT  sing N N 350 
THR N   CA   sing N N 351 
THR N   H    sing N N 352 
THR N   H2   sing N N 353 
THR CA  C    sing N N 354 
THR CA  CB   sing N N 355 
THR CA  HA   sing N N 356 
THR C   O    doub N N 357 
THR C   OXT  sing N N 358 
THR CB  OG1  sing N N 359 
THR CB  CG2  sing N N 360 
THR CB  HB   sing N N 361 
THR OG1 HG1  sing N N 362 
THR CG2 HG21 sing N N 363 
THR CG2 HG22 sing N N 364 
THR CG2 HG23 sing N N 365 
THR OXT HXT  sing N N 366 
TRP N   CA   sing N N 367 
TRP N   H    sing N N 368 
TRP N   H2   sing N N 369 
TRP CA  C    sing N N 370 
TRP CA  CB   sing N N 371 
TRP CA  HA   sing N N 372 
TRP C   O    doub N N 373 
TRP C   OXT  sing N N 374 
TRP CB  CG   sing N N 375 
TRP CB  HB2  sing N N 376 
TRP CB  HB3  sing N N 377 
TRP CG  CD1  doub Y N 378 
TRP CG  CD2  sing Y N 379 
TRP CD1 NE1  sing Y N 380 
TRP CD1 HD1  sing N N 381 
TRP CD2 CE2  doub Y N 382 
TRP CD2 CE3  sing Y N 383 
TRP NE1 CE2  sing Y N 384 
TRP NE1 HE1  sing N N 385 
TRP CE2 CZ2  sing Y N 386 
TRP CE3 CZ3  doub Y N 387 
TRP CE3 HE3  sing N N 388 
TRP CZ2 CH2  doub Y N 389 
TRP CZ2 HZ2  sing N N 390 
TRP CZ3 CH2  sing Y N 391 
TRP CZ3 HZ3  sing N N 392 
TRP CH2 HH2  sing N N 393 
TRP OXT HXT  sing N N 394 
TYR N   CA   sing N N 395 
TYR N   H    sing N N 396 
TYR N   H2   sing N N 397 
TYR CA  C    sing N N 398 
TYR CA  CB   sing N N 399 
TYR CA  HA   sing N N 400 
TYR C   O    doub N N 401 
TYR C   OXT  sing N N 402 
TYR CB  CG   sing N N 403 
TYR CB  HB2  sing N N 404 
TYR CB  HB3  sing N N 405 
TYR CG  CD1  doub Y N 406 
TYR CG  CD2  sing Y N 407 
TYR CD1 CE1  sing Y N 408 
TYR CD1 HD1  sing N N 409 
TYR CD2 CE2  doub Y N 410 
TYR CD2 HD2  sing N N 411 
TYR CE1 CZ   doub Y N 412 
TYR CE1 HE1  sing N N 413 
TYR CE2 CZ   sing Y N 414 
TYR CE2 HE2  sing N N 415 
TYR CZ  OH   sing N N 416 
TYR OH  HH   sing N N 417 
TYR OXT HXT  sing N N 418 
VAL N   CA   sing N N 419 
VAL N   H    sing N N 420 
VAL N   H2   sing N N 421 
VAL CA  C    sing N N 422 
VAL CA  CB   sing N N 423 
VAL CA  HA   sing N N 424 
VAL C   O    doub N N 425 
VAL C   OXT  sing N N 426 
VAL CB  CG1  sing N N 427 
VAL CB  CG2  sing N N 428 
VAL CB  HB   sing N N 429 
VAL CG1 HG11 sing N N 430 
VAL CG1 HG12 sing N N 431 
VAL CG1 HG13 sing N N 432 
VAL CG2 HG21 sing N N 433 
VAL CG2 HG22 sing N N 434 
VAL CG2 HG23 sing N N 435 
VAL OXT HXT  sing N N 436 
# 
_pdbx_initial_refinement_model.id               1 
_pdbx_initial_refinement_model.entity_id_list   ? 
_pdbx_initial_refinement_model.type             'experimental model' 
_pdbx_initial_refinement_model.source_name      PDB 
_pdbx_initial_refinement_model.accession_code   4GHQ 
_pdbx_initial_refinement_model.details          'PDB ENTRY 4GHQ' 
# 
_atom_sites.entry_id                    5C20 
_atom_sites.fract_transf_matrix[1][1]   0.00021955 
_atom_sites.fract_transf_matrix[1][2]   -0.00344281 
_atom_sites.fract_transf_matrix[1][3]   -0.01520967 
_atom_sites.fract_transf_matrix[2][1]   0.01073545 
_atom_sites.fract_transf_matrix[2][2]   0.01092197 
_atom_sites.fract_transf_matrix[2][3]   -0.00231730 
_atom_sites.fract_transf_matrix[3][1]   0.00956661 
_atom_sites.fract_transf_matrix[3][2]   -0.00894437 
_atom_sites.fract_transf_matrix[3][3]   0.00216271 
_atom_sites.fract_transf_vector[1]      -0.198019 
_atom_sites.fract_transf_vector[2]      0.253834 
_atom_sites.fract_transf_vector[3]      0.120928 
# 
loop_
_atom_type.symbol 
C 
N 
O 
S 
# 
loop_
_atom_site.group_PDB 
_atom_site.id 
_atom_site.type_symbol 
_atom_site.label_atom_id 
_atom_site.label_alt_id 
_atom_site.label_comp_id 
_atom_site.label_asym_id 
_atom_site.label_entity_id 
_atom_site.label_seq_id 
_atom_site.pdbx_PDB_ins_code 
_atom_site.Cartn_x 
_atom_site.Cartn_y 
_atom_site.Cartn_z 
_atom_site.occupancy 
_atom_site.B_iso_or_equiv 
_atom_site.pdbx_formal_charge 
_atom_site.auth_seq_id 
_atom_site.auth_comp_id 
_atom_site.auth_asym_id 
_atom_site.auth_atom_id 
_atom_site.pdbx_PDB_model_num 
ATOM   1    N N   . MET A 1 1   ? 23.223  -4.315  -12.004 1.00 49.67 ? 0   MET A N   1 
ATOM   2    C CA  . MET A 1 1   ? 21.815  -3.878  -11.727 1.00 48.32 ? 0   MET A CA  1 
ATOM   3    C C   . MET A 1 1   ? 21.725  -2.377  -11.480 1.00 44.26 ? 0   MET A C   1 
ATOM   4    O O   . MET A 1 1   ? 22.563  -1.783  -10.805 1.00 41.93 ? 0   MET A O   1 
ATOM   5    C CB  . MET A 1 1   ? 21.248  -4.652  -10.530 1.00 50.33 ? 0   MET A CB  1 
ATOM   6    C CG  . MET A 1 1   ? 19.792  -4.384  -10.153 1.00 48.31 ? 0   MET A CG  1 
ATOM   7    S SD  . MET A 1 1   ? 19.396  -5.496  -8.782  1.00 46.88 ? 0   MET A SD  1 
ATOM   8    C CE  . MET A 1 1   ? 19.469  -7.126  -9.534  1.00 44.88 ? 0   MET A CE  1 
ATOM   9    N N   . GLY A 1 2   ? 20.687  -1.775  -12.033 1.00 44.72 ? 1   GLY A N   1 
ATOM   10   C CA  . GLY A 1 2   ? 20.518  -0.333  -11.997 1.00 44.41 ? 1   GLY A CA  1 
ATOM   11   C C   . GLY A 1 2   ? 19.660  0.163   -10.835 1.00 46.55 ? 1   GLY A C   1 
ATOM   12   O O   . GLY A 1 2   ? 18.996  -0.607  -10.137 1.00 48.25 ? 1   GLY A O   1 
ATOM   13   N N   . PRO A 1 3   ? 19.649  1.476   -10.641 1.00 45.55 ? 2   PRO A N   1 
ATOM   14   C CA  . PRO A 1 3   ? 19.026  2.177   -9.547  1.00 44.19 ? 2   PRO A CA  1 
ATOM   15   C C   . PRO A 1 3   ? 17.637  1.718   -9.129  1.00 43.44 ? 2   PRO A C   1 
ATOM   16   O O   . PRO A 1 3   ? 17.480  1.313   -7.971  1.00 43.24 ? 2   PRO A O   1 
ATOM   17   C CB  . PRO A 1 3   ? 18.903  3.597   -10.100 1.00 47.17 ? 2   PRO A CB  1 
ATOM   18   C CG  . PRO A 1 3   ? 19.146  3.528   -11.557 1.00 45.08 ? 2   PRO A CG  1 
ATOM   19   C CD  . PRO A 1 3   ? 20.161  2.434   -11.629 1.00 45.59 ? 2   PRO A CD  1 
ATOM   20   N N   . SER A 1 4   ? 16.643  1.809   -10.034 1.00 40.20 ? 3   SER A N   1 
ATOM   21   C CA  . SER A 1 4   ? 15.214  1.637   -9.653  1.00 38.31 ? 3   SER A CA  1 
ATOM   22   C C   . SER A 1 4   ? 14.808  0.164   -9.453  1.00 35.15 ? 3   SER A C   1 
ATOM   23   O O   . SER A 1 4   ? 13.971  -0.151  -8.592  1.00 33.64 ? 3   SER A O   1 
ATOM   24   C CB  . SER A 1 4   ? 14.273  2.296   -10.661 1.00 40.72 ? 3   SER A CB  1 
ATOM   25   O OG  . SER A 1 4   ? 14.579  3.666   -10.822 1.00 44.36 ? 3   SER A OG  1 
ATOM   26   N N   . LEU A 1 5   ? 15.410  -0.728  -10.238 1.00 30.58 ? 4   LEU A N   1 
ATOM   27   C CA  . LEU A 1 5   ? 15.249  -2.147  -10.013 1.00 29.00 ? 4   LEU A CA  1 
ATOM   28   C C   . LEU A 1 5   ? 15.791  -2.527  -8.638  1.00 30.07 ? 4   LEU A C   1 
ATOM   29   O O   . LEU A 1 5   ? 15.196  -3.326  -7.923  1.00 31.03 ? 4   LEU A O   1 
ATOM   30   C CB  . LEU A 1 5   ? 15.963  -2.951  -11.108 1.00 27.55 ? 4   LEU A CB  1 
ATOM   31   C CG  . LEU A 1 5   ? 15.648  -4.439  -11.130 1.00 25.62 ? 4   LEU A CG  1 
ATOM   32   C CD1 . LEU A 1 5   ? 14.168  -4.673  -11.328 1.00 25.04 ? 4   LEU A CD1 1 
ATOM   33   C CD2 . LEU A 1 5   ? 16.440  -5.132  -12.219 1.00 25.98 ? 4   LEU A CD2 1 
ATOM   34   N N   . ASP A 1 6   ? 16.933  -1.956  -8.275  1.00 31.50 ? 5   ASP A N   1 
ATOM   35   C CA  . ASP A 1 6   ? 17.568  -2.253  -6.983  1.00 31.06 ? 5   ASP A CA  1 
ATOM   36   C C   . ASP A 1 6   ? 16.713  -1.765  -5.832  1.00 31.83 ? 5   ASP A C   1 
ATOM   37   O O   . ASP A 1 6   ? 16.560  -2.476  -4.827  1.00 35.36 ? 5   ASP A O   1 
ATOM   38   C CB  . ASP A 1 6   ? 18.954  -1.618  -6.873  1.00 29.63 ? 5   ASP A CB  1 
ATOM   39   C CG  . ASP A 1 6   ? 19.698  -2.094  -5.661  1.00 28.31 ? 5   ASP A CG  1 
ATOM   40   O OD1 . ASP A 1 6   ? 20.234  -3.233  -5.716  1.00 25.73 ? 5   ASP A OD1 1 
ATOM   41   O OD2 . ASP A 1 6   ? 19.724  -1.320  -4.669  1.00 28.00 ? 5   ASP A OD2 1 
ATOM   42   N N   . PHE A 1 7   ? 16.154  -0.563  -5.983  1.00 30.54 ? 6   PHE A N   1 
ATOM   43   C CA  . PHE A 1 7   ? 15.245  -0.014  -4.989  1.00 29.95 ? 6   PHE A CA  1 
ATOM   44   C C   . PHE A 1 7   ? 13.955  -0.819  -4.867  1.00 32.54 ? 6   PHE A C   1 
ATOM   45   O O   . PHE A 1 7   ? 13.524  -1.156  -3.766  1.00 36.30 ? 6   PHE A O   1 
ATOM   46   C CB  . PHE A 1 7   ? 14.906  1.433   -5.315  1.00 30.20 ? 6   PHE A CB  1 
ATOM   47   C CG  . PHE A 1 7   ? 14.052  2.106   -4.268  1.00 30.85 ? 6   PHE A CG  1 
ATOM   48   C CD1 . PHE A 1 7   ? 14.615  2.550   -3.058  1.00 31.14 ? 6   PHE A CD1 1 
ATOM   49   C CD2 . PHE A 1 7   ? 12.687  2.277   -4.472  1.00 29.48 ? 6   PHE A CD2 1 
ATOM   50   C CE1 . PHE A 1 7   ? 13.825  3.173   -2.107  1.00 31.59 ? 6   PHE A CE1 1 
ATOM   51   C CE2 . PHE A 1 7   ? 11.894  2.892   -3.517  1.00 29.36 ? 6   PHE A CE2 1 
ATOM   52   C CZ  . PHE A 1 7   ? 12.451  3.337   -2.340  1.00 30.90 ? 6   PHE A CZ  1 
ATOM   53   N N   . ALA A 1 8   ? 13.334  -1.134  -5.998  1.00 34.05 ? 7   ALA A N   1 
ATOM   54   C CA  . ALA A 1 8   ? 12.048  -1.845  -5.988  1.00 32.48 ? 7   ALA A CA  1 
ATOM   55   C C   . ALA A 1 8   ? 12.217  -3.292  -5.493  1.00 29.77 ? 7   ALA A C   1 
ATOM   56   O O   . ALA A 1 8   ? 11.331  -3.862  -4.853  1.00 28.64 ? 7   ALA A O   1 
ATOM   57   C CB  . ALA A 1 8   ? 11.421  -1.807  -7.380  1.00 32.82 ? 7   ALA A CB  1 
ATOM   58   N N   . LEU A 1 9   ? 13.369  -3.872  -5.801  1.00 27.81 ? 8   LEU A N   1 
ATOM   59   C CA  . LEU A 1 9   ? 13.721  -5.207  -5.306  1.00 27.07 ? 8   LEU A CA  1 
ATOM   60   C C   . LEU A 1 9   ? 14.111  -5.189  -3.821  1.00 26.31 ? 8   LEU A C   1 
ATOM   61   O O   . LEU A 1 9   ? 13.910  -6.184  -3.113  1.00 24.36 ? 8   LEU A O   1 
ATOM   62   C CB  . LEU A 1 9   ? 14.843  -5.838  -6.157  1.00 26.13 ? 8   LEU A CB  1 
ATOM   63   C CG  . LEU A 1 9   ? 14.446  -6.412  -7.531  1.00 25.23 ? 8   LEU A CG  1 
ATOM   64   C CD1 . LEU A 1 9   ? 15.634  -7.106  -8.150  1.00 25.00 ? 8   LEU A CD1 1 
ATOM   65   C CD2 . LEU A 1 9   ? 13.300  -7.407  -7.463  1.00 24.97 ? 8   LEU A CD2 1 
ATOM   66   N N   . SER A 1 10  ? 14.670  -4.069  -3.360  1.00 26.58 ? 9   SER A N   1 
ATOM   67   C CA  . SER A 1 10  ? 15.039  -3.931  -1.948  1.00 27.73 ? 9   SER A CA  1 
ATOM   68   C C   . SER A 1 10  ? 13.783  -3.824  -1.075  1.00 26.19 ? 9   SER A C   1 
ATOM   69   O O   . SER A 1 10  ? 13.740  -4.361  0.024   1.00 25.72 ? 9   SER A O   1 
ATOM   70   C CB  . SER A 1 10  ? 15.920  -2.705  -1.712  1.00 28.83 ? 9   SER A CB  1 
ATOM   71   O OG  . SER A 1 10  ? 15.100  -1.525  -1.544  1.00 31.66 ? 9   SER A OG  1 
ATOM   72   N N   . LEU A 1 11  ? 12.776  -3.115  -1.574  1.00 25.36 ? 10  LEU A N   1 
ATOM   73   C CA  . LEU A 1 11  ? 11.465  -3.081  -0.925  1.00 25.31 ? 10  LEU A CA  1 
ATOM   74   C C   . LEU A 1 11  ? 10.824  -4.468  -0.872  1.00 25.20 ? 10  LEU A C   1 
ATOM   75   O O   . LEU A 1 11  ? 10.225  -4.842  0.137   1.00 24.42 ? 10  LEU A O   1 
ATOM   76   C CB  . LEU A 1 11  ? 10.511  -2.141  -1.666  1.00 25.69 ? 10  LEU A CB  1 
ATOM   77   C CG  . LEU A 1 11  ? 10.620  -0.639  -1.433  1.00 26.05 ? 10  LEU A CG  1 
ATOM   78   C CD1 . LEU A 1 11  ? 9.620   0.003   -2.384  1.00 28.18 ? 10  LEU A CD1 1 
ATOM   79   C CD2 . LEU A 1 11  ? 10.280  -0.251  0.005   1.00 25.28 ? 10  LEU A CD2 1 
ATOM   80   N N   . LEU A 1 12  ? 10.943  -5.220  -1.970  1.00 24.05 ? 11  LEU A N   1 
ATOM   81   C CA  . LEU A 1 12  ? 10.319  -6.530  -2.051  1.00 24.80 ? 11  LEU A CA  1 
ATOM   82   C C   . LEU A 1 12  ? 10.923  -7.448  -1.004  1.00 27.20 ? 11  LEU A C   1 
ATOM   83   O O   . LEU A 1 12  ? 10.312  -8.414  -0.506  1.00 25.78 ? 11  LEU A O   1 
ATOM   84   C CB  . LEU A 1 12  ? 10.562  -7.123  -3.417  1.00 25.24 ? 11  LEU A CB  1 
ATOM   85   C CG  . LEU A 1 12  ? 9.473   -7.008  -4.484  1.00 26.11 ? 11  LEU A CG  1 
ATOM   86   C CD1 . LEU A 1 12  ? 9.980   -7.732  -5.739  1.00 25.11 ? 11  LEU A CD1 1 
ATOM   87   C CD2 . LEU A 1 12  ? 8.131   -7.566  -3.994  1.00 25.79 ? 11  LEU A CD2 1 
ATOM   88   N N   . ARG A 1 13  ? 12.159  -7.100  -0.681  1.00 31.54 ? 12  ARG A N   1 
ATOM   89   C CA  . ARG A 1 13  ? 13.061  -7.900  0.121   1.00 33.63 ? 12  ARG A CA  1 
ATOM   90   C C   . ARG A 1 13  ? 12.773  -7.626  1.588   1.00 32.33 ? 12  ARG A C   1 
ATOM   91   O O   . ARG A 1 13  ? 12.683  -8.552  2.407   1.00 32.58 ? 12  ARG A O   1 
ATOM   92   C CB  . ARG A 1 13  ? 14.497  -7.463  -0.200  1.00 37.31 ? 12  ARG A CB  1 
ATOM   93   C CG  . ARG A 1 13  ? 15.500  -8.590  -0.450  1.00 42.92 ? 12  ARG A CG  1 
ATOM   94   C CD  . ARG A 1 13  ? 16.908  -8.027  -0.738  1.00 45.13 ? 12  ARG A CD  1 
ATOM   95   N NE  . ARG A 1 13  ? 17.478  -7.391  0.468   1.00 44.44 ? 12  ARG A NE  1 
ATOM   96   C CZ  . ARG A 1 13  ? 17.994  -6.159  0.545   1.00 43.79 ? 12  ARG A CZ  1 
ATOM   97   N NH1 . ARG A 1 13  ? 18.097  -5.367  -0.530  1.00 39.11 ? 12  ARG A NH1 1 
ATOM   98   N NH2 . ARG A 1 13  ? 18.434  -5.726  1.726   1.00 48.06 ? 12  ARG A NH2 1 
ATOM   99   N N   . ARG A 1 14  ? 12.608  -6.342  1.898   1.00 29.18 ? 13  ARG A N   1 
ATOM   100  C CA  . ARG A 1 14  ? 12.613  -5.864  3.267   1.00 28.93 ? 13  ARG A CA  1 
ATOM   101  C C   . ARG A 1 14  ? 11.289  -5.328  3.779   1.00 28.67 ? 13  ARG A C   1 
ATOM   102  O O   . ARG A 1 14  ? 11.059  -5.341  4.996   1.00 30.87 ? 13  ARG A O   1 
ATOM   103  C CB  . ARG A 1 14  ? 13.610  -4.731  3.388   1.00 29.83 ? 13  ARG A CB  1 
ATOM   104  C CG  . ARG A 1 14  ? 15.018  -5.163  3.105   1.00 31.51 ? 13  ARG A CG  1 
ATOM   105  C CD  . ARG A 1 14  ? 15.916  -4.576  4.160   1.00 32.98 ? 13  ARG A CD  1 
ATOM   106  N NE  . ARG A 1 14  ? 17.122  -4.009  3.585   1.00 36.06 ? 13  ARG A NE  1 
ATOM   107  C CZ  . ARG A 1 14  ? 18.079  -3.437  4.309   1.00 39.82 ? 13  ARG A CZ  1 
ATOM   108  N NH1 . ARG A 1 14  ? 17.974  -3.341  5.635   1.00 39.89 ? 13  ARG A NH1 1 
ATOM   109  N NH2 . ARG A 1 14  ? 19.161  -2.968  3.704   1.00 44.46 ? 13  ARG A NH2 1 
ATOM   110  N N   . ASN A 1 15  ? 10.438  -4.809  2.892   1.00 25.88 ? 14  ASN A N   1 
ATOM   111  C CA  . ASN A 1 15  ? 9.260   -4.077  3.358   1.00 22.92 ? 14  ASN A CA  1 
ATOM   112  C C   . ASN A 1 15  ? 7.897   -4.551  2.863   1.00 22.03 ? 14  ASN A C   1 
ATOM   113  O O   . ASN A 1 15  ? 6.904   -4.336  3.531   1.00 22.05 ? 14  ASN A O   1 
ATOM   114  C CB  . ASN A 1 15  ? 9.429   -2.596  3.087   1.00 22.51 ? 14  ASN A CB  1 
ATOM   115  C CG  . ASN A 1 15  ? 10.554  -1.981  3.905   1.00 22.52 ? 14  ASN A CG  1 
ATOM   116  O OD1 . ASN A 1 15  ? 11.696  -1.944  3.475   1.00 21.49 ? 14  ASN A OD1 1 
ATOM   117  N ND2 . ASN A 1 15  ? 10.219  -1.470  5.081   1.00 22.94 ? 14  ASN A ND2 1 
ATOM   118  N N   . VAL A 1 16  ? 7.852   -5.219  1.725   1.00 21.62 ? 15  VAL A N   1 
ATOM   119  C CA  . VAL A 1 16  ? 6.609   -5.596  1.104   1.00 21.32 ? 15  VAL A CA  1 
ATOM   120  C C   . VAL A 1 16  ? 6.332   -7.067  1.384   1.00 21.36 ? 15  VAL A C   1 
ATOM   121  O O   . VAL A 1 16  ? 7.108   -7.946  1.033   1.00 23.53 ? 15  VAL A O   1 
ATOM   122  C CB  . VAL A 1 16  ? 6.677   -5.334  -0.414  1.00 22.90 ? 15  VAL A CB  1 
ATOM   123  C CG1 . VAL A 1 16  ? 5.429   -5.857  -1.136  1.00 23.91 ? 15  VAL A CG1 1 
ATOM   124  C CG2 . VAL A 1 16  ? 6.858   -3.844  -0.687  1.00 23.37 ? 15  VAL A CG2 1 
ATOM   125  N N   . ARG A 1 17  ? 5.203   -7.345  1.989   1.00 20.68 ? 16  ARG A N   1 
ATOM   126  C CA  . ARG A 1 17  ? 4.921   -8.674  2.436   1.00 22.14 ? 16  ARG A CA  1 
ATOM   127  C C   . ARG A 1 17  ? 3.686   -9.248  1.786   1.00 22.32 ? 16  ARG A C   1 
ATOM   128  O O   . ARG A 1 17  ? 2.723   -8.508  1.487   1.00 20.59 ? 16  ARG A O   1 
ATOM   129  C CB  . ARG A 1 17  ? 4.742   -8.676  3.966   1.00 23.96 ? 16  ARG A CB  1 
ATOM   130  C CG  . ARG A 1 17  ? 6.002   -8.295  4.723   1.00 25.82 ? 16  ARG A CG  1 
ATOM   131  C CD  . ARG A 1 17  ? 7.021   -9.434  4.768   1.00 27.70 ? 16  ARG A CD  1 
ATOM   132  N NE  . ARG A 1 17  ? 8.236   -8.959  5.439   1.00 30.36 ? 16  ARG A NE  1 
ATOM   133  C CZ  . ARG A 1 17  ? 9.382   -8.633  4.836   1.00 29.88 ? 16  ARG A CZ  1 
ATOM   134  N NH1 . ARG A 1 17  ? 9.548   -8.759  3.526   1.00 29.87 ? 16  ARG A NH1 1 
ATOM   135  N NH2 . ARG A 1 17  ? 10.384  -8.205  5.573   1.00 29.92 ? 16  ARG A NH2 1 
ATOM   136  N N   . GLN A 1 18  ? 3.727   -10.579 1.601   1.00 22.08 ? 17  GLN A N   1 
ATOM   137  C CA  . GLN A 1 18  ? 2.559   -11.345 1.160   1.00 21.78 ? 17  GLN A CA  1 
ATOM   138  C C   . GLN A 1 18  ? 1.737   -11.667 2.371   1.00 20.48 ? 17  GLN A C   1 
ATOM   139  O O   . GLN A 1 18  ? 2.251   -12.233 3.335   1.00 18.81 ? 17  GLN A O   1 
ATOM   140  C CB  . GLN A 1 18  ? 2.917   -12.669 0.458   1.00 22.16 ? 17  GLN A CB  1 
ATOM   141  C CG  . GLN A 1 18  ? 4.254   -12.683 -0.246  1.00 22.83 ? 17  GLN A CG  1 
ATOM   142  C CD  . GLN A 1 18  ? 4.485   -13.934 -1.070  1.00 22.36 ? 17  GLN A CD  1 
ATOM   143  O OE1 . GLN A 1 18  ? 4.093   -15.036 -0.685  1.00 22.09 ? 17  GLN A OE1 1 
ATOM   144  N NE2 . GLN A 1 18  ? 5.129   -13.757 -2.233  1.00 21.39 ? 17  GLN A NE2 1 
ATOM   145  N N   . VAL A 1 19  ? 0.455   -11.320 2.311   1.00 21.55 ? 18  VAL A N   1 
ATOM   146  C CA  . VAL A 1 19  ? -0.444  -11.526 3.449   1.00 22.65 ? 18  VAL A CA  1 
ATOM   147  C C   . VAL A 1 19  ? -1.804  -12.038 2.975   1.00 23.10 ? 18  VAL A C   1 
ATOM   148  O O   . VAL A 1 19  ? -2.064  -12.082 1.787   1.00 23.08 ? 18  VAL A O   1 
ATOM   149  C CB  . VAL A 1 19  ? -0.594  -10.247 4.337   1.00 21.59 ? 18  VAL A CB  1 
ATOM   150  C CG1 . VAL A 1 19  ? 0.757   -9.694  4.775   1.00 19.84 ? 18  VAL A CG1 1 
ATOM   151  C CG2 . VAL A 1 19  ? -1.432  -9.183  3.623   1.00 21.63 ? 18  VAL A CG2 1 
ATOM   152  N N   . GLN A 1 20  ? -2.624  -12.476 3.926   1.00 25.47 ? 19  GLN A N   1 
ATOM   153  C CA  . GLN A 1 20  ? -3.948  -13.025 3.677   1.00 26.01 ? 19  GLN A CA  1 
ATOM   154  C C   . GLN A 1 20  ? -4.890  -12.657 4.821   1.00 26.23 ? 19  GLN A C   1 
ATOM   155  O O   . GLN A 1 20  ? -4.469  -12.589 5.965   1.00 27.02 ? 19  GLN A O   1 
ATOM   156  C CB  . GLN A 1 20  ? -3.881  -14.548 3.594   1.00 27.80 ? 19  GLN A CB  1 
ATOM   157  C CG  . GLN A 1 20  ? -3.947  -15.110 2.198   1.00 28.38 ? 19  GLN A CG  1 
ATOM   158  C CD  . GLN A 1 20  ? -4.767  -16.383 2.168   1.00 30.50 ? 19  GLN A CD  1 
ATOM   159  O OE1 . GLN A 1 20  ? -5.986  -16.369 1.882   1.00 29.43 ? 19  GLN A OE1 1 
ATOM   160  N NE2 . GLN A 1 20  ? -4.108  -17.490 2.464   1.00 31.41 ? 19  GLN A NE2 1 
ATOM   161  N N   . THR A 1 21  ? -6.156  -12.418 4.504   1.00 26.82 ? 20  THR A N   1 
ATOM   162  C CA  . THR A 1 21  ? -7.170  -12.072 5.496   1.00 27.10 ? 20  THR A CA  1 
ATOM   163  C C   . THR A 1 21  ? -8.495  -12.680 5.031   1.00 30.73 ? 20  THR A C   1 
ATOM   164  O O   . THR A 1 21  ? -8.598  -13.199 3.919   1.00 30.71 ? 20  THR A O   1 
ATOM   165  C CB  . THR A 1 21  ? -7.324  -10.534 5.693   1.00 25.07 ? 20  THR A CB  1 
ATOM   166  O OG1 . THR A 1 21  ? -8.168  -9.979  4.680   1.00 25.12 ? 20  THR A OG1 1 
ATOM   167  C CG2 . THR A 1 21  ? -6.018  -9.844  5.630   1.00 24.46 ? 20  THR A CG2 1 
ATOM   168  N N   . ASP A 1 22  ? -9.515  -12.628 5.885   1.00 33.95 ? 21  ASP A N   1 
ATOM   169  C CA  . ASP A 1 22  ? -10.829 -13.188 5.521   1.00 33.04 ? 21  ASP A CA  1 
ATOM   170  C C   . ASP A 1 22  ? -11.242 -12.679 4.135   1.00 31.43 ? 21  ASP A C   1 
ATOM   171  O O   . ASP A 1 22  ? -12.038 -13.308 3.419   1.00 29.20 ? 21  ASP A O   1 
ATOM   172  C CB  . ASP A 1 22  ? -11.900 -12.825 6.564   1.00 32.29 ? 21  ASP A CB  1 
ATOM   173  C CG  . ASP A 1 22  ? -11.684 -13.537 7.893   1.00 33.76 ? 21  ASP A CG  1 
ATOM   174  O OD1 . ASP A 1 22  ? -10.688 -14.277 8.027   1.00 32.91 ? 21  ASP A OD1 1 
ATOM   175  O OD2 . ASP A 1 22  ? -12.507 -13.368 8.817   1.00 36.00 ? 21  ASP A OD2 1 
ATOM   176  N N   . GLN A 1 23  ? -10.687 -11.536 3.755   1.00 29.03 ? 22  GLN A N   1 
ATOM   177  C CA  . GLN A 1 23  ? -11.066 -10.923 2.500   1.00 28.41 ? 22  GLN A CA  1 
ATOM   178  C C   . GLN A 1 23  ? -10.305 -11.489 1.293   1.00 28.91 ? 22  GLN A C   1 
ATOM   179  O O   . GLN A 1 23  ? -10.780 -11.410 0.162   1.00 29.32 ? 22  GLN A O   1 
ATOM   180  C CB  . GLN A 1 23  ? -10.911 -9.411  2.619   1.00 28.18 ? 22  GLN A CB  1 
ATOM   181  C CG  . GLN A 1 23  ? -11.838 -8.814  3.677   1.00 29.49 ? 22  GLN A CG  1 
ATOM   182  C CD  . GLN A 1 23  ? -13.272 -9.240  3.473   1.00 31.03 ? 22  GLN A CD  1 
ATOM   183  O OE1 . GLN A 1 23  ? -13.819 -9.995  4.272   1.00 34.36 ? 22  GLN A OE1 1 
ATOM   184  N NE2 . GLN A 1 23  ? -13.878 -8.796  2.375   1.00 31.52 ? 22  GLN A NE2 1 
ATOM   185  N N   . GLY A 1 24  ? -9.137  -12.081 1.550   1.00 28.49 ? 23  GLY A N   1 
ATOM   186  C CA  . GLY A 1 24  ? -8.296  -12.657 0.510   1.00 27.93 ? 23  GLY A CA  1 
ATOM   187  C C   . GLY A 1 24  ? -6.836  -12.261 0.674   1.00 28.02 ? 23  GLY A C   1 
ATOM   188  O O   . GLY A 1 24  ? -6.409  -11.917 1.783   1.00 24.07 ? 23  GLY A O   1 
ATOM   189  N N   . HIS A 1 25  ? -6.110  -12.266 -0.449  1.00 28.37 ? 24  HIS A N   1 
ATOM   190  C CA  . HIS A 1 25  ? -4.696  -11.892 -0.508  1.00 28.27 ? 24  HIS A CA  1 
ATOM   191  C C   . HIS A 1 25  ? -4.491  -10.425 -0.794  1.00 28.45 ? 24  HIS A C   1 
ATOM   192  O O   . HIS A 1 25  ? -5.144  -9.859  -1.693  1.00 28.94 ? 24  HIS A O   1 
ATOM   193  C CB  . HIS A 1 25  ? -3.985  -12.649 -1.628  1.00 29.51 ? 24  HIS A CB  1 
ATOM   194  C CG  . HIS A 1 25  ? -4.038  -14.128 -1.460  1.00 30.24 ? 24  HIS A CG  1 
ATOM   195  N ND1 . HIS A 1 25  ? -5.227  -14.828 -1.477  1.00 30.08 ? 24  HIS A ND1 1 
ATOM   196  C CD2 . HIS A 1 25  ? -3.063  -15.033 -1.210  1.00 30.50 ? 24  HIS A CD2 1 
ATOM   197  C CE1 . HIS A 1 25  ? -4.979  -16.108 -1.270  1.00 31.80 ? 24  HIS A CE1 1 
ATOM   198  N NE2 . HIS A 1 25  ? -3.675  -16.260 -1.098  1.00 31.62 ? 24  HIS A NE2 1 
ATOM   199  N N   . PHE A 1 26  ? -3.561  -9.820  -0.042  1.00 26.27 ? 25  PHE A N   1 
ATOM   200  C CA  . PHE A 1 26  ? -3.180  -8.392  -0.179  1.00 22.66 ? 25  PHE A CA  1 
ATOM   201  C C   . PHE A 1 26  ? -1.664  -8.219  -0.093  1.00 21.12 ? 25  PHE A C   1 
ATOM   202  O O   . PHE A 1 26  ? -0.924  -9.172  0.231   1.00 18.51 ? 25  PHE A O   1 
ATOM   203  C CB  . PHE A 1 26  ? -3.874  -7.553  0.884   1.00 23.01 ? 25  PHE A CB  1 
ATOM   204  C CG  . PHE A 1 26  ? -5.367  -7.609  0.787   1.00 24.56 ? 25  PHE A CG  1 
ATOM   205  C CD1 . PHE A 1 26  ? -6.067  -6.670  0.017   1.00 24.70 ? 25  PHE A CD1 1 
ATOM   206  C CD2 . PHE A 1 26  ? -6.086  -8.634  1.424   1.00 25.87 ? 25  PHE A CD2 1 
ATOM   207  C CE1 . PHE A 1 26  ? -7.441  -6.729  -0.088  1.00 24.45 ? 25  PHE A CE1 1 
ATOM   208  C CE2 . PHE A 1 26  ? -7.470  -8.702  1.314   1.00 25.74 ? 25  PHE A CE2 1 
ATOM   209  C CZ  . PHE A 1 26  ? -8.145  -7.744  0.558   1.00 25.26 ? 25  PHE A CZ  1 
ATOM   210  N N   . THR A 1 27  ? -1.193  -7.016  -0.417  1.00 20.72 ? 26  THR A N   1 
ATOM   211  C CA  . THR A 1 27  ? 0.240   -6.696  -0.321  1.00 20.15 ? 26  THR A CA  1 
ATOM   212  C C   . THR A 1 27  ? 0.306   -5.775  0.863   1.00 20.63 ? 26  THR A C   1 
ATOM   213  O O   . THR A 1 27  ? -0.477  -4.819  0.947   1.00 20.81 ? 26  THR A O   1 
ATOM   214  C CB  . THR A 1 27  ? 0.826   -5.979  -1.578  1.00 19.69 ? 26  THR A CB  1 
ATOM   215  O OG1 . THR A 1 27  ? 0.704   -6.800  -2.748  1.00 19.76 ? 26  THR A OG1 1 
ATOM   216  C CG2 . THR A 1 27  ? 2.297   -5.676  -1.381  1.00 19.66 ? 26  THR A CG2 1 
ATOM   217  N N   . MET A 1 28  ? 1.215   -6.062  1.793   1.00 20.29 ? 27  MET A N   1 
ATOM   218  C CA  . MET A 1 28  ? 1.322   -5.229  2.995   1.00 20.30 ? 27  MET A CA  1 
ATOM   219  C C   . MET A 1 28  ? 2.598   -4.416  2.893   1.00 20.63 ? 27  MET A C   1 
ATOM   220  O O   . MET A 1 28  ? 3.601   -4.947  2.489   1.00 23.06 ? 27  MET A O   1 
ATOM   221  C CB  . MET A 1 28  ? 1.309   -6.103  4.274   1.00 19.16 ? 27  MET A CB  1 
ATOM   222  C CG  . MET A 1 28  ? 1.296   -5.322  5.598   1.00 17.32 ? 27  MET A CG  1 
ATOM   223  S SD  . MET A 1 28  ? 1.532   -6.367  7.027   1.00 14.72 ? 27  MET A SD  1 
ATOM   224  C CE  . MET A 1 28  ? 3.227   -6.910  6.766   1.00 15.16 ? 27  MET A CE  1 
ATOM   225  N N   . LEU A 1 29  ? 2.556   -3.126  3.213   1.00 20.81 ? 28  LEU A N   1 
ATOM   226  C CA  . LEU A 1 29  ? 3.795   -2.351  3.343   1.00 20.01 ? 28  LEU A CA  1 
ATOM   227  C C   . LEU A 1 29  ? 4.176   -2.177  4.825   1.00 20.81 ? 28  LEU A C   1 
ATOM   228  O O   . LEU A 1 29  ? 3.502   -1.506  5.573   1.00 20.27 ? 28  LEU A O   1 
ATOM   229  C CB  . LEU A 1 29  ? 3.656   -0.993  2.650   1.00 18.92 ? 28  LEU A CB  1 
ATOM   230  C CG  . LEU A 1 29  ? 4.892   -0.089  2.686   1.00 18.69 ? 28  LEU A CG  1 
ATOM   231  C CD1 . LEU A 1 29  ? 6.077   -0.755  1.973   1.00 18.96 ? 28  LEU A CD1 1 
ATOM   232  C CD2 . LEU A 1 29  ? 4.569   1.267   2.073   1.00 17.96 ? 28  LEU A CD2 1 
ATOM   233  N N   . GLY A 1 30  ? 5.261   -2.825  5.230   1.00 22.77 ? 29  GLY A N   1 
ATOM   234  C CA  . GLY A 1 30  ? 5.865   -2.613  6.552   1.00 22.80 ? 29  GLY A CA  1 
ATOM   235  C C   . GLY A 1 30  ? 6.693   -1.343  6.450   1.00 23.80 ? 29  GLY A C   1 
ATOM   236  O O   . GLY A 1 30  ? 7.573   -1.216  5.590   1.00 22.81 ? 29  GLY A O   1 
ATOM   237  N N   . VAL A 1 31  ? 6.372   -0.367  7.292   1.00 24.09 ? 30  VAL A N   1 
ATOM   238  C CA  . VAL A 1 31  ? 6.950   0.960   7.170   1.00 23.79 ? 30  VAL A CA  1 
ATOM   239  C C   . VAL A 1 31  ? 8.138   1.208   8.100   1.00 23.58 ? 30  VAL A C   1 
ATOM   240  O O   . VAL A 1 31  ? 9.195   1.659   7.659   1.00 25.31 ? 30  VAL A O   1 
ATOM   241  C CB  . VAL A 1 31  ? 5.880   2.022   7.421   1.00 23.85 ? 30  VAL A CB  1 
ATOM   242  C CG1 . VAL A 1 31  ? 6.504   3.408   7.387   1.00 24.91 ? 30  VAL A CG1 1 
ATOM   243  C CG2 . VAL A 1 31  ? 4.781   1.888   6.382   1.00 23.95 ? 30  VAL A CG2 1 
ATOM   244  N N   . ARG A 1 32  ? 7.957   0.953   9.380   1.00 22.45 ? 31  ARG A N   1 
ATOM   245  C CA  . ARG A 1 32  ? 9.047   1.016   10.320  1.00 22.86 ? 31  ARG A CA  1 
ATOM   246  C C   . ARG A 1 32  ? 8.637   0.263   11.562  1.00 23.05 ? 31  ARG A C   1 
ATOM   247  O O   . ARG A 1 32  ? 7.450   0.155   11.852  1.00 23.39 ? 31  ARG A O   1 
ATOM   248  C CB  . ARG A 1 32  ? 9.388   2.451   10.674  1.00 23.55 ? 31  ARG A CB  1 
ATOM   249  C CG  . ARG A 1 32  ? 8.205   3.274   11.169  1.00 24.67 ? 31  ARG A CG  1 
ATOM   250  C CD  . ARG A 1 32  ? 8.608   4.151   12.354  1.00 25.21 ? 31  ARG A CD  1 
ATOM   251  N NE  . ARG A 1 32  ? 7.501   5.005   12.768  1.00 27.68 ? 31  ARG A NE  1 
ATOM   252  C CZ  . ARG A 1 32  ? 6.779   4.847   13.884  1.00 29.25 ? 31  ARG A CZ  1 
ATOM   253  N NH1 . ARG A 1 32  ? 7.071   3.888   14.753  1.00 30.49 ? 31  ARG A NH1 1 
ATOM   254  N NH2 . ARG A 1 32  ? 5.783   5.678   14.158  1.00 30.05 ? 31  ARG A NH2 1 
ATOM   255  N N   . ASP A 1 33  ? 9.608   -0.256  12.306  1.00 23.12 ? 32  ASP A N   1 
ATOM   256  C CA  . ASP A 1 33  ? 9.297   -0.903  13.560  1.00 23.80 ? 32  ASP A CA  1 
ATOM   257  C C   . ASP A 1 33  ? 8.306   -2.021  13.353  1.00 23.34 ? 32  ASP A C   1 
ATOM   258  O O   . ASP A 1 33  ? 8.546   -2.899  12.553  1.00 24.60 ? 32  ASP A O   1 
ATOM   259  C CB  . ASP A 1 33  ? 8.740   0.126   14.564  1.00 24.71 ? 32  ASP A CB  1 
ATOM   260  C CG  . ASP A 1 33  ? 9.787   1.090   15.020  1.00 25.90 ? 32  ASP A CG  1 
ATOM   261  O OD1 . ASP A 1 33  ? 10.850  0.626   15.480  1.00 28.99 ? 32  ASP A OD1 1 
ATOM   262  O OD2 . ASP A 1 33  ? 9.556   2.306   14.915  1.00 25.91 ? 32  ASP A OD2 1 
ATOM   263  N N   . ARG A 1 34  ? 7.200   -1.993  14.085  1.00 22.93 ? 33  ARG A N   1 
ATOM   264  C CA  . ARG A 1 34  ? 6.179   -3.031  13.999  1.00 22.73 ? 33  ARG A CA  1 
ATOM   265  C C   . ARG A 1 34  ? 4.932   -2.514  13.327  1.00 21.10 ? 33  ARG A C   1 
ATOM   266  O O   . ARG A 1 34  ? 3.884   -3.163  13.334  1.00 21.21 ? 33  ARG A O   1 
ATOM   267  C CB  . ARG A 1 34  ? 5.817   -3.529  15.390  1.00 25.71 ? 33  ARG A CB  1 
ATOM   268  C CG  . ARG A 1 34  ? 6.591   -4.745  15.809  1.00 28.64 ? 33  ARG A CG  1 
ATOM   269  C CD  . ARG A 1 34  ? 7.118   -4.596  17.211  1.00 32.07 ? 33  ARG A CD  1 
ATOM   270  N NE  . ARG A 1 34  ? 8.233   -5.497  17.424  1.00 37.87 ? 33  ARG A NE  1 
ATOM   271  C CZ  . ARG A 1 34  ? 9.499   -5.122  17.659  1.00 48.12 ? 33  ARG A CZ  1 
ATOM   272  N NH1 . ARG A 1 34  ? 9.873   -3.825  17.711  1.00 50.49 ? 33  ARG A NH1 1 
ATOM   273  N NH2 . ARG A 1 34  ? 10.416  -6.075  17.858  1.00 50.18 ? 33  ARG A NH2 1 
ATOM   274  N N   . LEU A 1 35  ? 5.070   -1.349  12.720  1.00 19.94 ? 34  LEU A N   1 
ATOM   275  C CA  . LEU A 1 35  ? 3.993   -0.673  12.034  1.00 19.06 ? 34  LEU A CA  1 
ATOM   276  C C   . LEU A 1 35  ? 3.958   -1.038  10.530  1.00 18.51 ? 34  LEU A C   1 
ATOM   277  O O   . LEU A 1 35  ? 4.909   -0.847  9.780   1.00 16.11 ? 34  LEU A O   1 
ATOM   278  C CB  . LEU A 1 35  ? 4.186   0.846   12.224  1.00 19.35 ? 34  LEU A CB  1 
ATOM   279  C CG  . LEU A 1 35  ? 3.232   1.824   11.557  1.00 19.19 ? 34  LEU A CG  1 
ATOM   280  C CD1 . LEU A 1 35  ? 1.826   1.684   12.075  1.00 19.74 ? 34  LEU A CD1 1 
ATOM   281  C CD2 . LEU A 1 35  ? 3.717   3.211   11.833  1.00 19.60 ? 34  LEU A CD2 1 
ATOM   282  N N   . ALA A 1 36  ? 2.828   -1.578  10.115  1.00 19.69 ? 35  ALA A N   1 
ATOM   283  C CA  . ALA A 1 36  ? 2.543   -1.828  8.715   1.00 21.01 ? 35  ALA A CA  1 
ATOM   284  C C   . ALA A 1 36  ? 1.297   -1.055  8.250   1.00 21.56 ? 35  ALA A C   1 
ATOM   285  O O   . ALA A 1 36  ? 0.571   -0.491  9.042   1.00 24.34 ? 35  ALA A O   1 
ATOM   286  C CB  . ALA A 1 36  ? 2.352   -3.320  8.500   1.00 21.25 ? 35  ALA A CB  1 
ATOM   287  N N   . VAL A 1 37  ? 1.041   -1.040  6.955   1.00 21.83 ? 36  VAL A N   1 
ATOM   288  C CA  . VAL A 1 37  ? -0.148  -0.404  6.440   1.00 21.39 ? 36  VAL A CA  1 
ATOM   289  C C   . VAL A 1 37  ? -0.800  -1.333  5.405   1.00 22.64 ? 36  VAL A C   1 
ATOM   290  O O   . VAL A 1 37  ? -0.116  -1.954  4.582   1.00 21.53 ? 36  VAL A O   1 
ATOM   291  C CB  . VAL A 1 37  ? 0.199   0.971   5.840   1.00 21.43 ? 36  VAL A CB  1 
ATOM   292  C CG1 . VAL A 1 37  ? 1.130   0.837   4.650   1.00 21.66 ? 36  VAL A CG1 1 
ATOM   293  C CG2 . VAL A 1 37  ? -1.060  1.743   5.459   1.00 21.39 ? 36  VAL A CG2 1 
ATOM   294  N N   . LEU A 1 38  ? -2.121  -1.434  5.459   1.00 22.89 ? 37  LEU A N   1 
ATOM   295  C CA  . LEU A 1 38  ? -2.890  -2.216  4.471   1.00 24.02 ? 37  LEU A CA  1 
ATOM   296  C C   . LEU A 1 38  ? -4.056  -1.371  3.948   1.00 23.14 ? 37  LEU A C   1 
ATOM   297  O O   . LEU A 1 38  ? -4.414  -0.374  4.596   1.00 22.18 ? 37  LEU A O   1 
ATOM   298  C CB  . LEU A 1 38  ? -3.518  -3.437  5.159   1.00 25.09 ? 37  LEU A CB  1 
ATOM   299  C CG  . LEU A 1 38  ? -2.663  -4.596  5.597   1.00 25.20 ? 37  LEU A CG  1 
ATOM   300  C CD1 . LEU A 1 38  ? -3.456  -5.397  6.597   1.00 25.73 ? 37  LEU A CD1 1 
ATOM   301  C CD2 . LEU A 1 38  ? -2.324  -5.451  4.395   1.00 25.88 ? 37  LEU A CD2 1 
ATOM   302  N N   . PRO A 1 39  ? -4.697  -1.792  2.831   1.00 21.88 ? 38  PRO A N   1 
ATOM   303  C CA  . PRO A 1 39  ? -5.963  -1.170  2.428   1.00 22.69 ? 38  PRO A CA  1 
ATOM   304  C C   . PRO A 1 39  ? -7.006  -1.421  3.488   1.00 24.45 ? 38  PRO A C   1 
ATOM   305  O O   . PRO A 1 39  ? -7.010  -2.479  4.123   1.00 25.80 ? 38  PRO A O   1 
ATOM   306  C CB  . PRO A 1 39  ? -6.354  -1.907  1.140   1.00 21.40 ? 38  PRO A CB  1 
ATOM   307  C CG  . PRO A 1 39  ? -5.073  -2.445  0.639   1.00 21.11 ? 38  PRO A CG  1 
ATOM   308  C CD  . PRO A 1 39  ? -4.284  -2.814  1.867   1.00 21.43 ? 38  PRO A CD  1 
ATOM   309  N N   . ARG A 1 40  ? -7.898  -0.464  3.680   1.00 26.50 ? 39  ARG A N   1 
ATOM   310  C CA  . ARG A 1 40  ? -8.877  -0.578  4.763   1.00 27.73 ? 39  ARG A CA  1 
ATOM   311  C C   . ARG A 1 40  ? -9.784  -1.807  4.558   1.00 28.44 ? 39  ARG A C   1 
ATOM   312  O O   . ARG A 1 40  ? -10.008 -2.578  5.504   1.00 28.77 ? 39  ARG A O   1 
ATOM   313  C CB  . ARG A 1 40  ? -9.678  0.711   4.936   1.00 27.66 ? 39  ARG A CB  1 
ATOM   314  C CG  . ARG A 1 40  ? -10.327 0.839   6.304   1.00 29.83 ? 39  ARG A CG  1 
ATOM   315  C CD  . ARG A 1 40  ? -11.662 1.561   6.187   1.00 32.94 ? 39  ARG A CD  1 
ATOM   316  N NE  . ARG A 1 40  ? -12.166 1.441   4.816   1.00 35.83 ? 39  ARG A NE  1 
ATOM   317  C CZ  . ARG A 1 40  ? -13.157 0.631   4.408   1.00 34.61 ? 39  ARG A CZ  1 
ATOM   318  N NH1 . ARG A 1 40  ? -13.808 -0.139  5.293   1.00 33.55 ? 39  ARG A NH1 1 
ATOM   319  N NH2 . ARG A 1 40  ? -13.499 0.611   3.099   1.00 30.90 ? 39  ARG A NH2 1 
ATOM   320  N N   . HIS A 1 41  ? -10.234 -2.011  3.314   1.00 28.31 ? 40  HIS A N   1 
ATOM   321  C CA  . HIS A 1 41  ? -11.236 -3.016  2.996   1.00 28.17 ? 40  HIS A CA  1 
ATOM   322  C C   . HIS A 1 41  ? -10.677 -4.406  3.140   1.00 28.22 ? 40  HIS A C   1 
ATOM   323  O O   . HIS A 1 41  ? -11.414 -5.396  3.102   1.00 28.64 ? 40  HIS A O   1 
ATOM   324  C CB  . HIS A 1 41  ? -11.817 -2.804  1.583   1.00 29.54 ? 40  HIS A CB  1 
ATOM   325  C CG  . HIS A 1 41  ? -10.848 -3.052  0.461   1.00 28.63 ? 40  HIS A CG  1 
ATOM   326  N ND1 . HIS A 1 41  ? -10.042 -2.059  -0.060  1.00 27.58 ? 40  HIS A ND1 1 
ATOM   327  C CD2 . HIS A 1 41  ? -10.593 -4.167  -0.266  1.00 27.21 ? 40  HIS A CD2 1 
ATOM   328  C CE1 . HIS A 1 41  ? -9.326  -2.554  -1.053  1.00 27.39 ? 40  HIS A CE1 1 
ATOM   329  N NE2 . HIS A 1 41  ? -9.636  -3.832  -1.194  1.00 27.58 ? 40  HIS A NE2 1 
ATOM   330  N N   . SER A 1 42  ? -9.363  -4.480  3.312   1.00 28.97 ? 41  SER A N   1 
ATOM   331  C CA  . SER A 1 42  ? -8.682  -5.743  3.588   1.00 27.74 ? 41  SER A CA  1 
ATOM   332  C C   . SER A 1 42  ? -9.202  -6.338  4.900   1.00 28.22 ? 41  SER A C   1 
ATOM   333  O O   . SER A 1 42  ? -9.138  -7.538  5.103   1.00 28.57 ? 41  SER A O   1 
ATOM   334  C CB  . SER A 1 42  ? -7.182  -5.526  3.606   1.00 25.95 ? 41  SER A CB  1 
ATOM   335  O OG  . SER A 1 42  ? -6.620  -6.023  4.766   1.00 28.22 ? 41  SER A OG  1 
ATOM   336  N N   . GLN A 1 43  ? -9.730  -5.484  5.780   1.00 28.65 ? 42  GLN A N   1 
ATOM   337  C CA  . GLN A 1 43  ? -10.438 -5.927  6.970   1.00 30.04 ? 42  GLN A CA  1 
ATOM   338  C C   . GLN A 1 43  ? -9.662  -6.871  7.864   1.00 32.14 ? 42  GLN A C   1 
ATOM   339  O O   . GLN A 1 43  ? -10.144 -7.964  8.208   1.00 33.10 ? 42  GLN A O   1 
ATOM   340  C CB  . GLN A 1 43  ? -11.723 -6.614  6.583   1.00 33.26 ? 42  GLN A CB  1 
ATOM   341  C CG  . GLN A 1 43  ? -13.012 -5.895  7.012   1.00 33.11 ? 42  GLN A CG  1 
ATOM   342  C CD  . GLN A 1 43  ? -14.173 -6.410  6.163   1.00 33.98 ? 42  GLN A CD  1 
ATOM   343  O OE1 . GLN A 1 43  ? -14.939 -7.310  6.586   1.00 33.00 ? 42  GLN A OE1 1 
ATOM   344  N NE2 . GLN A 1 43  ? -14.274 -5.881  4.931   1.00 31.93 ? 42  GLN A NE2 1 
ATOM   345  N N   . PRO A 1 44  ? -8.455  -6.456  8.258   1.00 33.08 ? 43  PRO A N   1 
ATOM   346  C CA  . PRO A 1 44  ? -7.634  -7.269  9.140   1.00 33.99 ? 43  PRO A CA  1 
ATOM   347  C C   . PRO A 1 44  ? -8.289  -7.489  10.498  1.00 32.75 ? 43  PRO A C   1 
ATOM   348  O O   . PRO A 1 44  ? -8.890  -6.584  11.042  1.00 32.92 ? 43  PRO A O   1 
ATOM   349  C CB  . PRO A 1 44  ? -6.367  -6.428  9.281   1.00 35.53 ? 43  PRO A CB  1 
ATOM   350  C CG  . PRO A 1 44  ? -6.820  -5.023  9.055   1.00 33.46 ? 43  PRO A CG  1 
ATOM   351  C CD  . PRO A 1 44  ? -7.891  -5.113  8.044   1.00 32.27 ? 43  PRO A CD  1 
ATOM   352  N N   . GLY A 1 45  ? -8.156  -8.702  11.031  1.00 34.91 ? 44  GLY A N   1 
ATOM   353  C CA  . GLY A 1 45  ? -8.778  -9.106  12.304  1.00 32.34 ? 44  GLY A CA  1 
ATOM   354  C C   . GLY A 1 45  ? -7.763  -9.040  13.425  1.00 31.54 ? 44  GLY A C   1 
ATOM   355  O O   . GLY A 1 45  ? -6.961  -8.097  13.495  1.00 31.51 ? 44  GLY A O   1 
ATOM   356  N N   . LYS A 1 46  ? -7.801  -10.029 14.312  1.00 30.25 ? 45  LYS A N   1 
ATOM   357  C CA  . LYS A 1 46  ? -6.929  -10.039 15.474  1.00 29.91 ? 45  LYS A CA  1 
ATOM   358  C C   . LYS A 1 46  ? -5.634  -10.676 15.096  1.00 28.58 ? 45  LYS A C   1 
ATOM   359  O O   . LYS A 1 46  ? -4.610  -10.476 15.745  1.00 29.66 ? 45  LYS A O   1 
ATOM   360  C CB  . LYS A 1 46  ? -7.567  -10.788 16.634  1.00 32.36 ? 45  LYS A CB  1 
ATOM   361  C CG  . LYS A 1 46  ? -8.828  -10.119 17.186  1.00 34.66 ? 45  LYS A CG  1 
ATOM   362  C CD  . LYS A 1 46  ? -8.509  -8.816  17.915  1.00 36.45 ? 45  LYS A CD  1 
ATOM   363  C CE  . LYS A 1 46  ? -9.733  -8.265  18.641  1.00 38.74 ? 45  LYS A CE  1 
ATOM   364  N NZ  . LYS A 1 46  ? -10.639 -7.440  17.781  1.00 39.47 ? 45  LYS A NZ  1 
ATOM   365  N N   . THR A 1 47  ? -5.666  -11.430 14.015  1.00 29.54 ? 46  THR A N   1 
ATOM   366  C CA  . THR A 1 47  ? -4.450  -12.053 13.472  1.00 29.42 ? 46  THR A CA  1 
ATOM   367  C C   . THR A 1 47  ? -4.387  -11.871 11.961  1.00 28.01 ? 46  THR A C   1 
ATOM   368  O O   . THR A 1 47  ? -5.417  -11.622 11.304  1.00 28.98 ? 46  THR A O   1 
ATOM   369  C CB  . THR A 1 47  ? -4.418  -13.559 13.771  1.00 29.17 ? 46  THR A CB  1 
ATOM   370  O OG1 . THR A 1 47  ? -5.739  -14.107 13.584  1.00 27.25 ? 46  THR A OG1 1 
ATOM   371  C CG2 . THR A 1 47  ? -3.895  -13.807 15.215  1.00 29.18 ? 46  THR A CG2 1 
ATOM   372  N N   . ILE A 1 48  ? -3.180  -11.975 11.422  1.00 25.35 ? 47  ILE A N   1 
ATOM   373  C CA  . ILE A 1 48  ? -3.001  -11.917 9.997   1.00 23.70 ? 47  ILE A CA  1 
ATOM   374  C C   . ILE A 1 48  ? -1.913  -12.881 9.564   1.00 24.63 ? 47  ILE A C   1 
ATOM   375  O O   . ILE A 1 48  ? -0.859  -12.965 10.175  1.00 24.73 ? 47  ILE A O   1 
ATOM   376  C CB  . ILE A 1 48  ? -2.703  -10.491 9.524   1.00 23.17 ? 47  ILE A CB  1 
ATOM   377  C CG1 . ILE A 1 48  ? -2.877  -10.410 7.989   1.00 23.62 ? 47  ILE A CG1 1 
ATOM   378  C CG2 . ILE A 1 48  ? -1.332  -10.052 9.995   1.00 22.64 ? 47  ILE A CG2 1 
ATOM   379  C CD1 . ILE A 1 48  ? -3.137  -9.021  7.445   1.00 23.13 ? 47  ILE A CD1 1 
ATOM   380  N N   . TRP A 1 49  ? -2.196  -13.633 8.509   1.00 26.65 ? 48  TRP A N   1 
ATOM   381  C CA  . TRP A 1 49  ? -1.200  -14.480 7.881   1.00 25.93 ? 48  TRP A CA  1 
ATOM   382  C C   . TRP A 1 49  ? -0.153  -13.639 7.191   1.00 24.75 ? 48  TRP A C   1 
ATOM   383  O O   . TRP A 1 49  ? -0.473  -12.859 6.299   1.00 27.07 ? 48  TRP A O   1 
ATOM   384  C CB  . TRP A 1 49  ? -1.862  -15.383 6.846   1.00 25.45 ? 48  TRP A CB  1 
ATOM   385  C CG  . TRP A 1 49  ? -0.892  -16.392 6.326   1.00 25.01 ? 48  TRP A CG  1 
ATOM   386  C CD1 . TRP A 1 49  ? -0.307  -16.402 5.100   1.00 25.27 ? 48  TRP A CD1 1 
ATOM   387  C CD2 . TRP A 1 49  ? -0.363  -17.533 7.031   1.00 26.21 ? 48  TRP A CD2 1 
ATOM   388  N NE1 . TRP A 1 49  ? 0.536   -17.487 4.972   1.00 25.38 ? 48  TRP A NE1 1 
ATOM   389  C CE2 . TRP A 1 49  ? 0.516   -18.203 6.138   1.00 27.27 ? 48  TRP A CE2 1 
ATOM   390  C CE3 . TRP A 1 49  ? -0.564  -18.073 8.325   1.00 26.85 ? 48  TRP A CE3 1 
ATOM   391  C CZ2 . TRP A 1 49  ? 1.211   -19.374 6.497   1.00 28.69 ? 48  TRP A CZ2 1 
ATOM   392  C CZ3 . TRP A 1 49  ? 0.115   -19.233 8.686   1.00 26.48 ? 48  TRP A CZ3 1 
ATOM   393  C CH2 . TRP A 1 49  ? 0.991   -19.871 7.774   1.00 29.74 ? 48  TRP A CH2 1 
ATOM   394  N N   . ILE A 1 50  ? 1.094   -13.774 7.597   1.00 23.77 ? 49  ILE A N   1 
ATOM   395  C CA  . ILE A 1 50  ? 2.171   -13.077 6.907   1.00 23.65 ? 49  ILE A CA  1 
ATOM   396  C C   . ILE A 1 50  ? 3.192   -14.083 6.410   1.00 24.25 ? 49  ILE A C   1 
ATOM   397  O O   . ILE A 1 50  ? 4.138   -14.452 7.127   1.00 22.35 ? 49  ILE A O   1 
ATOM   398  C CB  . ILE A 1 50  ? 2.846   -12.039 7.797   1.00 24.22 ? 49  ILE A CB  1 
ATOM   399  C CG1 . ILE A 1 50  ? 1.938   -10.837 7.987   1.00 24.09 ? 49  ILE A CG1 1 
ATOM   400  C CG2 . ILE A 1 50  ? 4.180   -11.592 7.202   1.00 26.08 ? 49  ILE A CG2 1 
ATOM   401  C CD1 . ILE A 1 50  ? 2.065   -10.218 9.364   1.00 23.73 ? 49  ILE A CD1 1 
ATOM   402  N N   . GLU A 1 51  ? 2.942   -14.534 5.181   1.00 26.80 ? 50  GLU A N   1 
ATOM   403  C CA  . GLU A 1 51  ? 3.849   -15.363 4.403   1.00 29.00 ? 50  GLU A CA  1 
ATOM   404  C C   . GLU A 1 51  ? 4.000   -16.794 4.877   1.00 29.95 ? 50  GLU A C   1 
ATOM   405  O O   . GLU A 1 51  ? 3.618   -17.715 4.200   1.00 29.95 ? 50  GLU A O   1 
ATOM   406  C CB  . GLU A 1 51  ? 5.202   -14.673 4.294   1.00 30.88 ? 50  GLU A CB  1 
ATOM   407  C CG  . GLU A 1 51  ? 5.536   -14.232 2.868   1.00 35.47 ? 50  GLU A CG  1 
ATOM   408  C CD  . GLU A 1 51  ? 6.413   -13.006 2.845   1.00 36.67 ? 50  GLU A CD  1 
ATOM   409  O OE1 . GLU A 1 51  ? 7.125   -12.768 3.831   1.00 40.85 ? 50  GLU A OE1 1 
ATOM   410  O OE2 . GLU A 1 51  ? 6.374   -12.265 1.854   1.00 37.96 ? 50  GLU A OE2 1 
ATOM   411  N N   . HIS A 1 52  ? 4.582   -16.981 6.041   1.00 36.35 ? 51  HIS A N   1 
ATOM   412  C CA  . HIS A 1 52  ? 4.832   -18.332 6.560   1.00 37.81 ? 51  HIS A CA  1 
ATOM   413  C C   . HIS A 1 52  ? 4.212   -18.554 7.931   1.00 33.03 ? 51  HIS A C   1 
ATOM   414  O O   . HIS A 1 52  ? 4.194   -19.679 8.419   1.00 33.58 ? 51  HIS A O   1 
ATOM   415  C CB  . HIS A 1 52  ? 6.337   -18.612 6.605   1.00 42.20 ? 51  HIS A CB  1 
ATOM   416  C CG  . HIS A 1 52  ? 7.113   -17.612 7.413   1.00 50.87 ? 51  HIS A CG  1 
ATOM   417  N ND1 . HIS A 1 52  ? 7.551   -16.409 6.892   1.00 53.65 ? 51  HIS A ND1 1 
ATOM   418  C CD2 . HIS A 1 52  ? 7.530   -17.637 8.706   1.00 54.76 ? 51  HIS A CD2 1 
ATOM   419  C CE1 . HIS A 1 52  ? 8.206   -15.741 7.827   1.00 56.23 ? 51  HIS A CE1 1 
ATOM   420  N NE2 . HIS A 1 52  ? 8.205   -16.462 8.937   1.00 56.48 ? 51  HIS A NE2 1 
ATOM   421  N N   . LYS A 1 53  ? 3.712   -17.491 8.555   1.00 29.86 ? 52  LYS A N   1 
ATOM   422  C CA  . LYS A 1 53  ? 3.128   -17.619 9.865   1.00 29.33 ? 52  LYS A CA  1 
ATOM   423  C C   . LYS A 1 53  ? 2.016   -16.635 10.131  1.00 26.47 ? 52  LYS A C   1 
ATOM   424  O O   . LYS A 1 53  ? 1.937   -15.595 9.509   1.00 27.91 ? 52  LYS A O   1 
ATOM   425  C CB  . LYS A 1 53  ? 4.197   -17.497 10.932  1.00 32.04 ? 52  LYS A CB  1 
ATOM   426  C CG  . LYS A 1 53  ? 4.681   -16.090 11.158  1.00 36.82 ? 52  LYS A CG  1 
ATOM   427  C CD  . LYS A 1 53  ? 5.905   -16.088 12.060  1.00 40.17 ? 52  LYS A CD  1 
ATOM   428  C CE  . LYS A 1 53  ? 6.808   -14.913 11.702  1.00 46.62 ? 52  LYS A CE  1 
ATOM   429  N NZ  . LYS A 1 53  ? 8.236   -15.197 12.036  1.00 50.51 ? 52  LYS A NZ  1 
ATOM   430  N N   . LEU A 1 54  ? 1.157   -16.983 11.086  1.00 23.81 ? 53  LEU A N   1 
ATOM   431  C CA  . LEU A 1 54  ? 0.077   -16.116 11.565  1.00 21.50 ? 53  LEU A CA  1 
ATOM   432  C C   . LEU A 1 54  ? 0.617   -15.142 12.621  1.00 19.99 ? 53  LEU A C   1 
ATOM   433  O O   . LEU A 1 54  ? 1.224   -15.529 13.620  1.00 17.60 ? 53  LEU A O   1 
ATOM   434  C CB  . LEU A 1 54  ? -1.036  -16.977 12.136  1.00 22.47 ? 53  LEU A CB  1 
ATOM   435  C CG  . LEU A 1 54  ? -2.364  -16.358 12.544  1.00 24.85 ? 53  LEU A CG  1 
ATOM   436  C CD1 . LEU A 1 54  ? -3.251  -16.199 11.330  1.00 26.52 ? 53  LEU A CD1 1 
ATOM   437  C CD2 . LEU A 1 54  ? -3.044  -17.229 13.582  1.00 25.63 ? 53  LEU A CD2 1 
ATOM   438  N N   . VAL A 1 55  ? 0.419   -13.862 12.377  1.00 19.29 ? 54  VAL A N   1 
ATOM   439  C CA  . VAL A 1 55  ? 1.027   -12.842 13.210  1.00 20.24 ? 54  VAL A CA  1 
ATOM   440  C C   . VAL A 1 55  ? -0.055  -12.106 13.957  1.00 21.35 ? 54  VAL A C   1 
ATOM   441  O O   . VAL A 1 55  ? -1.084  -11.727 13.397  1.00 21.63 ? 54  VAL A O   1 
ATOM   442  C CB  . VAL A 1 55  ? 1.863   -11.837 12.383  1.00 19.92 ? 54  VAL A CB  1 
ATOM   443  C CG1 . VAL A 1 55  ? 2.427   -10.740 13.261  1.00 18.95 ? 54  VAL A CG1 1 
ATOM   444  C CG2 . VAL A 1 55  ? 2.987   -12.571 11.640  1.00 19.70 ? 54  VAL A CG2 1 
ATOM   445  N N   . ASN A 1 56  ? 0.180   -11.922 15.241  1.00 22.71 ? 55  ASN A N   1 
ATOM   446  C CA  . ASN A 1 56  ? -0.759  -11.196 16.060  1.00 25.92 ? 55  ASN A CA  1 
ATOM   447  C C   . ASN A 1 56  ? -0.802  -9.713  15.688  1.00 23.23 ? 55  ASN A C   1 
ATOM   448  O O   . ASN A 1 56  ? 0.217   -9.109  15.493  1.00 22.17 ? 55  ASN A O   1 
ATOM   449  C CB  . ASN A 1 56  ? -0.317  -11.328 17.526  1.00 31.79 ? 55  ASN A CB  1 
ATOM   450  C CG  . ASN A 1 56  ? -1.441  -11.704 18.426  1.00 35.01 ? 55  ASN A CG  1 
ATOM   451  O OD1 . ASN A 1 56  ? -1.724  -11.036 19.443  1.00 34.74 ? 55  ASN A OD1 1 
ATOM   452  N ND2 . ASN A 1 56  ? -2.120  -12.786 18.031  1.00 37.36 ? 55  ASN A ND2 1 
ATOM   453  N N   . ILE A 1 57  ? -1.982  -9.137  15.629  1.00 23.27 ? 56  ILE A N   1 
ATOM   454  C CA  . ILE A 1 57  ? -2.085  -7.706  15.434  1.00 25.53 ? 56  ILE A CA  1 
ATOM   455  C C   . ILE A 1 57  ? -2.487  -7.067  16.757  1.00 27.10 ? 56  ILE A C   1 
ATOM   456  O O   . ILE A 1 57  ? -3.494  -7.442  17.358  1.00 29.68 ? 56  ILE A O   1 
ATOM   457  C CB  . ILE A 1 57  ? -3.115  -7.338  14.355  1.00 25.70 ? 56  ILE A CB  1 
ATOM   458  C CG1 . ILE A 1 57  ? -2.604  -7.770  12.975  1.00 25.96 ? 56  ILE A CG1 1 
ATOM   459  C CG2 . ILE A 1 57  ? -3.379  -5.837  14.356  1.00 24.89 ? 56  ILE A CG2 1 
ATOM   460  C CD1 . ILE A 1 57  ? -3.650  -7.669  11.892  1.00 25.85 ? 56  ILE A CD1 1 
ATOM   461  N N   . LEU A 1 58  ? -1.693  -6.109  17.217  1.00 26.81 ? 57  LEU A N   1 
ATOM   462  C CA  . LEU A 1 58  ? -1.959  -5.472  18.501  1.00 27.39 ? 57  LEU A CA  1 
ATOM   463  C C   . LEU A 1 58  ? -2.985  -4.315  18.391  1.00 30.08 ? 57  LEU A C   1 
ATOM   464  O O   . LEU A 1 58  ? -3.786  -4.107  19.284  1.00 29.99 ? 57  LEU A O   1 
ATOM   465  C CB  . LEU A 1 58  ? -0.645  -4.991  19.110  1.00 24.98 ? 57  LEU A CB  1 
ATOM   466  C CG  . LEU A 1 58  ? 0.368   -6.114  19.376  1.00 23.48 ? 57  LEU A CG  1 
ATOM   467  C CD1 . LEU A 1 58  ? 1.769   -5.558  19.701  1.00 21.82 ? 57  LEU A CD1 1 
ATOM   468  C CD2 . LEU A 1 58  ? -0.128  -7.062  20.477  1.00 22.92 ? 57  LEU A CD2 1 
ATOM   469  N N   . ASP A 1 59  ? -2.953  -3.590  17.283  1.00 32.66 ? 58  ASP A N   1 
ATOM   470  C CA  . ASP A 1 59  ? -3.698  -2.365  17.147  1.00 35.97 ? 58  ASP A CA  1 
ATOM   471  C C   . ASP A 1 59  ? -3.999  -2.127  15.679  1.00 34.74 ? 58  ASP A C   1 
ATOM   472  O O   . ASP A 1 59  ? -3.185  -2.442  14.808  1.00 35.47 ? 58  ASP A O   1 
ATOM   473  C CB  . ASP A 1 59  ? -2.851  -1.210  17.689  1.00 40.84 ? 58  ASP A CB  1 
ATOM   474  C CG  . ASP A 1 59  ? -3.696  -0.083  18.227  1.00 47.43 ? 58  ASP A CG  1 
ATOM   475  O OD1 . ASP A 1 59  ? -4.526  -0.360  19.119  1.00 56.83 ? 58  ASP A OD1 1 
ATOM   476  O OD2 . ASP A 1 59  ? -3.532  1.080   17.788  1.00 49.00 ? 58  ASP A OD2 1 
ATOM   477  N N   . ALA A 1 60  ? -5.173  -1.588  15.391  1.00 33.22 ? 59  ALA A N   1 
ATOM   478  C CA  . ALA A 1 60  ? -5.577  -1.385  13.996  1.00 33.08 ? 59  ALA A CA  1 
ATOM   479  C C   . ALA A 1 60  ? -6.317  -0.065  13.874  1.00 33.20 ? 59  ALA A C   1 
ATOM   480  O O   . ALA A 1 60  ? -7.333  0.133   14.494  1.00 32.56 ? 59  ALA A O   1 
ATOM   481  C CB  . ALA A 1 60  ? -6.423  -2.544  13.478  1.00 31.24 ? 59  ALA A CB  1 
ATOM   482  N N   . VAL A 1 61  ? -5.769  0.844   13.079  1.00 35.84 ? 60  VAL A N   1 
ATOM   483  C CA  . VAL A 1 61  ? -6.233  2.212   13.059  1.00 36.36 ? 60  VAL A CA  1 
ATOM   484  C C   . VAL A 1 61  ? -6.595  2.603   11.636  1.00 42.56 ? 60  VAL A C   1 
ATOM   485  O O   . VAL A 1 61  ? -5.712  2.739   10.768  1.00 38.76 ? 60  VAL A O   1 
ATOM   486  C CB  . VAL A 1 61  ? -5.167  3.171   13.582  1.00 33.21 ? 60  VAL A CB  1 
ATOM   487  C CG1 . VAL A 1 61  ? -5.591  4.617   13.360  1.00 33.94 ? 60  VAL A CG1 1 
ATOM   488  C CG2 . VAL A 1 61  ? -4.902  2.891   15.039  1.00 32.81 ? 60  VAL A CG2 1 
ATOM   489  N N   . GLU A 1 62  ? -7.906  2.800   11.437  1.00 47.69 ? 61  GLU A N   1 
ATOM   490  C CA  . GLU A 1 62  ? -8.484  3.120   10.117  1.00 46.99 ? 61  GLU A CA  1 
ATOM   491  C C   . GLU A 1 62  ? -8.468  4.635   9.960   1.00 46.99 ? 61  GLU A C   1 
ATOM   492  O O   . GLU A 1 62  ? -8.964  5.344   10.841  1.00 54.90 ? 61  GLU A O   1 
ATOM   493  C CB  . GLU A 1 62  ? -9.911  2.566   9.998   1.00 43.84 ? 61  GLU A CB  1 
ATOM   494  C CG  . GLU A 1 62  ? -10.165 1.279   10.786  1.00 41.32 ? 61  GLU A CG  1 
ATOM   495  C CD  . GLU A 1 62  ? -11.191 0.388   10.095  1.00 42.90 ? 61  GLU A CD  1 
ATOM   496  O OE1 . GLU A 1 62  ? -12.267 0.914   9.664   1.00 44.46 ? 61  GLU A OE1 1 
ATOM   497  O OE2 . GLU A 1 62  ? -10.921 -0.830  9.957   1.00 36.02 ? 61  GLU A OE2 1 
ATOM   498  N N   . LEU A 1 63  ? -7.896  5.143   8.867   1.00 44.55 ? 62  LEU A N   1 
ATOM   499  C CA  . LEU A 1 63  ? -7.590  6.582   8.776   1.00 41.12 ? 62  LEU A CA  1 
ATOM   500  C C   . LEU A 1 63  ? -8.662  7.401   8.087   1.00 41.40 ? 62  LEU A C   1 
ATOM   501  O O   . LEU A 1 63  ? -9.149  7.050   7.002   1.00 40.46 ? 62  LEU A O   1 
ATOM   502  C CB  . LEU A 1 63  ? -6.251  6.837   8.064   1.00 40.16 ? 62  LEU A CB  1 
ATOM   503  C CG  . LEU A 1 63  ? -4.980  6.381   8.755   1.00 40.56 ? 62  LEU A CG  1 
ATOM   504  C CD1 . LEU A 1 63  ? -3.800  6.881   7.950   1.00 41.64 ? 62  LEU A CD1 1 
ATOM   505  C CD2 . LEU A 1 63  ? -4.924  6.910   10.180  1.00 42.54 ? 62  LEU A CD2 1 
ATOM   506  N N   . VAL A 1 64  ? -8.969  8.542   8.706   1.00 42.45 ? 63  VAL A N   1 
ATOM   507  C CA  . VAL A 1 64  ? -10.000 9.444   8.208   1.00 43.49 ? 63  VAL A CA  1 
ATOM   508  C C   . VAL A 1 64  ? -9.429  10.831  8.035   1.00 44.91 ? 63  VAL A C   1 
ATOM   509  O O   . VAL A 1 64  ? -8.538  11.227  8.782   1.00 48.76 ? 63  VAL A O   1 
ATOM   510  C CB  . VAL A 1 64  ? -11.187 9.517   9.191   1.00 43.26 ? 63  VAL A CB  1 
ATOM   511  C CG1 . VAL A 1 64  ? -11.957 8.206   9.206   1.00 41.68 ? 63  VAL A CG1 1 
ATOM   512  C CG2 . VAL A 1 64  ? -10.702 9.880   10.596  1.00 41.34 ? 63  VAL A CG2 1 
ATOM   513  N N   . ASP A 1 65  ? -9.935  11.564  7.046   1.00 47.99 ? 64  ASP A N   1 
ATOM   514  C CA  . ASP A 1 65  ? -9.508  12.958  6.826   1.00 52.35 ? 64  ASP A CA  1 
ATOM   515  C C   . ASP A 1 65  ? -10.246 13.956  7.734   1.00 56.54 ? 64  ASP A C   1 
ATOM   516  O O   . ASP A 1 65  ? -11.192 13.586  8.430   1.00 58.87 ? 64  ASP A O   1 
ATOM   517  C CB  . ASP A 1 65  ? -9.601  13.350  5.341   1.00 51.86 ? 64  ASP A CB  1 
ATOM   518  C CG  . ASP A 1 65  ? -10.999 13.674  4.903   1.00 50.95 ? 64  ASP A CG  1 
ATOM   519  O OD1 . ASP A 1 65  ? -11.924 13.517  5.720   1.00 49.98 ? 64  ASP A OD1 1 
ATOM   520  O OD2 . ASP A 1 65  ? -11.158 14.098  3.741   1.00 49.58 ? 64  ASP A OD2 1 
ATOM   521  N N   . GLU A 1 66  ? -9.786  15.210  7.728   1.00 61.15 ? 65  GLU A N   1 
ATOM   522  C CA  . GLU A 1 66  ? -10.218 16.213  8.712   1.00 63.83 ? 65  GLU A CA  1 
ATOM   523  C C   . GLU A 1 66  ? -11.722 16.287  8.863   1.00 62.82 ? 65  GLU A C   1 
ATOM   524  O O   . GLU A 1 66  ? -12.223 16.618  9.939   1.00 59.06 ? 65  GLU A O   1 
ATOM   525  C CB  . GLU A 1 66  ? -9.689  17.624  8.360   1.00 67.04 ? 65  GLU A CB  1 
ATOM   526  C CG  . GLU A 1 66  ? -8.477  18.084  9.152   1.00 70.25 ? 65  GLU A CG  1 
ATOM   527  C CD  . GLU A 1 66  ? -8.665  18.107  10.670  1.00 80.11 ? 65  GLU A CD  1 
ATOM   528  O OE1 . GLU A 1 66  ? -9.761  17.768  11.200  1.00 89.73 ? 65  GLU A OE1 1 
ATOM   529  O OE2 . GLU A 1 66  ? -7.671  18.481  11.350  1.00 79.09 ? 65  GLU A OE2 1 
ATOM   530  N N   . GLN A 1 67  ? -12.416 15.958  7.774   1.00 62.07 ? 66  GLN A N   1 
ATOM   531  C CA  . GLN A 1 67  ? -13.865 15.987  7.701   1.00 63.19 ? 66  GLN A CA  1 
ATOM   532  C C   . GLN A 1 67  ? -14.421 14.611  8.045   1.00 58.32 ? 66  GLN A C   1 
ATOM   533  O O   . GLN A 1 67  ? -15.532 14.247  7.627   1.00 57.68 ? 66  GLN A O   1 
ATOM   534  C CB  . GLN A 1 67  ? -14.330 16.328  6.280   1.00 68.61 ? 66  GLN A CB  1 
ATOM   535  C CG  . GLN A 1 67  ? -13.380 17.169  5.446   1.00 72.77 ? 66  GLN A CG  1 
ATOM   536  C CD  . GLN A 1 67  ? -13.649 17.051  3.945   1.00 73.32 ? 66  GLN A CD  1 
ATOM   537  O OE1 . GLN A 1 67  ? -14.694 16.544  3.499   1.00 62.91 ? 66  GLN A OE1 1 
ATOM   538  N NE2 . GLN A 1 67  ? -12.691 17.527  3.152   1.00 76.87 ? 66  GLN A NE2 1 
ATOM   539  N N   . GLY A 1 68  ? -13.628 13.822  8.758   1.00 55.66 ? 67  GLY A N   1 
ATOM   540  C CA  . GLY A 1 68  ? -14.030 12.463  9.139   1.00 50.42 ? 67  GLY A CA  1 
ATOM   541  C C   . GLY A 1 68  ? -14.251 11.430  8.048   1.00 46.73 ? 67  GLY A C   1 
ATOM   542  O O   . GLY A 1 68  ? -14.857 10.386  8.326   1.00 44.37 ? 67  GLY A O   1 
ATOM   543  N N   . VAL A 1 69  ? -13.750 11.693  6.833   1.00 43.17 ? 68  VAL A N   1 
ATOM   544  C CA  . VAL A 1 69  ? -13.934 10.792  5.664   1.00 40.85 ? 68  VAL A CA  1 
ATOM   545  C C   . VAL A 1 69  ? -12.803 9.753   5.475   1.00 40.62 ? 68  VAL A C   1 
ATOM   546  O O   . VAL A 1 69  ? -11.668 9.945   5.913   1.00 43.60 ? 68  VAL A O   1 
ATOM   547  C CB  . VAL A 1 69  ? -14.174 11.596  4.358   1.00 41.25 ? 68  VAL A CB  1 
ATOM   548  C CG1 . VAL A 1 69  ? -14.125 10.728  3.100   1.00 42.24 ? 68  VAL A CG1 1 
ATOM   549  C CG2 . VAL A 1 69  ? -15.543 12.256  4.422   1.00 43.02 ? 68  VAL A CG2 1 
ATOM   550  N N   . ASN A 1 70  ? -13.165 8.643   4.835   1.00 36.99 ? 69  ASN A N   1 
ATOM   551  C CA  . ASN A 1 70  ? -12.285 7.506   4.572   1.00 35.36 ? 69  ASN A CA  1 
ATOM   552  C C   . ASN A 1 70  ? -11.034 7.836   3.764   1.00 34.90 ? 69  ASN A C   1 
ATOM   553  O O   . ASN A 1 70  ? -11.094 8.541   2.762   1.00 33.12 ? 69  ASN A O   1 
ATOM   554  C CB  . ASN A 1 70  ? -13.079 6.422   3.831   1.00 36.52 ? 69  ASN A CB  1 
ATOM   555  C CG  . ASN A 1 70  ? -12.298 5.139   3.623   1.00 37.44 ? 69  ASN A CG  1 
ATOM   556  O OD1 . ASN A 1 70  ? -11.646 4.627   4.550   1.00 39.64 ? 69  ASN A OD1 1 
ATOM   557  N ND2 . ASN A 1 70  ? -12.379 4.590   2.404   1.00 34.82 ? 69  ASN A ND2 1 
ATOM   558  N N   . LEU A 1 71  ? -9.891  7.336   4.237   1.00 34.02 ? 70  LEU A N   1 
ATOM   559  C CA  . LEU A 1 71  ? -8.635  7.390   3.483   1.00 30.32 ? 70  LEU A CA  1 
ATOM   560  C C   . LEU A 1 71  ? -8.266  6.033   2.896   1.00 28.98 ? 70  LEU A C   1 
ATOM   561  O O   . LEU A 1 71  ? -7.407  5.954   2.033   1.00 31.54 ? 70  LEU A O   1 
ATOM   562  C CB  . LEU A 1 71  ? -7.511  7.903   4.367   1.00 30.19 ? 70  LEU A CB  1 
ATOM   563  C CG  . LEU A 1 71  ? -7.644  9.322   4.902   1.00 30.12 ? 70  LEU A CG  1 
ATOM   564  C CD1 . LEU A 1 71  ? -6.394  9.737   5.647   1.00 29.21 ? 70  LEU A CD1 1 
ATOM   565  C CD2 . LEU A 1 71  ? -7.928  10.283  3.777   1.00 32.20 ? 70  LEU A CD2 1 
ATOM   566  N N   . GLU A 1 72  ? -8.931  4.972   3.338   1.00 28.19 ? 71  GLU A N   1 
ATOM   567  C CA  . GLU A 1 72  ? -8.722  3.626   2.798   1.00 27.45 ? 71  GLU A CA  1 
ATOM   568  C C   . GLU A 1 72  ? -7.424  2.938   3.240   1.00 26.28 ? 71  GLU A C   1 
ATOM   569  O O   . GLU A 1 72  ? -6.964  1.998   2.599   1.00 26.30 ? 71  GLU A O   1 
ATOM   570  C CB  . GLU A 1 72  ? -8.798  3.646   1.270   1.00 28.55 ? 71  GLU A CB  1 
ATOM   571  C CG  . GLU A 1 72  ? -9.025  2.285   0.619   1.00 29.36 ? 71  GLU A CG  1 
ATOM   572  C CD  . GLU A 1 72  ? -10.114 1.472   1.319   1.00 30.31 ? 71  GLU A CD  1 
ATOM   573  O OE1 . GLU A 1 72  ? -11.030 2.084   1.928   1.00 31.75 ? 71  GLU A OE1 1 
ATOM   574  O OE2 . GLU A 1 72  ? -10.054 0.228   1.256   1.00 27.53 ? 71  GLU A OE2 1 
ATOM   575  N N   . LEU A 1 73  ? -6.846  3.398   4.346   1.00 24.33 ? 72  LEU A N   1 
ATOM   576  C CA  . LEU A 1 73  ? -5.630  2.814   4.872   1.00 22.64 ? 72  LEU A CA  1 
ATOM   577  C C   . LEU A 1 73  ? -5.797  2.430   6.339   1.00 23.62 ? 72  LEU A C   1 
ATOM   578  O O   . LEU A 1 73  ? -6.341  3.196   7.129   1.00 23.98 ? 72  LEU A O   1 
ATOM   579  C CB  . LEU A 1 73  ? -4.470  3.796   4.732   1.00 22.32 ? 72  LEU A CB  1 
ATOM   580  C CG  . LEU A 1 73  ? -4.190  4.404   3.356   1.00 22.77 ? 72  LEU A CG  1 
ATOM   581  C CD1 . LEU A 1 73  ? -3.348  5.649   3.461   1.00 23.43 ? 72  LEU A CD1 1 
ATOM   582  C CD2 . LEU A 1 73  ? -3.454  3.426   2.474   1.00 24.33 ? 72  LEU A CD2 1 
ATOM   583  N N   . THR A 1 74  ? -5.328  1.236   6.709   1.00 24.10 ? 73  THR A N   1 
ATOM   584  C CA  . THR A 1 74  ? -5.289  0.833   8.103   1.00 23.46 ? 73  THR A CA  1 
ATOM   585  C C   . THR A 1 74  ? -3.847  0.697   8.498   1.00 25.09 ? 73  THR A C   1 
ATOM   586  O O   . THR A 1 74  ? -3.070  0.019   7.830   1.00 26.41 ? 73  THR A O   1 
ATOM   587  C CB  . THR A 1 74  ? -5.949  -0.517  8.367   1.00 23.12 ? 73  THR A CB  1 
ATOM   588  O OG1 . THR A 1 74  ? -7.334  -0.442  8.009   1.00 24.43 ? 73  THR A OG1 1 
ATOM   589  C CG2 . THR A 1 74  ? -5.858  -0.878  9.843   1.00 22.11 ? 73  THR A CG2 1 
ATOM   590  N N   . LEU A 1 75  ? -3.503  1.353   9.594   1.00 25.92 ? 74  LEU A N   1 
ATOM   591  C CA  . LEU A 1 75  ? -2.227  1.166   10.224  1.00 26.00 ? 74  LEU A CA  1 
ATOM   592  C C   . LEU A 1 75  ? -2.311  0.001   11.225  1.00 26.52 ? 74  LEU A C   1 
ATOM   593  O O   . LEU A 1 75  ? -2.980  0.099   12.263  1.00 25.59 ? 74  LEU A O   1 
ATOM   594  C CB  . LEU A 1 75  ? -1.826  2.437   10.954  1.00 27.06 ? 74  LEU A CB  1 
ATOM   595  C CG  . LEU A 1 75  ? -1.066  3.533   10.212  1.00 27.60 ? 74  LEU A CG  1 
ATOM   596  C CD1 . LEU A 1 75  ? -1.455  3.703   8.735   1.00 27.93 ? 74  LEU A CD1 1 
ATOM   597  C CD2 . LEU A 1 75  ? -1.286  4.793   11.045  1.00 28.16 ? 74  LEU A CD2 1 
ATOM   598  N N   . ILE A 1 76  ? -1.637  -1.105  10.910  1.00 26.03 ? 75  ILE A N   1 
ATOM   599  C CA  . ILE A 1 76  ? -1.621  -2.226  11.844  1.00 25.90 ? 75  ILE A CA  1 
ATOM   600  C C   . ILE A 1 76  ? -0.311  -2.308  12.617  1.00 24.47 ? 75  ILE A C   1 
ATOM   601  O O   . ILE A 1 76  ? 0.746   -2.102  12.071  1.00 24.15 ? 75  ILE A O   1 
ATOM   602  C CB  . ILE A 1 76  ? -1.961  -3.567  11.187  1.00 25.87 ? 75  ILE A CB  1 
ATOM   603  C CG1 . ILE A 1 76  ? -0.957  -3.932  10.126  1.00 27.86 ? 75  ILE A CG1 1 
ATOM   604  C CG2 . ILE A 1 76  ? -3.347  -3.495  10.589  1.00 27.25 ? 75  ILE A CG2 1 
ATOM   605  C CD1 . ILE A 1 76  ? -1.087  -5.378  9.653   1.00 28.16 ? 75  ILE A CD1 1 
ATOM   606  N N   . THR A 1 77  ? -0.408  -2.541  13.918  1.00 23.47 ? 76  THR A N   1 
ATOM   607  C CA  . THR A 1 77  ? 0.790   -2.712  14.726  1.00 23.39 ? 76  THR A CA  1 
ATOM   608  C C   . THR A 1 77  ? 0.871   -4.182  15.079  1.00 23.23 ? 76  THR A C   1 
ATOM   609  O O   . THR A 1 77  ? -0.116  -4.755  15.545  1.00 22.72 ? 76  THR A O   1 
ATOM   610  C CB  . THR A 1 77  ? 0.856   -1.784  15.978  1.00 22.57 ? 76  THR A CB  1 
ATOM   611  O OG1 . THR A 1 77  ? 1.107   -0.430  15.556  1.00 21.74 ? 76  THR A OG1 1 
ATOM   612  C CG2 . THR A 1 77  ? 1.987   -2.221  16.906  1.00 21.24 ? 76  THR A CG2 1 
ATOM   613  N N   . LEU A 1 78  ? 2.039   -4.776  14.817  1.00 22.92 ? 77  LEU A N   1 
ATOM   614  C CA  . LEU A 1 78  ? 2.210   -6.229  14.847  1.00 24.62 ? 77  LEU A CA  1 
ATOM   615  C C   . LEU A 1 78  ? 3.018   -6.754  16.036  1.00 25.50 ? 77  LEU A C   1 
ATOM   616  O O   . LEU A 1 78  ? 3.943   -6.116  16.532  1.00 24.86 ? 77  LEU A O   1 
ATOM   617  C CB  . LEU A 1 78  ? 2.891   -6.696  13.565  1.00 26.29 ? 77  LEU A CB  1 
ATOM   618  C CG  . LEU A 1 78  ? 2.242   -6.273  12.246  1.00 27.40 ? 77  LEU A CG  1 
ATOM   619  C CD1 . LEU A 1 78  ? 3.096   -6.753  11.081  1.00 26.66 ? 77  LEU A CD1 1 
ATOM   620  C CD2 . LEU A 1 78  ? 0.831   -6.845  12.175  1.00 27.85 ? 77  LEU A CD2 1 
ATOM   621  N N   . ASP A 1 79  ? 2.636   -7.934  16.500  1.00 27.29 ? 78  ASP A N   1 
ATOM   622  C CA  . ASP A 1 79  ? 3.368   -8.644  17.534  1.00 27.53 ? 78  ASP A CA  1 
ATOM   623  C C   . ASP A 1 79  ? 4.402   -9.509  16.818  1.00 27.27 ? 78  ASP A C   1 
ATOM   624  O O   . ASP A 1 79  ? 4.227   -10.716 16.652  1.00 24.43 ? 78  ASP A O   1 
ATOM   625  C CB  . ASP A 1 79  ? 2.418   -9.508  18.356  1.00 26.60 ? 78  ASP A CB  1 
ATOM   626  C CG  . ASP A 1 79  ? 3.127   -10.203 19.519  1.00 26.75 ? 78  ASP A CG  1 
ATOM   627  O OD1 . ASP A 1 79  ? 4.179   -9.656  19.994  1.00 24.53 ? 78  ASP A OD1 1 
ATOM   628  O OD2 . ASP A 1 79  ? 2.633   -11.299 19.930  1.00 24.19 ? 78  ASP A OD2 1 
ATOM   629  N N   . THR A 1 80  ? 5.480   -8.870  16.392  1.00 27.98 ? 79  THR A N   1 
ATOM   630  C CA  . THR A 1 80  ? 6.511   -9.541  15.641  1.00 29.86 ? 79  THR A CA  1 
ATOM   631  C C   . THR A 1 80  ? 7.846   -9.284  16.308  1.00 31.35 ? 79  THR A C   1 
ATOM   632  O O   . THR A 1 80  ? 8.017   -8.281  16.975  1.00 33.56 ? 79  THR A O   1 
ATOM   633  C CB  . THR A 1 80  ? 6.529   -9.053  14.185  1.00 29.52 ? 79  THR A CB  1 
ATOM   634  O OG1 . THR A 1 80  ? 7.534   -9.778  13.457  1.00 30.64 ? 79  THR A OG1 1 
ATOM   635  C CG2 . THR A 1 80  ? 6.826   -7.553  14.111  1.00 27.62 ? 79  THR A CG2 1 
ATOM   636  N N   . ASN A 1 81  ? 8.787   -10.202 16.135  1.00 36.73 ? 80  ASN A N   1 
ATOM   637  C CA  . ASN A 1 81  ? 10.066  -10.101 16.819  1.00 41.86 ? 80  ASN A CA  1 
ATOM   638  C C   . ASN A 1 81  ? 10.912  -8.917  16.383  1.00 46.08 ? 80  ASN A C   1 
ATOM   639  O O   . ASN A 1 81  ? 11.476  -8.217  17.258  1.00 51.37 ? 80  ASN A O   1 
ATOM   640  C CB  . ASN A 1 81  ? 10.874  -11.392 16.668  1.00 43.46 ? 80  ASN A CB  1 
ATOM   641  C CG  . ASN A 1 81  ? 10.120  -12.612 17.167  1.00 45.45 ? 80  ASN A CG  1 
ATOM   642  O OD1 . ASN A 1 81  ? 9.076   -12.996 16.588  1.00 47.03 ? 80  ASN A OD1 1 
ATOM   643  N ND2 . ASN A 1 81  ? 10.625  -13.230 18.244  1.00 40.30 ? 80  ASN A ND2 1 
ATOM   644  N N   . GLU A 1 82  ? 11.013  -8.671  15.071  1.00 46.25 ? 81  GLU A N   1 
ATOM   645  C CA  . GLU A 1 82  ? 11.997  -7.688  14.603  1.00 50.52 ? 81  GLU A CA  1 
ATOM   646  C C   . GLU A 1 82  ? 11.409  -6.518  13.783  1.00 44.65 ? 81  GLU A C   1 
ATOM   647  O O   . GLU A 1 82  ? 10.441  -6.674  13.067  1.00 43.15 ? 81  GLU A O   1 
ATOM   648  C CB  . GLU A 1 82  ? 13.107  -8.385  13.832  1.00 53.98 ? 81  GLU A CB  1 
ATOM   649  C CG  . GLU A 1 82  ? 14.529  -7.904  14.203  1.00 53.40 ? 81  GLU A CG  1 
ATOM   650  C CD  . GLU A 1 82  ? 14.916  -8.254  15.610  1.00 53.97 ? 81  GLU A CD  1 
ATOM   651  O OE1 . GLU A 1 82  ? 14.057  -8.752  16.345  1.00 51.69 ? 81  GLU A OE1 1 
ATOM   652  O OE2 . GLU A 1 82  ? 16.091  -8.041  15.989  1.00 55.46 ? 81  GLU A OE2 1 
ATOM   653  N N   . LYS A 1 83  ? 12.060  -5.367  13.900  1.00 41.96 ? 82  LYS A N   1 
ATOM   654  C CA  . LYS A 1 83  ? 11.664  -4.125  13.266  1.00 40.81 ? 82  LYS A CA  1 
ATOM   655  C C   . LYS A 1 83  ? 11.777  -4.125  11.739  1.00 36.00 ? 82  LYS A C   1 
ATOM   656  O O   . LYS A 1 83  ? 12.726  -4.661  11.169  1.00 34.86 ? 82  LYS A O   1 
ATOM   657  C CB  . LYS A 1 83  ? 12.533  -2.969  13.789  1.00 43.60 ? 82  LYS A CB  1 
ATOM   658  C CG  . LYS A 1 83  ? 12.777  -2.988  15.290  1.00 49.41 ? 82  LYS A CG  1 
ATOM   659  C CD  . LYS A 1 83  ? 13.441  -1.698  15.772  1.00 52.71 ? 82  LYS A CD  1 
ATOM   660  C CE  . LYS A 1 83  ? 12.672  -1.053  16.929  1.00 55.38 ? 82  LYS A CE  1 
ATOM   661  N NZ  . LYS A 1 83  ? 11.825  0.091   16.535  1.00 59.52 ? 82  LYS A NZ  1 
ATOM   662  N N   . PHE A 1 84  ? 10.805  -3.485  11.092  1.00 31.52 ? 83  PHE A N   1 
ATOM   663  C CA  . PHE A 1 84  ? 10.852  -3.237  9.658   1.00 28.52 ? 83  PHE A CA  1 
ATOM   664  C C   . PHE A 1 84  ? 11.925  -2.189  9.395   1.00 27.77 ? 83  PHE A C   1 
ATOM   665  O O   . PHE A 1 84  ? 12.204  -1.355  10.254  1.00 29.37 ? 83  PHE A O   1 
ATOM   666  C CB  . PHE A 1 84  ? 9.531   -2.661  9.145   1.00 28.53 ? 83  PHE A CB  1 
ATOM   667  C CG  . PHE A 1 84  ? 8.418   -3.659  9.014   1.00 26.00 ? 83  PHE A CG  1 
ATOM   668  C CD1 . PHE A 1 84  ? 8.513   -4.698  8.125   1.00 24.96 ? 83  PHE A CD1 1 
ATOM   669  C CD2 . PHE A 1 84  ? 7.243   -3.497  9.739   1.00 25.06 ? 83  PHE A CD2 1 
ATOM   670  C CE1 . PHE A 1 84  ? 7.457   -5.598  7.987   1.00 25.66 ? 83  PHE A CE1 1 
ATOM   671  C CE2 . PHE A 1 84  ? 6.185   -4.380  9.606   1.00 25.79 ? 83  PHE A CE2 1 
ATOM   672  C CZ  . PHE A 1 84  ? 6.291   -5.442  8.726   1.00 25.75 ? 83  PHE A CZ  1 
ATOM   673  N N   . ARG A 1 85  ? 12.517  -2.221  8.203   1.00 25.52 ? 84  ARG A N   1 
ATOM   674  C CA  . ARG A 1 85  ? 13.489  -1.227  7.842   1.00 24.19 ? 84  ARG A CA  1 
ATOM   675  C C   . ARG A 1 85  ? 12.767  0.090   7.715   1.00 24.88 ? 84  ARG A C   1 
ATOM   676  O O   . ARG A 1 85  ? 11.656  0.181   7.166   1.00 23.64 ? 84  ARG A O   1 
ATOM   677  C CB  . ARG A 1 85  ? 14.208  -1.556  6.539   1.00 25.57 ? 84  ARG A CB  1 
ATOM   678  C CG  . ARG A 1 85  ? 14.863  -0.313  5.918   1.00 26.68 ? 84  ARG A CG  1 
ATOM   679  C CD  . ARG A 1 85  ? 15.441  -0.563  4.562   1.00 28.23 ? 84  ARG A CD  1 
ATOM   680  N NE  . ARG A 1 85  ? 14.408  -0.730  3.540   1.00 31.68 ? 84  ARG A NE  1 
ATOM   681  C CZ  . ARG A 1 85  ? 14.641  -0.667  2.226   1.00 32.57 ? 84  ARG A CZ  1 
ATOM   682  N NH1 . ARG A 1 85  ? 15.868  -0.423  1.758   1.00 33.07 ? 84  ARG A NH1 1 
ATOM   683  N NH2 . ARG A 1 85  ? 13.646  -0.832  1.374   1.00 32.55 ? 84  ARG A NH2 1 
ATOM   684  N N   . ASP A 1 86  ? 13.401  1.141   8.201   1.00 25.62 ? 85  ASP A N   1 
ATOM   685  C CA  . ASP A 1 86  ? 12.711  2.432   8.205   1.00 26.53 ? 85  ASP A CA  1 
ATOM   686  C C   . ASP A 1 86  ? 12.699  3.051   6.815   1.00 26.02 ? 85  ASP A C   1 
ATOM   687  O O   . ASP A 1 86  ? 13.739  3.372   6.271   1.00 28.93 ? 85  ASP A O   1 
ATOM   688  C CB  . ASP A 1 86  ? 13.325  3.361   9.241   1.00 25.22 ? 85  ASP A CB  1 
ATOM   689  C CG  . ASP A 1 86  ? 12.403  4.454   9.636   1.00 24.04 ? 85  ASP A CG  1 
ATOM   690  O OD1 . ASP A 1 86  ? 11.527  4.802   8.820   1.00 21.92 ? 85  ASP A OD1 1 
ATOM   691  O OD2 . ASP A 1 86  ? 12.586  4.967   10.758  1.00 24.14 ? 85  ASP A OD2 1 
ATOM   692  N N   . ILE A 1 87  ? 11.513  3.184   6.240   1.00 26.11 ? 86  ILE A N   1 
ATOM   693  C CA  . ILE A 1 87  ? 11.349  3.739   4.864   1.00 25.25 ? 86  ILE A CA  1 
ATOM   694  C C   . ILE A 1 87  ? 10.485  4.980   4.844   1.00 22.86 ? 86  ILE A C   1 
ATOM   695  O O   . ILE A 1 87  ? 10.132  5.463   3.788   1.00 22.80 ? 86  ILE A O   1 
ATOM   696  C CB  . ILE A 1 87  ? 10.793  2.712   3.843   1.00 25.01 ? 86  ILE A CB  1 
ATOM   697  C CG1 . ILE A 1 87  ? 9.542   2.023   4.396   1.00 26.33 ? 86  ILE A CG1 1 
ATOM   698  C CG2 . ILE A 1 87  ? 11.864  1.674   3.545   1.00 26.09 ? 86  ILE A CG2 1 
ATOM   699  C CD1 . ILE A 1 87  ? 8.372   2.051   3.454   1.00 27.49 ? 86  ILE A CD1 1 
ATOM   700  N N   . THR A 1 88  ? 10.244  5.538   6.020   1.00 22.52 ? 87  THR A N   1 
ATOM   701  C CA  . THR A 1 88  ? 9.458   6.758   6.200   1.00 22.11 ? 87  THR A CA  1 
ATOM   702  C C   . THR A 1 88  ? 10.066  7.937   5.454   1.00 22.29 ? 87  THR A C   1 
ATOM   703  O O   . THR A 1 88  ? 9.354   8.800   4.989   1.00 22.17 ? 87  THR A O   1 
ATOM   704  C CB  . THR A 1 88  ? 9.373   7.118   7.704   1.00 21.89 ? 87  THR A CB  1 
ATOM   705  O OG1 . THR A 1 88  ? 10.431  6.470   8.428   1.00 22.71 ? 87  THR A OG1 1 
ATOM   706  C CG2 . THR A 1 88  ? 8.081   6.633   8.289   1.00 22.12 ? 87  THR A CG2 1 
ATOM   707  N N   . LYS A 1 89  ? 11.386  7.963   5.367   1.00 24.06 ? 88  LYS A N   1 
ATOM   708  C CA  . LYS A 1 89  ? 12.120  8.989   4.624   1.00 26.21 ? 88  LYS A CA  1 
ATOM   709  C C   . LYS A 1 89  ? 11.840  8.976   3.106   1.00 24.91 ? 88  LYS A C   1 
ATOM   710  O O   . LYS A 1 89  ? 11.869  10.016  2.460   1.00 22.01 ? 88  LYS A O   1 
ATOM   711  C CB  . LYS A 1 89  ? 13.630  8.836   4.852   1.00 29.70 ? 88  LYS A CB  1 
ATOM   712  C CG  . LYS A 1 89  ? 14.364  8.155   3.686   1.00 32.82 ? 88  LYS A CG  1 
ATOM   713  C CD  . LYS A 1 89  ? 14.920  6.785   4.040   1.00 33.05 ? 88  LYS A CD  1 
ATOM   714  C CE  . LYS A 1 89  ? 16.388  6.926   4.366   1.00 34.09 ? 88  LYS A CE  1 
ATOM   715  N NZ  . LYS A 1 89  ? 16.806  5.965   5.410   1.00 35.37 ? 88  LYS A NZ  1 
ATOM   716  N N   . PHE A 1 90  ? 11.622  7.775   2.560   1.00 24.94 ? 89  PHE A N   1 
ATOM   717  C CA  . PHE A 1 90  ? 11.259  7.601   1.160   1.00 25.09 ? 89  PHE A CA  1 
ATOM   718  C C   . PHE A 1 90  ? 9.873   8.111   0.831   1.00 25.01 ? 89  PHE A C   1 
ATOM   719  O O   . PHE A 1 90  ? 9.572   8.399   -0.323  1.00 27.11 ? 89  PHE A O   1 
ATOM   720  C CB  . PHE A 1 90  ? 11.375  6.135   0.755   1.00 26.09 ? 89  PHE A CB  1 
ATOM   721  C CG  . PHE A 1 90  ? 12.766  5.586   0.897   1.00 27.33 ? 89  PHE A CG  1 
ATOM   722  C CD1 . PHE A 1 90  ? 13.848  6.277   0.391   1.00 27.57 ? 89  PHE A CD1 1 
ATOM   723  C CD2 . PHE A 1 90  ? 12.983  4.381   1.543   1.00 28.84 ? 89  PHE A CD2 1 
ATOM   724  C CE1 . PHE A 1 90  ? 15.128  5.782   0.529   1.00 29.88 ? 89  PHE A CE1 1 
ATOM   725  C CE2 . PHE A 1 90  ? 14.260  3.874   1.682   1.00 28.79 ? 89  PHE A CE2 1 
ATOM   726  C CZ  . PHE A 1 90  ? 15.341  4.578   1.183   1.00 29.09 ? 89  PHE A CZ  1 
ATOM   727  N N   . ILE A 1 91  ? 9.030   8.214   1.852   1.00 25.16 ? 90  ILE A N   1 
ATOM   728  C CA  . ILE A 1 91  ? 7.643   8.680   1.724   1.00 24.55 ? 90  ILE A CA  1 
ATOM   729  C C   . ILE A 1 91  ? 7.592   10.206  1.797   1.00 26.58 ? 90  ILE A C   1 
ATOM   730  O O   . ILE A 1 91  ? 8.112   10.830  2.742   1.00 25.01 ? 90  ILE A O   1 
ATOM   731  C CB  . ILE A 1 91  ? 6.749   8.074   2.823   1.00 24.26 ? 90  ILE A CB  1 
ATOM   732  C CG1 . ILE A 1 91  ? 6.753   6.546   2.712   1.00 23.84 ? 90  ILE A CG1 1 
ATOM   733  C CG2 . ILE A 1 91  ? 5.321   8.573   2.701   1.00 25.14 ? 90  ILE A CG2 1 
ATOM   734  C CD1 . ILE A 1 91  ? 6.005   5.842   3.819   1.00 23.73 ? 90  ILE A CD1 1 
ATOM   735  N N   . PRO A 1 92  ? 6.966   10.825  0.797   1.00 29.76 ? 91  PRO A N   1 
ATOM   736  C CA  . PRO A 1 92  ? 6.868   12.279  0.784   1.00 30.97 ? 91  PRO A CA  1 
ATOM   737  C C   . PRO A 1 92  ? 6.032   12.846  1.945   1.00 30.80 ? 91  PRO A C   1 
ATOM   738  O O   . PRO A 1 92  ? 5.141   12.180  2.448   1.00 27.06 ? 91  PRO A O   1 
ATOM   739  C CB  . PRO A 1 92  ? 6.255   12.580  -0.602  1.00 31.41 ? 91  PRO A CB  1 
ATOM   740  C CG  . PRO A 1 92  ? 5.575   11.329  -1.010  1.00 31.73 ? 91  PRO A CG  1 
ATOM   741  C CD  . PRO A 1 92  ? 6.384   10.215  -0.408  1.00 31.83 ? 91  PRO A CD  1 
ATOM   742  N N   . GLU A 1 93  ? 6.353   14.071  2.349   1.00 35.24 ? 92  GLU A N   1 
ATOM   743  C CA  . GLU A 1 93  ? 5.671   14.743  3.457   1.00 37.13 ? 92  GLU A CA  1 
ATOM   744  C C   . GLU A 1 93  ? 4.212   15.003  3.110   1.00 38.21 ? 92  GLU A C   1 
ATOM   745  O O   . GLU A 1 93  ? 3.347   14.923  3.981   1.00 41.68 ? 92  GLU A O   1 
ATOM   746  C CB  . GLU A 1 93  ? 6.360   16.048  3.813   1.00 40.53 ? 92  GLU A CB  1 
ATOM   747  C CG  . GLU A 1 93  ? 7.875   16.001  3.794   1.00 44.70 ? 92  GLU A CG  1 
ATOM   748  C CD  . GLU A 1 93  ? 8.484   16.923  4.853   1.00 52.16 ? 92  GLU A CD  1 
ATOM   749  O OE1 . GLU A 1 93  ? 8.054   16.856  6.037   1.00 56.06 ? 92  GLU A OE1 1 
ATOM   750  O OE2 . GLU A 1 93  ? 9.400   17.711  4.512   1.00 56.55 ? 92  GLU A OE2 1 
ATOM   751  N N   . ASN A 1 94  ? 3.941   15.334  1.847   1.00 38.74 ? 93  ASN A N   1 
ATOM   752  C CA  . ASN A 1 94  ? 2.570   15.492  1.379   1.00 39.38 ? 93  ASN A CA  1 
ATOM   753  C C   . ASN A 1 94  ? 2.373   14.691  0.112   1.00 37.22 ? 93  ASN A C   1 
ATOM   754  O O   . ASN A 1 94  ? 3.341   14.379  -0.573  1.00 32.42 ? 93  ASN A O   1 
ATOM   755  C CB  . ASN A 1 94  ? 2.235   16.960  1.147   1.00 43.51 ? 93  ASN A CB  1 
ATOM   756  C CG  . ASN A 1 94  ? 0.894   17.337  1.763   1.00 48.56 ? 93  ASN A CG  1 
ATOM   757  O OD1 . ASN A 1 94  ? -0.168  16.768  1.406   1.00 47.10 ? 93  ASN A OD1 1 
ATOM   758  N ND2 . ASN A 1 94  ? 0.928   18.262  2.728   1.00 47.68 ? 93  ASN A ND2 1 
ATOM   759  N N   . ILE A 1 95  ? 1.133   14.340  -0.199  1.00 37.88 ? 94  ILE A N   1 
ATOM   760  C CA  . ILE A 1 95  ? 0.905   13.411  -1.281  1.00 39.54 ? 94  ILE A CA  1 
ATOM   761  C C   . ILE A 1 95  ? 1.454   14.003  -2.568  1.00 40.76 ? 94  ILE A C   1 
ATOM   762  O O   . ILE A 1 95  ? 1.153   15.147  -2.912  1.00 45.64 ? 94  ILE A O   1 
ATOM   763  C CB  . ILE A 1 95  ? -0.589  13.067  -1.465  1.00 40.48 ? 94  ILE A CB  1 
ATOM   764  C CG1 . ILE A 1 95  ? -1.311  13.073  -0.119  1.00 42.59 ? 94  ILE A CG1 1 
ATOM   765  C CG2 . ILE A 1 95  ? -0.757  11.706  -2.135  1.00 39.91 ? 94  ILE A CG2 1 
ATOM   766  C CD1 . ILE A 1 95  ? -2.031  11.789  0.221   1.00 42.20 ? 94  ILE A CD1 1 
ATOM   767  N N   . SER A 1 96  ? 2.252   13.207  -3.272  1.00 38.83 ? 95  SER A N   1 
ATOM   768  C CA  . SER A 1 96  ? 2.895   13.638  -4.483  1.00 40.01 ? 95  SER A CA  1 
ATOM   769  C C   . SER A 1 96  ? 2.513   12.726  -5.617  1.00 41.94 ? 95  SER A C   1 
ATOM   770  O O   . SER A 1 96  ? 2.248   11.539  -5.426  1.00 46.34 ? 95  SER A O   1 
ATOM   771  C CB  . SER A 1 96  ? 4.405   13.608  -4.314  1.00 40.11 ? 95  SER A CB  1 
ATOM   772  O OG  . SER A 1 96  ? 4.712   13.720  -2.948  1.00 42.32 ? 95  SER A OG  1 
ATOM   773  N N   . THR A 1 97  ? 2.528   13.313  -6.800  1.00 43.63 ? 96  THR A N   1 
ATOM   774  C CA  . THR A 1 97  ? 2.311   12.621  -8.053  1.00 42.66 ? 96  THR A CA  1 
ATOM   775  C C   . THR A 1 97  ? 3.662   12.089  -8.513  1.00 40.47 ? 96  THR A C   1 
ATOM   776  O O   . THR A 1 97  ? 4.671   12.326  -7.848  1.00 37.81 ? 96  THR A O   1 
ATOM   777  C CB  . THR A 1 97  ? 1.743   13.606  -9.091  1.00 43.19 ? 96  THR A CB  1 
ATOM   778  O OG1 . THR A 1 97  ? 2.811   14.354  -9.702  1.00 43.21 ? 96  THR A OG1 1 
ATOM   779  C CG2 . THR A 1 97  ? 0.724   14.566  -8.404  1.00 43.52 ? 96  THR A CG2 1 
ATOM   780  N N   . ALA A 1 98  ? 3.676   11.354  -9.628  1.00 39.77 ? 97  ALA A N   1 
ATOM   781  C CA  . ALA A 1 98  ? 4.937   10.882  -10.232 1.00 38.97 ? 97  ALA A CA  1 
ATOM   782  C C   . ALA A 1 98  ? 4.729   10.511  -11.680 1.00 36.12 ? 97  ALA A C   1 
ATOM   783  O O   . ALA A 1 98  ? 3.607   10.415  -12.145 1.00 31.66 ? 97  ALA A O   1 
ATOM   784  C CB  . ALA A 1 98  ? 5.538   9.704   -9.456  1.00 39.07 ? 97  ALA A CB  1 
ATOM   785  N N   . SER A 1 99  ? 5.835   10.310  -12.385 1.00 36.02 ? 98  SER A N   1 
ATOM   786  C CA  . SER A 1 99  ? 5.810   10.023  -13.807 1.00 38.32 ? 98  SER A CA  1 
ATOM   787  C C   . SER A 1 99  ? 6.456   8.670   -14.030 1.00 41.64 ? 98  SER A C   1 
ATOM   788  O O   . SER A 1 99  ? 7.497   8.410   -13.455 1.00 50.47 ? 98  SER A O   1 
ATOM   789  C CB  . SER A 1 99  ? 6.602   11.090  -14.557 1.00 37.27 ? 98  SER A CB  1 
ATOM   790  O OG  . SER A 1 99  ? 5.929   12.327  -14.525 1.00 37.45 ? 98  SER A OG  1 
ATOM   791  N N   . ASP A 1 100 ? 5.872   7.806   -14.857 1.00 43.83 ? 99  ASP A N   1 
ATOM   792  C CA  . ASP A 1 100 ? 6.453   6.473   -15.074 1.00 42.67 ? 99  ASP A CA  1 
ATOM   793  C C   . ASP A 1 100 ? 6.546   5.716   -13.746 1.00 39.85 ? 99  ASP A C   1 
ATOM   794  O O   . ASP A 1 100 ? 7.639   5.210   -13.379 1.00 35.16 ? 99  ASP A O   1 
ATOM   795  C CB  . ASP A 1 100 ? 7.884   6.573   -15.601 1.00 46.85 ? 99  ASP A CB  1 
ATOM   796  C CG  . ASP A 1 100 ? 7.974   6.994   -17.039 1.00 49.27 ? 99  ASP A CG  1 
ATOM   797  O OD1 . ASP A 1 100 ? 7.084   6.604   -17.827 1.00 55.37 ? 99  ASP A OD1 1 
ATOM   798  O OD2 . ASP A 1 100 ? 8.982   7.666   -17.375 1.00 45.89 ? 99  ASP A OD2 1 
ATOM   799  N N   . ALA A 1 101 ? 5.439   5.683   -13.001 1.00 35.05 ? 100 ALA A N   1 
ATOM   800  C CA  . ALA A 1 101 ? 5.428   4.989   -11.719 1.00 37.32 ? 100 ALA A CA  1 
ATOM   801  C C   . ALA A 1 101 ? 5.415   3.489   -11.911 1.00 35.77 ? 100 ALA A C   1 
ATOM   802  O O   . ALA A 1 101 ? 5.176   3.009   -12.997 1.00 39.82 ? 100 ALA A O   1 
ATOM   803  C CB  . ALA A 1 101 ? 4.258   5.428   -10.863 1.00 38.24 ? 100 ALA A CB  1 
ATOM   804  N N   . THR A 1 102 ? 5.694   2.749   -10.844 1.00 36.28 ? 101 THR A N   1 
ATOM   805  C CA  . THR A 1 102 ? 5.721   1.283   -10.907 1.00 33.07 ? 101 THR A CA  1 
ATOM   806  C C   . THR A 1 102 ? 4.903   0.748   -9.765  1.00 30.91 ? 101 THR A C   1 
ATOM   807  O O   . THR A 1 102 ? 5.074   1.170   -8.614  1.00 32.60 ? 101 THR A O   1 
ATOM   808  C CB  . THR A 1 102 ? 7.140   0.726   -10.783 1.00 31.67 ? 101 THR A CB  1 
ATOM   809  O OG1 . THR A 1 102 ? 8.004   1.406   -11.702 1.00 30.83 ? 101 THR A OG1 1 
ATOM   810  C CG2 . THR A 1 102 ? 7.137   -0.764  -11.058 1.00 31.97 ? 101 THR A CG2 1 
ATOM   811  N N   . LEU A 1 103 ? 4.010   -0.173  -10.083 1.00 28.50 ? 102 LEU A N   1 
ATOM   812  C CA  . LEU A 1 103 ? 3.209   -0.819  -9.063  1.00 27.39 ? 102 LEU A CA  1 
ATOM   813  C C   . LEU A 1 103 ? 3.948   -2.068  -8.668  1.00 26.99 ? 102 LEU A C   1 
ATOM   814  O O   . LEU A 1 103 ? 4.202   -2.931  -9.496  1.00 26.69 ? 102 LEU A O   1 
ATOM   815  C CB  . LEU A 1 103 ? 1.813   -1.157  -9.577  1.00 25.17 ? 102 LEU A CB  1 
ATOM   816  C CG  . LEU A 1 103 ? 0.799   -1.688  -8.579  1.00 23.77 ? 102 LEU A CG  1 
ATOM   817  C CD1 . LEU A 1 103 ? 0.537   -0.693  -7.458  1.00 24.09 ? 102 LEU A CD1 1 
ATOM   818  C CD2 . LEU A 1 103 ? -0.472  -2.005  -9.352  1.00 23.25 ? 102 LEU A CD2 1 
ATOM   819  N N   . VAL A 1 104 ? 4.309   -2.144  -7.398  1.00 27.81 ? 103 VAL A N   1 
ATOM   820  C CA  . VAL A 1 104 ? 4.952   -3.338  -6.854  1.00 27.90 ? 103 VAL A CA  1 
ATOM   821  C C   . VAL A 1 104 ? 3.958   -4.153  -6.032  1.00 26.57 ? 103 VAL A C   1 
ATOM   822  O O   . VAL A 1 104 ? 3.504   -3.752  -4.959  1.00 26.11 ? 103 VAL A O   1 
ATOM   823  C CB  . VAL A 1 104 ? 6.164   -2.947  -5.997  1.00 30.73 ? 103 VAL A CB  1 
ATOM   824  C CG1 . VAL A 1 104 ? 6.386   -3.930  -4.871  1.00 32.04 ? 103 VAL A CG1 1 
ATOM   825  C CG2 . VAL A 1 104 ? 7.403   -2.854  -6.868  1.00 34.97 ? 103 VAL A CG2 1 
ATOM   826  N N   . ILE A 1 105 ? 3.664   -5.343  -6.526  1.00 26.66 ? 104 ILE A N   1 
ATOM   827  C CA  . ILE A 1 105 ? 2.721   -6.249  -5.885  1.00 26.15 ? 104 ILE A CA  1 
ATOM   828  C C   . ILE A 1 105 ? 3.469   -7.455  -5.355  1.00 24.27 ? 104 ILE A C   1 
ATOM   829  O O   . ILE A 1 105 ? 4.295   -8.020  -6.052  1.00 21.81 ? 104 ILE A O   1 
ATOM   830  C CB  . ILE A 1 105 ? 1.654   -6.702  -6.907  1.00 28.29 ? 104 ILE A CB  1 
ATOM   831  C CG1 . ILE A 1 105 ? 0.654   -5.554  -7.166  1.00 27.73 ? 104 ILE A CG1 1 
ATOM   832  C CG2 . ILE A 1 105 ? 0.928   -7.950  -6.422  1.00 28.42 ? 104 ILE A CG2 1 
ATOM   833  C CD1 . ILE A 1 105 ? 0.531   -5.232  -8.624  1.00 26.23 ? 104 ILE A CD1 1 
ATOM   834  N N   . ASN A 1 106 ? 3.201   -7.822  -4.106  1.00 23.71 ? 105 ASN A N   1 
ATOM   835  C CA  . ASN A 1 106 ? 3.720   -9.064  -3.566  1.00 23.85 ? 105 ASN A CA  1 
ATOM   836  C C   . ASN A 1 106 ? 2.625   -9.851  -2.870  1.00 24.55 ? 105 ASN A C   1 
ATOM   837  O O   . ASN A 1 106 ? 2.135   -9.458  -1.816  1.00 25.19 ? 105 ASN A O   1 
ATOM   838  C CB  . ASN A 1 106 ? 4.854   -8.789  -2.580  1.00 24.54 ? 105 ASN A CB  1 
ATOM   839  C CG  . ASN A 1 106 ? 5.738   -9.981  -2.364  1.00 24.08 ? 105 ASN A CG  1 
ATOM   840  O OD1 . ASN A 1 106 ? 5.778   -10.905 -3.163  1.00 23.58 ? 105 ASN A OD1 1 
ATOM   841  N ND2 . ASN A 1 106 ? 6.448   -9.963  -1.268  1.00 26.14 ? 105 ASN A ND2 1 
ATOM   842  N N   . THR A 1 107 ? 2.280   -11.002 -3.432  1.00 24.83 ? 106 THR A N   1 
ATOM   843  C CA  . THR A 1 107 ? 1.159   -11.802 -2.960  1.00 23.34 ? 106 THR A CA  1 
ATOM   844  C C   . THR A 1 107 ? 1.463   -13.264 -3.233  1.00 24.14 ? 106 THR A C   1 
ATOM   845  O O   . THR A 1 107 ? 2.333   -13.576 -4.034  1.00 21.78 ? 106 THR A O   1 
ATOM   846  C CB  . THR A 1 107 ? -0.122  -11.408 -3.709  1.00 23.38 ? 106 THR A CB  1 
ATOM   847  O OG1 . THR A 1 107 ? -0.860  -10.474 -2.922  1.00 23.23 ? 106 THR A OG1 1 
ATOM   848  C CG2 . THR A 1 107 ? -1.002  -12.603 -4.014  1.00 23.07 ? 106 THR A CG2 1 
ATOM   849  N N   . GLU A 1 108 ? 0.763   -14.167 -2.558  1.00 24.23 ? 107 GLU A N   1 
ATOM   850  C CA  . GLU A 1 108 ? 0.961   -15.564 -2.808  1.00 23.43 ? 107 GLU A CA  1 
ATOM   851  C C   . GLU A 1 108 ? 0.697   -15.891 -4.275  1.00 22.93 ? 107 GLU A C   1 
ATOM   852  O O   . GLU A 1 108 ? 1.409   -16.663 -4.883  1.00 22.55 ? 107 GLU A O   1 
ATOM   853  C CB  . GLU A 1 108 ? 0.040   -16.373 -1.928  1.00 25.02 ? 107 GLU A CB  1 
ATOM   854  C CG  . GLU A 1 108 ? 0.584   -17.751 -1.645  1.00 28.64 ? 107 GLU A CG  1 
ATOM   855  C CD  . GLU A 1 108 ? -0.500  -18.782 -1.648  1.00 31.67 ? 107 GLU A CD  1 
ATOM   856  O OE1 . GLU A 1 108 ? -1.542  -18.599 -0.953  1.00 30.62 ? 107 GLU A OE1 1 
ATOM   857  O OE2 . GLU A 1 108 ? -0.278  -19.785 -2.362  1.00 36.22 ? 107 GLU A OE2 1 
ATOM   858  N N   . HIS A 1 109 ? -0.326  -15.278 -4.835  1.00 24.11 ? 108 HIS A N   1 
ATOM   859  C CA  . HIS A 1 109 ? -0.777  -15.571 -6.182  1.00 25.59 ? 108 HIS A CA  1 
ATOM   860  C C   . HIS A 1 109 ? -0.005  -14.752 -7.223  1.00 25.81 ? 108 HIS A C   1 
ATOM   861  O O   . HIS A 1 109 ? 0.271   -15.253 -8.336  1.00 30.32 ? 108 HIS A O   1 
ATOM   862  C CB  . HIS A 1 109 ? -2.290  -15.335 -6.328  1.00 26.16 ? 108 HIS A CB  1 
ATOM   863  C CG  . HIS A 1 109 ? -3.155  -16.264 -5.497  1.00 28.53 ? 108 HIS A CG  1 
ATOM   864  N ND1 . HIS A 1 109 ? -2.780  -17.557 -5.165  1.00 30.71 ? 108 HIS A ND1 1 
ATOM   865  C CD2 . HIS A 1 109 ? -4.397  -16.092 -4.966  1.00 28.56 ? 108 HIS A CD2 1 
ATOM   866  C CE1 . HIS A 1 109 ? -3.750  -18.137 -4.474  1.00 29.99 ? 108 HIS A CE1 1 
ATOM   867  N NE2 . HIS A 1 109 ? -4.735  -17.263 -4.329  1.00 28.98 ? 108 HIS A NE2 1 
ATOM   868  N N   . MET A 1 110 ? 0.359   -13.521 -6.873  1.00 21.81 ? 109 MET A N   1 
ATOM   869  C CA  . MET A 1 110 ? 1.197   -12.707 -7.731  1.00 20.05 ? 109 MET A CA  1 
ATOM   870  C C   . MET A 1 110 ? 2.444   -12.217 -6.977  1.00 19.53 ? 109 MET A C   1 
ATOM   871  O O   . MET A 1 110 ? 2.501   -11.078 -6.566  1.00 19.31 ? 109 MET A O   1 
ATOM   872  C CB  . MET A 1 110 ? 0.413   -11.515 -8.274  1.00 20.19 ? 109 MET A CB  1 
ATOM   873  C CG  . MET A 1 110 ? -0.947  -11.838 -8.910  1.00 20.46 ? 109 MET A CG  1 
ATOM   874  S SD  . MET A 1 110 ? -1.792  -10.376 -9.625  1.00 19.76 ? 109 MET A SD  1 
ATOM   875  C CE  . MET A 1 110 ? -3.407  -10.593 -8.926  1.00 22.09 ? 109 MET A CE  1 
ATOM   876  N N   . PRO A 1 111 ? 3.456   -13.083 -6.811  1.00 18.65 ? 110 PRO A N   1 
ATOM   877  C CA  . PRO A 1 111 ? 4.662   -12.753 -6.073  1.00 18.85 ? 110 PRO A CA  1 
ATOM   878  C C   . PRO A 1 111 ? 5.637   -11.859 -6.831  1.00 19.30 ? 110 PRO A C   1 
ATOM   879  O O   . PRO A 1 111 ? 5.916   -12.103 -7.975  1.00 20.20 ? 110 PRO A O   1 
ATOM   880  C CB  . PRO A 1 111 ? 5.328   -14.113 -5.860  1.00 19.43 ? 110 PRO A CB  1 
ATOM   881  C CG  . PRO A 1 111 ? 4.503   -15.134 -6.592  1.00 19.06 ? 110 PRO A CG  1 
ATOM   882  C CD  . PRO A 1 111 ? 3.559   -14.393 -7.467  1.00 18.93 ? 110 PRO A CD  1 
ATOM   883  N N   . SER A 1 112 ? 6.178   -10.848 -6.173  1.00 19.88 ? 111 SER A N   1 
ATOM   884  C CA  . SER A 1 112 ? 7.237   -10.009 -6.741  1.00 19.46 ? 111 SER A CA  1 
ATOM   885  C C   . SER A 1 112 ? 6.862   -9.550  -8.148  1.00 19.90 ? 111 SER A C   1 
ATOM   886  O O   . SER A 1 112 ? 7.635   -9.697  -9.114  1.00 20.13 ? 111 SER A O   1 
ATOM   887  C CB  . SER A 1 112 ? 8.554   -10.765 -6.774  1.00 20.21 ? 111 SER A CB  1 
ATOM   888  O OG  . SER A 1 112 ? 8.706   -11.544 -5.592  1.00 20.81 ? 111 SER A OG  1 
ATOM   889  N N   . MET A 1 113 ? 5.665   -8.971  -8.238  1.00 19.70 ? 112 MET A N   1 
ATOM   890  C CA  . MET A 1 113 ? 5.091   -8.548  -9.496  1.00 18.92 ? 112 MET A CA  1 
ATOM   891  C C   . MET A 1 113 ? 5.327   -7.062  -9.749  1.00 20.42 ? 112 MET A C   1 
ATOM   892  O O   . MET A 1 113 ? 5.122   -6.236  -8.889  1.00 19.45 ? 112 MET A O   1 
ATOM   893  C CB  . MET A 1 113 ? 3.610   -8.864  -9.469  1.00 17.35 ? 112 MET A CB  1 
ATOM   894  C CG  . MET A 1 113 ? 3.077   -9.225  -10.827 1.00 15.99 ? 112 MET A CG  1 
ATOM   895  S SD  . MET A 1 113 ? 1.326   -8.865  -10.968 1.00 14.10 ? 112 MET A SD  1 
ATOM   896  C CE  . MET A 1 113 ? 1.260   -8.917  -12.750 1.00 15.61 ? 112 MET A CE  1 
ATOM   897  N N   . PHE A 1 114 ? 5.785   -6.746  -10.949 1.00 25.53 ? 113 PHE A N   1 
ATOM   898  C CA  . PHE A 1 114 ? 6.127   -5.364  -11.331 1.00 28.90 ? 113 PHE A CA  1 
ATOM   899  C C   . PHE A 1 114 ? 5.210   -4.942  -12.446 1.00 27.24 ? 113 PHE A C   1 
ATOM   900  O O   . PHE A 1 114 ? 5.140   -5.585  -13.508 1.00 24.54 ? 113 PHE A O   1 
ATOM   901  C CB  . PHE A 1 114 ? 7.573   -5.243  -11.812 1.00 33.33 ? 113 PHE A CB  1 
ATOM   902  C CG  . PHE A 1 114 ? 8.592   -5.271  -10.711 1.00 37.64 ? 113 PHE A CG  1 
ATOM   903  C CD1 . PHE A 1 114 ? 9.385   -4.176  -10.480 1.00 42.44 ? 113 PHE A CD1 1 
ATOM   904  C CD2 . PHE A 1 114 ? 8.770   -6.392  -9.917  1.00 41.63 ? 113 PHE A CD2 1 
ATOM   905  C CE1 . PHE A 1 114 ? 10.340  -4.178  -9.461  1.00 45.17 ? 113 PHE A CE1 1 
ATOM   906  C CE2 . PHE A 1 114 ? 9.701   -6.394  -8.882  1.00 44.42 ? 113 PHE A CE2 1 
ATOM   907  C CZ  . PHE A 1 114 ? 10.494  -5.281  -8.653  1.00 44.12 ? 113 PHE A CZ  1 
ATOM   908  N N   . VAL A 1 115 ? 4.511   -3.849  -12.197 1.00 27.88 ? 114 VAL A N   1 
ATOM   909  C CA  . VAL A 1 115 ? 3.484   -3.382  -13.111 1.00 30.22 ? 114 VAL A CA  1 
ATOM   910  C C   . VAL A 1 115 ? 3.691   -1.899  -13.446 1.00 32.29 ? 114 VAL A C   1 
ATOM   911  O O   . VAL A 1 115 ? 3.728   -1.052  -12.546 1.00 29.34 ? 114 VAL A O   1 
ATOM   912  C CB  . VAL A 1 115 ? 2.082   -3.640  -12.522 1.00 30.50 ? 114 VAL A CB  1 
ATOM   913  C CG1 . VAL A 1 115 ? 1.008   -3.433  -13.563 1.00 29.30 ? 114 VAL A CG1 1 
ATOM   914  C CG2 . VAL A 1 115 ? 1.990   -5.063  -11.996 1.00 30.60 ? 114 VAL A CG2 1 
ATOM   915  N N   . PRO A 1 116 ? 3.849   -1.587  -14.752 1.00 34.82 ? 115 PRO A N   1 
ATOM   916  C CA  . PRO A 1 116 ? 4.237   -0.257  -15.197 1.00 33.59 ? 115 PRO A CA  1 
ATOM   917  C C   . PRO A 1 116 ? 3.028   0.620   -15.343 1.00 32.57 ? 115 PRO A C   1 
ATOM   918  O O   . PRO A 1 116 ? 2.493   0.753   -16.449 1.00 34.83 ? 115 PRO A O   1 
ATOM   919  C CB  . PRO A 1 116 ? 4.888   -0.527  -16.555 1.00 33.85 ? 115 PRO A CB  1 
ATOM   920  C CG  . PRO A 1 116 ? 4.296   -1.813  -17.049 1.00 34.82 ? 115 PRO A CG  1 
ATOM   921  C CD  . PRO A 1 116 ? 3.584   -2.481  -15.895 1.00 35.17 ? 115 PRO A CD  1 
ATOM   922  N N   . VAL A 1 117 ? 2.576   1.193   -14.234 1.00 30.53 ? 116 VAL A N   1 
ATOM   923  C CA  . VAL A 1 117 ? 1.302   1.935   -14.260 1.00 30.45 ? 116 VAL A CA  1 
ATOM   924  C C   . VAL A 1 117 ? 1.389   3.317   -14.935 1.00 32.00 ? 116 VAL A C   1 
ATOM   925  O O   . VAL A 1 117 ? 0.374   3.851   -15.409 1.00 30.67 ? 116 VAL A O   1 
ATOM   926  C CB  . VAL A 1 117 ? 0.610   2.028   -12.870 1.00 29.26 ? 116 VAL A CB  1 
ATOM   927  C CG1 . VAL A 1 117 ? 0.241   0.647   -12.373 1.00 29.72 ? 116 VAL A CG1 1 
ATOM   928  C CG2 . VAL A 1 117 ? 1.471   2.734   -11.851 1.00 29.59 ? 116 VAL A CG2 1 
ATOM   929  N N   . GLY A 1 118 ? 2.591   3.893   -14.989 1.00 34.70 ? 117 GLY A N   1 
ATOM   930  C CA  . GLY A 1 118 ? 2.799   5.195   -15.666 1.00 35.81 ? 117 GLY A CA  1 
ATOM   931  C C   . GLY A 1 118 ? 2.625   6.415   -14.777 1.00 35.44 ? 117 GLY A C   1 
ATOM   932  O O   . GLY A 1 118 ? 2.798   6.328   -13.563 1.00 37.76 ? 117 GLY A O   1 
ATOM   933  N N   . ASP A 1 119 ? 2.302   7.554   -15.373 1.00 34.73 ? 118 ASP A N   1 
ATOM   934  C CA  . ASP A 1 119 ? 2.197   8.787   -14.606 1.00 33.94 ? 118 ASP A CA  1 
ATOM   935  C C   . ASP A 1 119 ? 1.029   8.678   -13.603 1.00 33.42 ? 118 ASP A C   1 
ATOM   936  O O   . ASP A 1 119 ? -0.048  8.155   -13.909 1.00 32.84 ? 118 ASP A O   1 
ATOM   937  C CB  . ASP A 1 119 ? 2.047   10.039  -15.514 1.00 33.73 ? 118 ASP A CB  1 
ATOM   938  C CG  . ASP A 1 119 ? 3.136   10.143  -16.602 1.00 33.14 ? 118 ASP A CG  1 
ATOM   939  O OD1 . ASP A 1 119 ? 4.191   9.467   -16.553 1.00 33.88 ? 118 ASP A OD1 1 
ATOM   940  O OD2 . ASP A 1 119 ? 2.916   10.925  -17.537 1.00 30.93 ? 118 ASP A OD2 1 
ATOM   941  N N   . VAL A 1 120 ? 1.284   9.163   -12.394 1.00 33.75 ? 119 VAL A N   1 
ATOM   942  C CA  . VAL A 1 120 ? 0.330   9.131   -11.283 1.00 34.34 ? 119 VAL A CA  1 
ATOM   943  C C   . VAL A 1 120 ? -0.117  10.560  -11.028 1.00 36.97 ? 119 VAL A C   1 
ATOM   944  O O   . VAL A 1 120 ? 0.705   11.456  -10.937 1.00 40.21 ? 119 VAL A O   1 
ATOM   945  C CB  . VAL A 1 120 ? 0.969   8.545   -10.002 1.00 32.57 ? 119 VAL A CB  1 
ATOM   946  C CG1 . VAL A 1 120 ? 0.050   8.690   -8.793  1.00 32.84 ? 119 VAL A CG1 1 
ATOM   947  C CG2 . VAL A 1 120 ? 1.343   7.088   -10.225 1.00 31.71 ? 119 VAL A CG2 1 
ATOM   948  N N   . VAL A 1 121 ? -1.418  10.774  -10.929 1.00 38.77 ? 120 VAL A N   1 
ATOM   949  C CA  . VAL A 1 121 ? -1.956  12.124  -10.972 1.00 41.35 ? 120 VAL A CA  1 
ATOM   950  C C   . VAL A 1 121 ? -3.035  12.275  -9.919  1.00 45.99 ? 120 VAL A C   1 
ATOM   951  O O   . VAL A 1 121 ? -3.692  11.317  -9.564  1.00 42.43 ? 120 VAL A O   1 
ATOM   952  C CB  . VAL A 1 121 ? -2.536  12.440  -12.371 1.00 43.29 ? 120 VAL A CB  1 
ATOM   953  C CG1 . VAL A 1 121 ? -1.505  12.206  -13.472 1.00 44.52 ? 120 VAL A CG1 1 
ATOM   954  C CG2 . VAL A 1 121 ? -3.757  11.587  -12.673 1.00 44.98 ? 120 VAL A CG2 1 
ATOM   955  N N   . GLN A 1 122 ? -3.242  13.483  -9.416  1.00 55.06 ? 121 GLN A N   1 
ATOM   956  C CA  . GLN A 1 122 ? -4.258  13.670  -8.383  1.00 57.88 ? 121 GLN A CA  1 
ATOM   957  C C   . GLN A 1 122 ? -5.631  13.292  -8.920  1.00 57.73 ? 121 GLN A C   1 
ATOM   958  O O   . GLN A 1 122 ? -6.006  13.701  -10.016 1.00 60.99 ? 121 GLN A O   1 
ATOM   959  C CB  . GLN A 1 122 ? -4.270  15.117  -7.894  1.00 56.44 ? 121 GLN A CB  1 
ATOM   960  C CG  . GLN A 1 122 ? -2.985  15.533  -7.193  1.00 60.58 ? 121 GLN A CG  1 
ATOM   961  C CD  . GLN A 1 122 ? -2.872  14.969  -5.776  1.00 65.74 ? 121 GLN A CD  1 
ATOM   962  O OE1 . GLN A 1 122 ? -1.823  14.444  -5.371  1.00 59.53 ? 121 GLN A OE1 1 
ATOM   963  N NE2 . GLN A 1 122 ? -3.970  15.058  -5.017  1.00 69.42 ? 121 GLN A NE2 1 
ATOM   964  N N   . TYR A 1 123 ? -6.361  12.474  -8.177  1.00 55.48 ? 122 TYR A N   1 
ATOM   965  C CA  . TYR A 1 123 ? -7.751  12.200  -8.520  1.00 53.04 ? 122 TYR A CA  1 
ATOM   966  C C   . TYR A 1 123 ? -8.654  12.921  -7.543  1.00 54.12 ? 122 TYR A C   1 
ATOM   967  O O   . TYR A 1 123 ? -9.739  13.408  -7.911  1.00 57.55 ? 122 TYR A O   1 
ATOM   968  C CB  . TYR A 1 123 ? -8.052  10.704  -8.496  1.00 51.91 ? 122 TYR A CB  1 
ATOM   969  C CG  . TYR A 1 123 ? -9.287  10.340  -9.283  1.00 52.38 ? 122 TYR A CG  1 
ATOM   970  C CD1 . TYR A 1 123 ? -9.187  9.982   -10.634 1.00 53.75 ? 122 TYR A CD1 1 
ATOM   971  C CD2 . TYR A 1 123 ? -10.552 10.366  -8.690  1.00 49.86 ? 122 TYR A CD2 1 
ATOM   972  C CE1 . TYR A 1 123 ? -10.296 9.648   -11.370 1.00 51.28 ? 122 TYR A CE1 1 
ATOM   973  C CE2 . TYR A 1 123 ? -11.674 10.036  -9.412  1.00 53.63 ? 122 TYR A CE2 1 
ATOM   974  C CZ  . TYR A 1 123 ? -11.544 9.672   -10.763 1.00 54.47 ? 122 TYR A CZ  1 
ATOM   975  O OH  . TYR A 1 123 ? -12.649 9.327   -11.514 1.00 46.71 ? 122 TYR A OH  1 
ATOM   976  N N   . GLY A 1 124 ? -8.190  12.979  -6.301  1.00 52.01 ? 123 GLY A N   1 
ATOM   977  C CA  . GLY A 1 124 ? -8.922  13.619  -5.210  1.00 54.71 ? 123 GLY A CA  1 
ATOM   978  C C   . GLY A 1 124 ? -10.002 12.770  -4.562  1.00 55.39 ? 123 GLY A C   1 
ATOM   979  O O   . GLY A 1 124 ? -9.920  12.471  -3.379  1.00 56.24 ? 123 GLY A O   1 
ATOM   980  N N   . PHE A 1 125 ? -11.038 12.414  -5.312  1.00 57.93 ? 124 PHE A N   1 
ATOM   981  C CA  . PHE A 1 125 ? -12.161 11.678  -4.720  1.00 56.16 ? 124 PHE A CA  1 
ATOM   982  C C   . PHE A 1 125 ? -12.595 10.472  -5.543  1.00 57.66 ? 124 PHE A C   1 
ATOM   983  O O   . PHE A 1 125 ? -12.704 10.522  -6.770  1.00 59.48 ? 124 PHE A O   1 
ATOM   984  C CB  . PHE A 1 125 ? -13.339 12.599  -4.476  1.00 56.00 ? 124 PHE A CB  1 
ATOM   985  C CG  . PHE A 1 125 ? -14.634 11.882  -4.266  1.00 59.20 ? 124 PHE A CG  1 
ATOM   986  C CD1 . PHE A 1 125 ? -15.315 11.967  -3.081  1.00 60.97 ? 124 PHE A CD1 1 
ATOM   987  C CD2 . PHE A 1 125 ? -15.205 11.188  -5.275  1.00 63.24 ? 124 PHE A CD2 1 
ATOM   988  C CE1 . PHE A 1 125 ? -16.541 11.343  -2.887  1.00 63.06 ? 124 PHE A CE1 1 
ATOM   989  C CE2 . PHE A 1 125 ? -16.427 10.547  -5.121  1.00 64.79 ? 124 PHE A CE2 1 
ATOM   990  C CZ  . PHE A 1 125 ? -17.097 10.609  -3.918  1.00 66.55 ? 124 PHE A CZ  1 
ATOM   991  N N   . LEU A 1 126 ? -12.825 9.363   -4.850  1.00 56.96 ? 125 LEU A N   1 
ATOM   992  C CA  . LEU A 1 126 ? -13.243 8.136   -5.503  1.00 52.18 ? 125 LEU A CA  1 
ATOM   993  C C   . LEU A 1 126 ? -14.269 7.496   -4.612  1.00 54.76 ? 125 LEU A C   1 
ATOM   994  O O   . LEU A 1 126 ? -14.172 7.582   -3.390  1.00 47.28 ? 125 LEU A O   1 
ATOM   995  C CB  . LEU A 1 126 ? -12.041 7.217   -5.643  1.00 51.63 ? 125 LEU A CB  1 
ATOM   996  C CG  . LEU A 1 126 ? -12.014 6.116   -6.698  1.00 56.11 ? 125 LEU A CG  1 
ATOM   997  C CD1 . LEU A 1 126 ? -12.457 6.603   -8.067  1.00 57.55 ? 125 LEU A CD1 1 
ATOM   998  C CD2 . LEU A 1 126 ? -10.614 5.523   -6.772  1.00 54.69 ? 125 LEU A CD2 1 
ATOM   999  N N   . ASN A 1 127 ? -15.278 6.883   -5.218  1.00 60.51 ? 126 ASN A N   1 
ATOM   1000 C CA  . ASN A 1 127 ? -16.224 6.093   -4.448  1.00 67.39 ? 126 ASN A CA  1 
ATOM   1001 C C   . ASN A 1 127 ? -16.141 4.670   -4.941  1.00 72.96 ? 126 ASN A C   1 
ATOM   1002 O O   . ASN A 1 127 ? -16.342 4.400   -6.129  1.00 70.93 ? 126 ASN A O   1 
ATOM   1003 C CB  . ASN A 1 127 ? -17.647 6.614   -4.582  1.00 69.98 ? 126 ASN A CB  1 
ATOM   1004 C CG  . ASN A 1 127 ? -18.626 5.853   -3.700  1.00 70.39 ? 126 ASN A CG  1 
ATOM   1005 O OD1 . ASN A 1 127 ? -18.416 4.696   -3.385  1.00 76.46 ? 126 ASN A OD1 1 
ATOM   1006 N ND2 . ASN A 1 127 ? -19.712 6.495   -3.329  1.00 70.80 ? 126 ASN A ND2 1 
ATOM   1007 N N   . LEU A 1 128 ? -15.824 3.753   -4.033  1.00 78.37 ? 127 LEU A N   1 
ATOM   1008 C CA  . LEU A 1 128 ? -15.682 2.366   -4.411  1.00 83.72 ? 127 LEU A CA  1 
ATOM   1009 C C   . LEU A 1 128 ? -16.533 1.498   -3.519  1.00 83.91 ? 127 LEU A C   1 
ATOM   1010 O O   . LEU A 1 128 ? -16.392 1.521   -2.297  1.00 85.61 ? 127 LEU A O   1 
ATOM   1011 C CB  . LEU A 1 128 ? -14.224 1.964   -4.302  1.00 88.75 ? 127 LEU A CB  1 
ATOM   1012 C CG  . LEU A 1 128 ? -13.258 2.814   -5.151  1.00 93.26 ? 127 LEU A CG  1 
ATOM   1013 C CD1 . LEU A 1 128 ? -11.921 2.966   -4.445  1.00 93.94 ? 127 LEU A CD1 1 
ATOM   1014 C CD2 . LEU A 1 128 ? -13.070 2.263   -6.563  1.00 92.14 ? 127 LEU A CD2 1 
ATOM   1015 N N   . SER A 1 129 ? -17.425 0.733   -4.141  1.00 83.35 ? 128 SER A N   1 
ATOM   1016 C CA  . SER A 1 129 ? -18.230 -0.239  -3.423  1.00 79.93 ? 128 SER A CA  1 
ATOM   1017 C C   . SER A 1 129 ? -18.981 0.385   -2.242  1.00 73.29 ? 128 SER A C   1 
ATOM   1018 O O   . SER A 1 129 ? -19.121 -0.232  -1.189  1.00 73.89 ? 128 SER A O   1 
ATOM   1019 C CB  . SER A 1 129 ? -17.341 -1.391  -2.939  1.00 80.09 ? 128 SER A CB  1 
ATOM   1020 O OG  . SER A 1 129 ? -16.535 -1.894  -3.995  1.00 77.92 ? 128 SER A OG  1 
ATOM   1021 N N   . GLY A 1 130 ? -19.463 1.609   -2.418  1.00 63.55 ? 129 GLY A N   1 
ATOM   1022 C CA  . GLY A 1 130 ? -20.328 2.232   -1.418  1.00 61.74 ? 129 GLY A CA  1 
ATOM   1023 C C   . GLY A 1 130 ? -19.642 3.155   -0.424  1.00 60.04 ? 129 GLY A C   1 
ATOM   1024 O O   . GLY A 1 130 ? -20.298 3.996   0.208   1.00 56.92 ? 129 GLY A O   1 
ATOM   1025 N N   . LYS A 1 131 ? -18.330 3.002   -0.261  1.00 61.07 ? 130 LYS A N   1 
ATOM   1026 C CA  . LYS A 1 131 ? -17.595 3.894   0.635   1.00 60.53 ? 130 LYS A CA  1 
ATOM   1027 C C   . LYS A 1 131 ? -16.950 5.090   -0.109  1.00 63.09 ? 130 LYS A C   1 
ATOM   1028 O O   . LYS A 1 131 ? -16.239 4.907   -1.118  1.00 55.37 ? 130 LYS A O   1 
ATOM   1029 C CB  . LYS A 1 131 ? -16.564 3.135   1.469   1.00 57.59 ? 130 LYS A CB  1 
ATOM   1030 C CG  . LYS A 1 131 ? -16.372 3.753   2.835   1.00 56.05 ? 130 LYS A CG  1 
ATOM   1031 C CD  . LYS A 1 131 ? -16.040 2.704   3.873   1.00 58.60 ? 130 LYS A CD  1 
ATOM   1032 C CE  . LYS A 1 131 ? -15.534 3.356   5.164   1.00 59.58 ? 130 LYS A CE  1 
ATOM   1033 N NZ  . LYS A 1 131 ? -16.567 4.202   5.819   1.00 58.39 ? 130 LYS A NZ  1 
ATOM   1034 N N   . PRO A 1 132 ? -17.241 6.314   0.379   1.00 65.62 ? 131 PRO A N   1 
ATOM   1035 C CA  . PRO A 1 132 ? -16.648 7.573   -0.061  1.00 65.40 ? 131 PRO A CA  1 
ATOM   1036 C C   . PRO A 1 132 ? -15.221 7.769   0.485   1.00 64.78 ? 131 PRO A C   1 
ATOM   1037 O O   . PRO A 1 132 ? -15.001 7.658   1.704   1.00 59.01 ? 131 PRO A O   1 
ATOM   1038 C CB  . PRO A 1 132 ? -17.597 8.618   0.539   1.00 69.22 ? 131 PRO A CB  1 
ATOM   1039 C CG  . PRO A 1 132 ? -18.171 7.972   1.756   1.00 67.36 ? 131 PRO A CG  1 
ATOM   1040 C CD  . PRO A 1 132 ? -18.343 6.539   1.343   1.00 70.19 ? 131 PRO A CD  1 
ATOM   1041 N N   . THR A 1 133 ? -14.270 8.074   -0.405  1.00 59.45 ? 132 THR A N   1 
ATOM   1042 C CA  . THR A 1 133 ? -12.846 8.064   -0.048  1.00 56.18 ? 132 THR A CA  1 
ATOM   1043 C C   . THR A 1 133 ? -12.045 9.272   -0.598  1.00 54.37 ? 132 THR A C   1 
ATOM   1044 O O   . THR A 1 133 ? -12.132 9.594   -1.780  1.00 53.22 ? 132 THR A O   1 
ATOM   1045 C CB  . THR A 1 133 ? -12.184 6.733   -0.504  1.00 56.24 ? 132 THR A CB  1 
ATOM   1046 O OG1 . THR A 1 133 ? -12.810 5.623   0.148   1.00 54.05 ? 132 THR A OG1 1 
ATOM   1047 C CG2 . THR A 1 133 ? -10.675 6.717   -0.200  1.00 59.51 ? 132 THR A CG2 1 
ATOM   1048 N N   . HIS A 1 134 ? -11.245 9.900   0.273   1.00 50.76 ? 133 HIS A N   1 
ATOM   1049 C CA  . HIS A 1 134 ? -10.377 11.029  -0.098  1.00 48.65 ? 133 HIS A CA  1 
ATOM   1050 C C   . HIS A 1 134 ? -8.891  10.733  -0.133  1.00 48.46 ? 133 HIS A C   1 
ATOM   1051 O O   . HIS A 1 134 ? -8.420  9.688   0.318   1.00 51.46 ? 133 HIS A O   1 
ATOM   1052 C CB  . HIS A 1 134 ? -10.613 12.236  0.814   1.00 49.30 ? 133 HIS A CB  1 
ATOM   1053 C CG  . HIS A 1 134 ? -11.876 12.975  0.501   1.00 55.16 ? 133 HIS A CG  1 
ATOM   1054 N ND1 . HIS A 1 134 ? -12.544 13.736  1.430   1.00 56.62 ? 133 HIS A ND1 1 
ATOM   1055 C CD2 . HIS A 1 134 ? -12.616 13.037  -0.630  1.00 58.17 ? 133 HIS A CD2 1 
ATOM   1056 C CE1 . HIS A 1 134 ? -13.643 14.234  0.888   1.00 59.79 ? 133 HIS A CE1 1 
ATOM   1057 N NE2 . HIS A 1 134 ? -13.700 13.840  -0.367  1.00 60.03 ? 133 HIS A NE2 1 
ATOM   1058 N N   . ARG A 1 135 ? -8.171  11.709  -0.689  1.00 44.19 ? 134 ARG A N   1 
ATOM   1059 C CA  . ARG A 1 135 ? -6.710  11.698  -0.920  1.00 36.72 ? 134 ARG A CA  1 
ATOM   1060 C C   . ARG A 1 135 ? -6.244  10.550  -1.825  1.00 32.99 ? 134 ARG A C   1 
ATOM   1061 O O   . ARG A 1 135 ? -5.226  9.929   -1.593  1.00 28.05 ? 134 ARG A O   1 
ATOM   1062 C CB  . ARG A 1 135 ? -5.943  11.771  0.395   1.00 34.01 ? 134 ARG A CB  1 
ATOM   1063 C CG  . ARG A 1 135 ? -6.538  12.725  1.407   1.00 32.04 ? 134 ARG A CG  1 
ATOM   1064 C CD  . ARG A 1 135 ? -5.478  13.534  2.136   1.00 33.72 ? 134 ARG A CD  1 
ATOM   1065 N NE  . ARG A 1 135 ? -5.992  14.183  3.356   1.00 32.88 ? 134 ARG A NE  1 
ATOM   1066 C CZ  . ARG A 1 135 ? -5.504  14.005  4.588   1.00 33.45 ? 134 ARG A CZ  1 
ATOM   1067 N NH1 . ARG A 1 135 ? -4.453  13.215  4.807   1.00 34.07 ? 134 ARG A NH1 1 
ATOM   1068 N NH2 . ARG A 1 135 ? -6.046  14.648  5.626   1.00 32.90 ? 134 ARG A NH2 1 
ATOM   1069 N N   . THR A 1 136 ? -7.016  10.301  -2.877  1.00 33.81 ? 135 THR A N   1 
ATOM   1070 C CA  . THR A 1 136 ? -6.735  9.215   -3.812  1.00 35.43 ? 135 THR A CA  1 
ATOM   1071 C C   . THR A 1 136 ? -5.921  9.747   -4.984  1.00 35.54 ? 135 THR A C   1 
ATOM   1072 O O   . THR A 1 136 ? -5.825  10.963  -5.200  1.00 39.84 ? 135 THR A O   1 
ATOM   1073 C CB  . THR A 1 136 ? -8.036  8.531   -4.315  1.00 37.93 ? 135 THR A CB  1 
ATOM   1074 O OG1 . THR A 1 136 ? -8.697  9.332   -5.324  1.00 38.80 ? 135 THR A OG1 1 
ATOM   1075 C CG2 . THR A 1 136 ? -9.008  8.297   -3.139  1.00 39.04 ? 135 THR A CG2 1 
ATOM   1076 N N   . MET A 1 137 ? -5.326  8.841   -5.741  1.00 33.77 ? 136 MET A N   1 
ATOM   1077 C CA  . MET A 1 137 ? -4.613  9.226   -6.929  1.00 33.40 ? 136 MET A CA  1 
ATOM   1078 C C   . MET A 1 137 ? -4.867  8.196   -8.003  1.00 32.06 ? 136 MET A C   1 
ATOM   1079 O O   . MET A 1 137 ? -5.225  7.071   -7.698  1.00 34.24 ? 136 MET A O   1 
ATOM   1080 C CB  . MET A 1 137 ? -3.118  9.321   -6.629  1.00 37.32 ? 136 MET A CB  1 
ATOM   1081 C CG  . MET A 1 137 ? -2.677  10.579  -5.889  1.00 37.75 ? 136 MET A CG  1 
ATOM   1082 S SD  . MET A 1 137 ? -0.880  10.798  -6.049  1.00 41.45 ? 136 MET A SD  1 
ATOM   1083 C CE  . MET A 1 137 ? -0.270  9.474   -4.994  1.00 42.01 ? 136 MET A CE  1 
ATOM   1084 N N   . MET A 1 138 ? -4.628  8.577   -9.251  1.00 31.84 ? 137 MET A N   1 
ATOM   1085 C CA  . MET A 1 138 ? -5.068  7.807   -10.418 1.00 33.52 ? 137 MET A CA  1 
ATOM   1086 C C   . MET A 1 138 ? -3.891  7.525   -11.334 1.00 32.18 ? 137 MET A C   1 
ATOM   1087 O O   . MET A 1 138 ? -3.012  8.356   -11.486 1.00 30.13 ? 137 MET A O   1 
ATOM   1088 C CB  . MET A 1 138 ? -6.187  8.592   -11.166 1.00 36.28 ? 137 MET A CB  1 
ATOM   1089 C CG  . MET A 1 138 ? -6.811  7.920   -12.392 1.00 39.35 ? 137 MET A CG  1 
ATOM   1090 S SD  . MET A 1 138 ? -5.868  7.902   -13.945 1.00 42.99 ? 137 MET A SD  1 
ATOM   1091 C CE  . MET A 1 138 ? -6.054  9.621   -14.438 1.00 46.15 ? 137 MET A CE  1 
ATOM   1092 N N   . TYR A 1 139 ? -3.873  6.328   -11.911 1.00 34.35 ? 138 TYR A N   1 
ATOM   1093 C CA  . TYR A 1 139 ? -2.945  5.969   -12.985 1.00 35.60 ? 138 TYR A CA  1 
ATOM   1094 C C   . TYR A 1 139 ? -3.764  5.255   -14.057 1.00 39.00 ? 138 TYR A C   1 
ATOM   1095 O O   . TYR A 1 139 ? -4.687  4.502   -13.744 1.00 35.64 ? 138 TYR A O   1 
ATOM   1096 C CB  . TYR A 1 139 ? -1.828  5.065   -12.489 1.00 35.57 ? 138 TYR A CB  1 
ATOM   1097 C CG  . TYR A 1 139 ? -2.090  4.389   -11.137 1.00 35.82 ? 138 TYR A CG  1 
ATOM   1098 C CD1 . TYR A 1 139 ? -2.461  3.061   -11.057 1.00 32.85 ? 138 TYR A CD1 1 
ATOM   1099 C CD2 . TYR A 1 139 ? -1.934  5.098   -9.945  1.00 34.69 ? 138 TYR A CD2 1 
ATOM   1100 C CE1 . TYR A 1 139 ? -2.681  2.463   -9.847  1.00 32.10 ? 138 TYR A CE1 1 
ATOM   1101 C CE2 . TYR A 1 139 ? -2.162  4.507   -8.731  1.00 32.34 ? 138 TYR A CE2 1 
ATOM   1102 C CZ  . TYR A 1 139 ? -2.529  3.185   -8.687  1.00 32.61 ? 138 TYR A CZ  1 
ATOM   1103 O OH  . TYR A 1 139 ? -2.757  2.578   -7.474  1.00 32.74 ? 138 TYR A OH  1 
ATOM   1104 N N   . ASN A 1 140 ? -3.450  5.499   -15.325 1.00 41.40 ? 139 ASN A N   1 
ATOM   1105 C CA  . ASN A 1 140 ? -4.218  4.896   -16.408 1.00 38.31 ? 139 ASN A CA  1 
ATOM   1106 C C   . ASN A 1 140 ? -3.706  3.523   -16.771 1.00 36.13 ? 139 ASN A C   1 
ATOM   1107 O O   . ASN A 1 140 ? -3.119  3.327   -17.821 1.00 34.51 ? 139 ASN A O   1 
ATOM   1108 C CB  . ASN A 1 140 ? -4.261  5.825   -17.624 1.00 38.33 ? 139 ASN A CB  1 
ATOM   1109 C CG  . ASN A 1 140 ? -5.124  7.060   -17.382 1.00 36.25 ? 139 ASN A CG  1 
ATOM   1110 O OD1 . ASN A 1 140 ? -4.940  8.087   -18.009 1.00 33.83 ? 139 ASN A OD1 1 
ATOM   1111 N ND2 . ASN A 1 140 ? -6.061  6.955   -16.475 1.00 35.80 ? 139 ASN A ND2 1 
ATOM   1112 N N   . PHE A 1 141 ? -3.990  2.566   -15.887 1.00 36.38 ? 140 PHE A N   1 
ATOM   1113 C CA  . PHE A 1 141 ? -3.621  1.143   -16.070 1.00 36.88 ? 140 PHE A CA  1 
ATOM   1114 C C   . PHE A 1 141 ? -4.768  0.196   -15.623 1.00 36.76 ? 140 PHE A C   1 
ATOM   1115 O O   . PHE A 1 141 ? -5.400  0.443   -14.577 1.00 35.45 ? 140 PHE A O   1 
ATOM   1116 C CB  . PHE A 1 141 ? -2.330  0.813   -15.290 1.00 34.87 ? 140 PHE A CB  1 
ATOM   1117 C CG  . PHE A 1 141 ? -1.633  -0.440  -15.766 1.00 31.46 ? 140 PHE A CG  1 
ATOM   1118 C CD1 . PHE A 1 141 ? -0.713  -0.366  -16.791 1.00 31.61 ? 140 PHE A CD1 1 
ATOM   1119 C CD2 . PHE A 1 141 ? -1.914  -1.685  -15.206 1.00 29.21 ? 140 PHE A CD2 1 
ATOM   1120 C CE1 . PHE A 1 141 ? -0.084  -1.500  -17.258 1.00 31.71 ? 140 PHE A CE1 1 
ATOM   1121 C CE2 . PHE A 1 141 ? -1.290  -2.821  -15.669 1.00 29.39 ? 140 PHE A CE2 1 
ATOM   1122 C CZ  . PHE A 1 141 ? -0.371  -2.734  -16.709 1.00 30.11 ? 140 PHE A CZ  1 
ATOM   1123 N N   . PRO A 1 142 ? -5.045  -0.872  -16.413 1.00 35.27 ? 141 PRO A N   1 
ATOM   1124 C CA  . PRO A 1 142 ? -6.150  -1.780  -16.119 1.00 37.76 ? 141 PRO A CA  1 
ATOM   1125 C C   . PRO A 1 142 ? -5.900  -2.699  -14.906 1.00 40.89 ? 141 PRO A C   1 
ATOM   1126 O O   . PRO A 1 142 ? -5.644  -3.890  -15.077 1.00 40.83 ? 141 PRO A O   1 
ATOM   1127 C CB  . PRO A 1 142 ? -6.273  -2.591  -17.424 1.00 36.79 ? 141 PRO A CB  1 
ATOM   1128 C CG  . PRO A 1 142 ? -4.923  -2.562  -18.033 1.00 36.50 ? 141 PRO A CG  1 
ATOM   1129 C CD  . PRO A 1 142 ? -4.436  -1.180  -17.721 1.00 36.15 ? 141 PRO A CD  1 
ATOM   1130 N N   . THR A 1 143 ? -6.010  -2.180  -13.694 1.00 44.51 ? 142 THR A N   1 
ATOM   1131 C CA  . THR A 1 143 ? -5.557  -2.965  -12.539 1.00 46.29 ? 142 THR A CA  1 
ATOM   1132 C C   . THR A 1 143 ? -6.577  -4.006  -12.037 1.00 52.29 ? 142 THR A C   1 
ATOM   1133 O O   . THR A 1 143 ? -7.728  -3.674  -11.688 1.00 50.15 ? 142 THR A O   1 
ATOM   1134 C CB  . THR A 1 143 ? -5.120  -2.064  -11.380 1.00 41.21 ? 142 THR A CB  1 
ATOM   1135 O OG1 . THR A 1 143 ? -6.175  -1.156  -11.043 1.00 38.36 ? 142 THR A OG1 1 
ATOM   1136 C CG2 . THR A 1 143 ? -3.885  -1.290  -11.775 1.00 40.08 ? 142 THR A CG2 1 
ATOM   1137 N N   . LYS A 1 144 ? -6.118  -5.264  -11.994 1.00 52.12 ? 143 LYS A N   1 
ATOM   1138 C CA  . LYS A 1 144 ? -6.956  -6.399  -11.588 1.00 49.09 ? 143 LYS A CA  1 
ATOM   1139 C C   . LYS A 1 144 ? -7.069  -6.566  -10.068 1.00 46.91 ? 143 LYS A C   1 
ATOM   1140 O O   . LYS A 1 144 ? -6.352  -5.932  -9.290  1.00 43.59 ? 143 LYS A O   1 
ATOM   1141 C CB  . LYS A 1 144 ? -6.503  -7.702  -12.245 1.00 47.75 ? 143 LYS A CB  1 
ATOM   1142 C CG  . LYS A 1 144 ? -5.036  -7.770  -12.594 1.00 50.50 ? 143 LYS A CG  1 
ATOM   1143 C CD  . LYS A 1 144 ? -4.635  -9.150  -13.087 1.00 52.48 ? 143 LYS A CD  1 
ATOM   1144 C CE  . LYS A 1 144 ? -3.101  -9.229  -13.206 1.00 55.61 ? 143 LYS A CE  1 
ATOM   1145 N NZ  . LYS A 1 144 ? -2.540  -10.605 -13.309 1.00 55.12 ? 143 LYS A NZ  1 
ATOM   1146 N N   . ALA A 1 145 ? -8.015  -7.412  -9.669  1.00 45.58 ? 144 ALA A N   1 
ATOM   1147 C CA  . ALA A 1 145 ? -8.245  -7.716  -8.267  1.00 44.38 ? 144 ALA A CA  1 
ATOM   1148 C C   . ALA A 1 145 ? -7.105  -8.604  -7.745  1.00 43.08 ? 144 ALA A C   1 
ATOM   1149 O O   . ALA A 1 145 ? -6.425  -9.320  -8.522  1.00 35.80 ? 144 ALA A O   1 
ATOM   1150 C CB  . ALA A 1 145 ? -9.586  -8.400  -8.090  1.00 43.61 ? 144 ALA A CB  1 
ATOM   1151 N N   . GLY A 1 146 ? -6.896  -8.542  -6.426  1.00 39.22 ? 145 GLY A N   1 
ATOM   1152 C CA  . GLY A 1 146 ? -5.754  -9.216  -5.790  1.00 38.22 ? 145 GLY A CA  1 
ATOM   1153 C C   . GLY A 1 146 ? -4.456  -8.405  -5.936  1.00 35.03 ? 145 GLY A C   1 
ATOM   1154 O O   . GLY A 1 146 ? -3.355  -8.881  -5.582  1.00 35.17 ? 145 GLY A O   1 
ATOM   1155 N N   . GLN A 1 147 ? -4.602  -7.183  -6.459  1.00 29.78 ? 146 GLN A N   1 
ATOM   1156 C CA  . GLN A 1 147 ? -3.512  -6.230  -6.606  1.00 27.13 ? 146 GLN A CA  1 
ATOM   1157 C C   . GLN A 1 147 ? -3.637  -5.064  -5.627  1.00 25.67 ? 146 GLN A C   1 
ATOM   1158 O O   . GLN A 1 147 ? -2.829  -4.139  -5.663  1.00 23.62 ? 146 GLN A O   1 
ATOM   1159 C CB  . GLN A 1 147 ? -3.445  -5.710  -8.048  1.00 26.70 ? 146 GLN A CB  1 
ATOM   1160 C CG  . GLN A 1 147 ? -2.983  -6.765  -9.059  1.00 26.43 ? 146 GLN A CG  1 
ATOM   1161 C CD  . GLN A 1 147 ? -2.635  -6.180  -10.411 1.00 24.74 ? 146 GLN A CD  1 
ATOM   1162 O OE1 . GLN A 1 147 ? -3.248  -5.228  -10.871 1.00 22.20 ? 146 GLN A OE1 1 
ATOM   1163 N NE2 . GLN A 1 147 ? -1.667  -6.768  -11.062 1.00 25.07 ? 146 GLN A NE2 1 
ATOM   1164 N N   . CYS A 1 148 ? -4.652  -5.104  -4.775  1.00 26.17 ? 147 CYS A N   1 
ATOM   1165 C CA  . CYS A 1 148 ? -4.778  -4.118  -3.704  1.00 29.26 ? 147 CYS A CA  1 
ATOM   1166 C C   . CYS A 1 148 ? -3.664  -4.316  -2.658  1.00 28.11 ? 147 CYS A C   1 
ATOM   1167 O O   . CYS A 1 148 ? -3.324  -5.435  -2.277  1.00 28.72 ? 147 CYS A O   1 
ATOM   1168 C CB  . CYS A 1 148 ? -6.165  -4.172  -3.009  1.00 32.28 ? 147 CYS A CB  1 
ATOM   1169 S SG  . CYS A 1 148 ? -7.468  -3.502  -4.005  1.00 36.09 ? 147 CYS A SG  1 
ATOM   1170 N N   . GLY A 1 149 ? -3.105  -3.202  -2.210  1.00 26.62 ? 148 GLY A N   1 
ATOM   1171 C CA  . GLY A 1 149 ? -2.000  -3.194  -1.274  1.00 25.25 ? 148 GLY A CA  1 
ATOM   1172 C C   . GLY A 1 149 ? -0.735  -2.836  -1.994  1.00 24.38 ? 148 GLY A C   1 
ATOM   1173 O O   . GLY A 1 149 ? 0.187   -2.316  -1.389  1.00 25.73 ? 148 GLY A O   1 
ATOM   1174 N N   . GLY A 1 150 ? -0.705  -3.136  -3.288  1.00 24.16 ? 149 GLY A N   1 
ATOM   1175 C CA  . GLY A 1 150 ? 0.457   -2.918  -4.163  1.00 23.69 ? 149 GLY A CA  1 
ATOM   1176 C C   . GLY A 1 150 ? 1.043   -1.533  -4.020  1.00 23.45 ? 149 GLY A C   1 
ATOM   1177 O O   . GLY A 1 150 ? 0.307   -0.555  -3.861  1.00 24.03 ? 149 GLY A O   1 
ATOM   1178 N N   . VAL A 1 151 ? 2.372   -1.441  -4.086  1.00 22.70 ? 150 VAL A N   1 
ATOM   1179 C CA  . VAL A 1 151 ? 3.049   -0.215  -3.685  1.00 22.09 ? 150 VAL A CA  1 
ATOM   1180 C C   . VAL A 1 151 ? 3.449   0.605   -4.888  1.00 24.44 ? 150 VAL A C   1 
ATOM   1181 O O   . VAL A 1 151 ? 4.220   0.148   -5.755  1.00 27.19 ? 150 VAL A O   1 
ATOM   1182 C CB  . VAL A 1 151 ? 4.253   -0.491  -2.770  1.00 20.72 ? 150 VAL A CB  1 
ATOM   1183 C CG1 . VAL A 1 151 ? 4.715   0.810   -2.165  1.00 21.39 ? 150 VAL A CG1 1 
ATOM   1184 C CG2 . VAL A 1 151 ? 3.866   -1.459  -1.640  1.00 19.44 ? 150 VAL A CG2 1 
ATOM   1185 N N   . VAL A 1 152 ? 2.907   1.821   -4.947  1.00 25.94 ? 151 VAL A N   1 
ATOM   1186 C CA  . VAL A 1 152 ? 3.207   2.754   -6.037  1.00 27.13 ? 151 VAL A CA  1 
ATOM   1187 C C   . VAL A 1 152 ? 4.538   3.449   -5.757  1.00 28.44 ? 151 VAL A C   1 
ATOM   1188 O O   . VAL A 1 152 ? 4.659   4.189   -4.790  1.00 28.93 ? 151 VAL A O   1 
ATOM   1189 C CB  . VAL A 1 152 ? 2.091   3.809   -6.210  1.00 26.90 ? 151 VAL A CB  1 
ATOM   1190 C CG1 . VAL A 1 152 ? 2.206   4.504   -7.555  1.00 26.45 ? 151 VAL A CG1 1 
ATOM   1191 C CG2 . VAL A 1 152 ? 0.718   3.178   -6.089  1.00 27.14 ? 151 VAL A CG2 1 
ATOM   1192 N N   . THR A 1 153 ? 5.545   3.213   -6.597  1.00 30.67 ? 152 THR A N   1 
ATOM   1193 C CA  . THR A 1 153 ? 6.866   3.831   -6.384  1.00 33.38 ? 152 THR A CA  1 
ATOM   1194 C C   . THR A 1 153 ? 7.463   4.552   -7.617  1.00 35.37 ? 152 THR A C   1 
ATOM   1195 O O   . THR A 1 153 ? 7.365   4.071   -8.723  1.00 34.31 ? 152 THR A O   1 
ATOM   1196 C CB  . THR A 1 153 ? 7.882   2.789   -5.894  1.00 33.18 ? 152 THR A CB  1 
ATOM   1197 O OG1 . THR A 1 153 ? 7.917   1.683   -6.800  1.00 30.28 ? 152 THR A OG1 1 
ATOM   1198 C CG2 . THR A 1 153 ? 7.494   2.290   -4.532  1.00 36.09 ? 152 THR A CG2 1 
ATOM   1199 N N   . SER A 1 154 ? 8.095   5.704   -7.399  1.00 37.27 ? 153 SER A N   1 
ATOM   1200 C CA  . SER A 1 154 ? 8.879   6.378   -8.434  1.00 38.21 ? 153 SER A CA  1 
ATOM   1201 C C   . SER A 1 154 ? 10.161  7.004   -7.896  1.00 37.09 ? 153 SER A C   1 
ATOM   1202 O O   . SER A 1 154 ? 10.123  7.867   -6.994  1.00 40.10 ? 153 SER A O   1 
ATOM   1203 C CB  . SER A 1 154 ? 8.045   7.490   -9.116  1.00 41.07 ? 153 SER A CB  1 
ATOM   1204 O OG  . SER A 1 154 ? 8.707   8.011   -10.268 1.00 38.47 ? 153 SER A OG  1 
ATOM   1205 N N   . VAL A 1 155 ? 11.293  6.589   -8.476  1.00 34.78 ? 154 VAL A N   1 
ATOM   1206 C CA  . VAL A 1 155 ? 12.619  7.203   -8.244  1.00 33.42 ? 154 VAL A CA  1 
ATOM   1207 C C   . VAL A 1 155 ? 13.111  7.236   -6.804  1.00 30.55 ? 154 VAL A C   1 
ATOM   1208 O O   . VAL A 1 155 ? 13.831  8.156   -6.411  1.00 27.72 ? 154 VAL A O   1 
ATOM   1209 C CB  . VAL A 1 155 ? 12.674  8.651   -8.793  1.00 34.95 ? 154 VAL A CB  1 
ATOM   1210 C CG1 . VAL A 1 155 ? 12.731  8.633   -10.313 1.00 35.47 ? 154 VAL A CG1 1 
ATOM   1211 C CG2 . VAL A 1 155 ? 11.507  9.471   -8.308  1.00 36.37 ? 154 VAL A CG2 1 
ATOM   1212 N N   . GLY A 1 156 ? 12.760  6.213   -6.039  1.00 30.59 ? 155 GLY A N   1 
ATOM   1213 C CA  . GLY A 1 156 ? 13.169  6.118   -4.642  1.00 30.41 ? 155 GLY A CA  1 
ATOM   1214 C C   . GLY A 1 156 ? 12.176  6.800   -3.766  1.00 29.03 ? 155 GLY A C   1 
ATOM   1215 O O   . GLY A 1 156 ? 12.475  7.167   -2.646  1.00 29.38 ? 155 GLY A O   1 
ATOM   1216 N N   . LYS A 1 157 ? 10.996  7.013   -4.307  1.00 30.40 ? 156 LYS A N   1 
ATOM   1217 C CA  . LYS A 1 157 ? 9.889   7.489   -3.505  1.00 33.63 ? 156 LYS A CA  1 
ATOM   1218 C C   . LYS A 1 157 ? 8.715   6.487   -3.485  1.00 34.50 ? 156 LYS A C   1 
ATOM   1219 O O   . LYS A 1 157 ? 8.418   5.788   -4.478  1.00 31.81 ? 156 LYS A O   1 
ATOM   1220 C CB  . LYS A 1 157 ? 9.419   8.856   -3.953  1.00 35.69 ? 156 LYS A CB  1 
ATOM   1221 C CG  . LYS A 1 157 ? 10.163  10.004  -3.274  1.00 36.54 ? 156 LYS A CG  1 
ATOM   1222 C CD  . LYS A 1 157 ? 10.280  11.121  -4.286  1.00 39.48 ? 156 LYS A CD  1 
ATOM   1223 C CE  . LYS A 1 157 ? 10.737  10.483  -5.616  1.00 40.84 ? 156 LYS A CE  1 
ATOM   1224 N NZ  . LYS A 1 157 ? 10.058  11.096  -6.797  1.00 40.98 ? 156 LYS A NZ  1 
ATOM   1225 N N   . VAL A 1 158 ? 8.081   6.410   -2.315  1.00 33.54 ? 157 VAL A N   1 
ATOM   1226 C CA  . VAL A 1 158 ? 6.987   5.484   -2.085  1.00 32.49 ? 157 VAL A CA  1 
ATOM   1227 C C   . VAL A 1 158 ? 5.744   6.340   -1.892  1.00 32.47 ? 157 VAL A C   1 
ATOM   1228 O O   . VAL A 1 158 ? 5.597   7.034   -0.871  1.00 29.36 ? 157 VAL A O   1 
ATOM   1229 C CB  . VAL A 1 158 ? 7.292   4.597   -0.856  1.00 32.24 ? 157 VAL A CB  1 
ATOM   1230 C CG1 . VAL A 1 158 ? 6.078   3.753   -0.464  1.00 31.80 ? 157 VAL A CG1 1 
ATOM   1231 C CG2 . VAL A 1 158 ? 8.518   3.729   -1.127  1.00 31.38 ? 157 VAL A CG2 1 
ATOM   1232 N N   . ILE A 1 159 ? 4.848   6.288   -2.875  1.00 34.72 ? 158 ILE A N   1 
ATOM   1233 C CA  . ILE A 1 159 ? 3.793   7.325   -2.983  1.00 36.32 ? 158 ILE A CA  1 
ATOM   1234 C C   . ILE A 1 159 ? 2.335   6.897   -2.782  1.00 30.24 ? 158 ILE A C   1 
ATOM   1235 O O   . ILE A 1 159 ? 1.508   7.713   -2.360  1.00 30.49 ? 158 ILE A O   1 
ATOM   1236 C CB  . ILE A 1 159 ? 3.956   8.158   -4.276  1.00 41.22 ? 158 ILE A CB  1 
ATOM   1237 C CG1 . ILE A 1 159 ? 4.027   7.257   -5.507  1.00 41.54 ? 158 ILE A CG1 1 
ATOM   1238 C CG2 . ILE A 1 159 ? 5.241   9.009   -4.170  1.00 44.38 ? 158 ILE A CG2 1 
ATOM   1239 C CD1 . ILE A 1 159 ? 3.530   7.940   -6.757  1.00 43.94 ? 158 ILE A CD1 1 
ATOM   1240 N N   . GLY A 1 160 ? 2.013   5.637   -3.010  1.00 25.42 ? 159 GLY A N   1 
ATOM   1241 C CA  . GLY A 1 160 ? 0.657   5.205   -2.734  1.00 24.68 ? 159 GLY A CA  1 
ATOM   1242 C C   . GLY A 1 160 ? 0.525   3.734   -2.427  1.00 24.78 ? 159 GLY A C   1 
ATOM   1243 O O   . GLY A 1 160 ? 1.415   2.942   -2.715  1.00 25.52 ? 159 GLY A O   1 
ATOM   1244 N N   . ILE A 1 161 ? -0.612  3.387   -1.842  1.00 25.04 ? 160 ILE A N   1 
ATOM   1245 C CA  . ILE A 1 161 ? -1.044  2.004   -1.671  1.00 26.59 ? 160 ILE A CA  1 
ATOM   1246 C C   . ILE A 1 161 ? -2.220  1.753   -2.619  1.00 27.05 ? 160 ILE A C   1 
ATOM   1247 O O   . ILE A 1 161 ? -3.192  2.489   -2.594  1.00 29.99 ? 160 ILE A O   1 
ATOM   1248 C CB  . ILE A 1 161 ? -1.467  1.774   -0.194  1.00 27.20 ? 160 ILE A CB  1 
ATOM   1249 C CG1 . ILE A 1 161 ? -0.240  1.902   0.745   1.00 29.34 ? 160 ILE A CG1 1 
ATOM   1250 C CG2 . ILE A 1 161 ? -2.174  0.438   0.006   1.00 26.38 ? 160 ILE A CG2 1 
ATOM   1251 C CD1 . ILE A 1 161 ? 0.992   1.156   0.283   1.00 30.05 ? 160 ILE A CD1 1 
ATOM   1252 N N   . HIS A 1 162 ? -2.155  0.742   -3.466  1.00 27.31 ? 161 HIS A N   1 
ATOM   1253 C CA  . HIS A 1 162 ? -3.252  0.514   -4.397  1.00 29.92 ? 161 HIS A CA  1 
ATOM   1254 C C   . HIS A 1 162 ? -4.539  0.143   -3.674  1.00 29.96 ? 161 HIS A C   1 
ATOM   1255 O O   . HIS A 1 162 ? -4.530  -0.714  -2.814  1.00 30.49 ? 161 HIS A O   1 
ATOM   1256 C CB  . HIS A 1 162 ? -2.903  -0.561  -5.423  1.00 30.54 ? 161 HIS A CB  1 
ATOM   1257 C CG  . HIS A 1 162 ? -3.983  -0.792  -6.438  1.00 34.35 ? 161 HIS A CG  1 
ATOM   1258 N ND1 . HIS A 1 162 ? -3.998  -0.168  -7.669  1.00 35.39 ? 161 HIS A ND1 1 
ATOM   1259 C CD2 . HIS A 1 162 ? -5.097  -1.560  -6.396  1.00 35.43 ? 161 HIS A CD2 1 
ATOM   1260 C CE1 . HIS A 1 162 ? -5.065  -0.550  -8.343  1.00 34.65 ? 161 HIS A CE1 1 
ATOM   1261 N NE2 . HIS A 1 162 ? -5.753  -1.388  -7.592  1.00 35.51 ? 161 HIS A NE2 1 
ATOM   1262 N N   . ILE A 1 163 ? -5.643  0.797   -4.027  1.00 32.16 ? 162 ILE A N   1 
ATOM   1263 C CA  . ILE A 1 163 ? -6.935  0.485   -3.433  1.00 34.57 ? 162 ILE A CA  1 
ATOM   1264 C C   . ILE A 1 163 ? -8.078  0.222   -4.413  1.00 37.83 ? 162 ILE A C   1 
ATOM   1265 O O   . ILE A 1 163 ? -9.138  -0.255  -4.011  1.00 38.05 ? 162 ILE A O   1 
ATOM   1266 C CB  . ILE A 1 163 ? -7.397  1.609   -2.495  1.00 33.43 ? 162 ILE A CB  1 
ATOM   1267 C CG1 . ILE A 1 163 ? -7.583  2.904   -3.273  1.00 34.84 ? 162 ILE A CG1 1 
ATOM   1268 C CG2 . ILE A 1 163 ? -6.398  1.803   -1.370  1.00 33.59 ? 162 ILE A CG2 1 
ATOM   1269 C CD1 . ILE A 1 163 ? -8.470  3.916   -2.572  1.00 35.11 ? 162 ILE A CD1 1 
ATOM   1270 N N   . GLY A 1 164 ? -7.898  0.554   -5.681  1.00 43.38 ? 163 GLY A N   1 
ATOM   1271 C CA  . GLY A 1 164 ? -9.020  0.480   -6.620  1.00 46.12 ? 163 GLY A CA  1 
ATOM   1272 C C   . GLY A 1 164 ? -8.704  0.412   -8.096  1.00 49.25 ? 163 GLY A C   1 
ATOM   1273 O O   . GLY A 1 164 ? -7.575  0.650   -8.524  1.00 46.78 ? 163 GLY A O   1 
ATOM   1274 N N   . GLY A 1 165 ? -9.743  0.120   -8.873  1.00 57.70 ? 164 GLY A N   1 
ATOM   1275 C CA  . GLY A 1 165 ? -9.633  0.090   -10.334 1.00 59.59 ? 164 GLY A CA  1 
ATOM   1276 C C   . GLY A 1 165 ? -10.970 -0.122  -11.007 1.00 58.50 ? 164 GLY A C   1 
ATOM   1277 O O   . GLY A 1 165 ? -11.854 -0.728  -10.416 1.00 60.36 ? 164 GLY A O   1 
ATOM   1278 N N   . ASN A 1 166 ? -11.136 0.412   -12.216 1.00 58.57 ? 165 ASN A N   1 
ATOM   1279 C CA  . ASN A 1 166 ? -12.407 0.260   -12.951 1.00 50.91 ? 165 ASN A CA  1 
ATOM   1280 C C   . ASN A 1 166 ? -12.240 -0.583  -14.217 1.00 51.07 ? 165 ASN A C   1 
ATOM   1281 O O   . ASN A 1 166 ? -13.183 -0.742  -15.006 1.00 55.25 ? 165 ASN A O   1 
ATOM   1282 C CB  . ASN A 1 166 ? -13.045 1.618   -13.267 1.00 42.69 ? 165 ASN A CB  1 
ATOM   1283 C CG  . ASN A 1 166 ? -12.061 2.604   -13.873 1.00 37.72 ? 165 ASN A CG  1 
ATOM   1284 O OD1 . ASN A 1 166 ? -11.226 2.244   -14.713 1.00 31.77 ? 165 ASN A OD1 1 
ATOM   1285 N ND2 . ASN A 1 166 ? -12.157 3.851   -13.445 1.00 34.30 ? 165 ASN A ND2 1 
ATOM   1286 N N   . GLY A 1 167 ? -11.048 -1.139  -14.394 1.00 47.56 ? 166 GLY A N   1 
ATOM   1287 C CA  . GLY A 1 167 ? -10.789 -2.014  -15.531 1.00 43.29 ? 166 GLY A CA  1 
ATOM   1288 C C   . GLY A 1 167 ? -10.088 -1.258  -16.632 1.00 43.53 ? 166 GLY A C   1 
ATOM   1289 O O   . GLY A 1 167 ? -9.511  -1.867  -17.513 1.00 43.15 ? 166 GLY A O   1 
ATOM   1290 N N   . ARG A 1 168 ? -10.146 0.067   -16.596 1.00 44.15 ? 167 ARG A N   1 
ATOM   1291 C CA  . ARG A 1 168 ? -9.308  0.881   -17.476 1.00 46.07 ? 167 ARG A CA  1 
ATOM   1292 C C   . ARG A 1 168 ? -8.400  1.774   -16.672 1.00 40.97 ? 167 ARG A C   1 
ATOM   1293 O O   . ARG A 1 168 ? -7.457  2.347   -17.213 1.00 39.93 ? 167 ARG A O   1 
ATOM   1294 C CB  . ARG A 1 168 ? -10.162 1.753   -18.418 1.00 48.79 ? 167 ARG A CB  1 
ATOM   1295 C CG  . ARG A 1 168 ? -11.105 0.959   -19.312 1.00 47.33 ? 167 ARG A CG  1 
ATOM   1296 C CD  . ARG A 1 168 ? -12.530 1.165   -18.853 1.00 45.85 ? 167 ARG A CD  1 
ATOM   1297 N NE  . ARG A 1 168 ? -12.687 2.524   -18.363 1.00 45.83 ? 167 ARG A NE  1 
ATOM   1298 C CZ  . ARG A 1 168 ? -13.665 2.909   -17.562 1.00 50.34 ? 167 ARG A CZ  1 
ATOM   1299 N NH1 . ARG A 1 168 ? -14.594 2.036   -17.161 1.00 54.80 ? 167 ARG A NH1 1 
ATOM   1300 N NH2 . ARG A 1 168 ? -13.711 4.172   -17.160 1.00 48.51 ? 167 ARG A NH2 1 
ATOM   1301 N N   . GLN A 1 169 ? -8.694  1.909   -15.381 1.00 38.24 ? 168 GLN A N   1 
ATOM   1302 C CA  . GLN A 1 169 ? -7.928  2.801   -14.523 1.00 37.08 ? 168 GLN A CA  1 
ATOM   1303 C C   . GLN A 1 169 ? -7.701  2.218   -13.138 1.00 40.35 ? 168 GLN A C   1 
ATOM   1304 O O   . GLN A 1 169 ? -8.471  1.377   -12.665 1.00 41.37 ? 168 GLN A O   1 
ATOM   1305 C CB  . GLN A 1 169 ? -8.591  4.168   -14.420 1.00 36.55 ? 168 GLN A CB  1 
ATOM   1306 C CG  . GLN A 1 169 ? -8.655  4.916   -15.757 1.00 35.95 ? 168 GLN A CG  1 
ATOM   1307 C CD  . GLN A 1 169 ? -9.373  6.259   -15.637 1.00 34.61 ? 168 GLN A CD  1 
ATOM   1308 O OE1 . GLN A 1 169 ? -10.508 6.312   -15.164 1.00 31.53 ? 168 GLN A OE1 1 
ATOM   1309 N NE2 . GLN A 1 169 ? -8.714  7.350   -16.057 1.00 33.47 ? 168 GLN A NE2 1 
ATOM   1310 N N   . GLY A 1 170 ? -6.600  2.650   -12.515 1.00 41.94 ? 169 GLY A N   1 
ATOM   1311 C CA  . GLY A 1 170 ? -6.229  2.261   -11.161 1.00 37.01 ? 169 GLY A CA  1 
ATOM   1312 C C   . GLY A 1 170 ? -6.150  3.504   -10.291 1.00 37.58 ? 169 GLY A C   1 
ATOM   1313 O O   . GLY A 1 170 ? -5.840  4.602   -10.760 1.00 33.05 ? 169 GLY A O   1 
ATOM   1314 N N   . PHE A 1 171 ? -6.446  3.339   -9.011  1.00 37.71 ? 170 PHE A N   1 
ATOM   1315 C CA  . PHE A 1 171 ? -6.362  4.424   -8.084  1.00 39.91 ? 170 PHE A CA  1 
ATOM   1316 C C   . PHE A 1 171 ? -5.723  3.934   -6.811  1.00 38.99 ? 170 PHE A C   1 
ATOM   1317 O O   . PHE A 1 171 ? -5.927  2.794   -6.406  1.00 38.66 ? 170 PHE A O   1 
ATOM   1318 C CB  . PHE A 1 171 ? -7.750  4.961   -7.803  1.00 48.38 ? 170 PHE A CB  1 
ATOM   1319 C CG  . PHE A 1 171 ? -8.564  5.195   -9.045  1.00 53.98 ? 170 PHE A CG  1 
ATOM   1320 C CD1 . PHE A 1 171 ? -8.445  6.376   -9.752  1.00 54.95 ? 170 PHE A CD1 1 
ATOM   1321 C CD2 . PHE A 1 171 ? -9.443  4.225   -9.503  1.00 57.50 ? 170 PHE A CD2 1 
ATOM   1322 C CE1 . PHE A 1 171 ? -9.192  6.590   -10.890 1.00 58.19 ? 170 PHE A CE1 1 
ATOM   1323 C CE2 . PHE A 1 171 ? -10.184 4.419   -10.648 1.00 61.85 ? 170 PHE A CE2 1 
ATOM   1324 C CZ  . PHE A 1 171 ? -10.060 5.611   -11.347 1.00 62.39 ? 170 PHE A CZ  1 
ATOM   1325 N N   . CYS A 1 172 ? -4.931  4.790   -6.179  1.00 37.79 ? 171 CYS A N   1 
ATOM   1326 C CA  . CYS A 1 172 ? -4.239  4.392   -4.956  1.00 35.46 ? 171 CYS A CA  1 
ATOM   1327 C C   . CYS A 1 172 ? -4.507  5.431   -3.938  1.00 33.50 ? 171 CYS A C   1 
ATOM   1328 O O   . CYS A 1 172 ? -4.832  6.559   -4.279  1.00 33.73 ? 171 CYS A O   1 
ATOM   1329 C CB  . CYS A 1 172 ? -2.741  4.315   -5.159  1.00 34.58 ? 171 CYS A CB  1 
ATOM   1330 S SG  . CYS A 1 172 ? -2.015  5.951   -5.346  1.00 32.02 ? 171 CYS A SG  1 
ATOM   1331 N N   . ALA A 1 173 ? -4.389  5.050   -2.684  1.00 31.81 ? 172 ALA A N   1 
ATOM   1332 C CA  . ALA A 1 173 ? -4.547  5.996   -1.615  1.00 34.32 ? 172 ALA A CA  1 
ATOM   1333 C C   . ALA A 1 173 ? -3.157  6.534   -1.394  1.00 32.29 ? 172 ALA A C   1 
ATOM   1334 O O   . ALA A 1 173 ? -2.236  5.775   -1.160  1.00 38.06 ? 172 ALA A O   1 
ATOM   1335 C CB  . ALA A 1 173 ? -5.086  5.324   -0.365  1.00 36.90 ? 172 ALA A CB  1 
ATOM   1336 N N   . GLY A 1 174 ? -3.004  7.838   -1.527  1.00 29.68 ? 173 GLY A N   1 
ATOM   1337 C CA  . GLY A 1 174 ? -1.694  8.447   -1.550  1.00 29.41 ? 173 GLY A CA  1 
ATOM   1338 C C   . GLY A 1 174 ? -1.129  8.398   -0.164  1.00 28.80 ? 173 GLY A C   1 
ATOM   1339 O O   . GLY A 1 174 ? -1.885  8.416   0.802   1.00 28.10 ? 173 GLY A O   1 
ATOM   1340 N N   . LEU A 1 175 ? 0.204   8.392   -0.070  1.00 28.70 ? 174 LEU A N   1 
ATOM   1341 C CA  . LEU A 1 175 ? 0.886   8.325   1.219   1.00 28.59 ? 174 LEU A CA  1 
ATOM   1342 C C   . LEU A 1 175 ? 1.453   9.652   1.665   1.00 31.90 ? 174 LEU A C   1 
ATOM   1343 O O   . LEU A 1 175 ? 2.076   10.365  0.876   1.00 38.06 ? 174 LEU A O   1 
ATOM   1344 C CB  . LEU A 1 175 ? 2.008   7.269   1.180   1.00 26.41 ? 174 LEU A CB  1 
ATOM   1345 C CG  . LEU A 1 175 ? 1.568   5.812   1.160   1.00 23.52 ? 174 LEU A CG  1 
ATOM   1346 C CD1 . LEU A 1 175 ? 2.792   4.948   1.072   1.00 23.40 ? 174 LEU A CD1 1 
ATOM   1347 C CD2 . LEU A 1 175 ? 0.779   5.497   2.406   1.00 23.59 ? 174 LEU A CD2 1 
ATOM   1348 N N   . LYS A 1 176 ? 1.241   9.957   2.939   1.00 34.27 ? 175 LYS A N   1 
ATOM   1349 C CA  . LYS A 1 176 ? 1.762   11.162  3.584   1.00 35.68 ? 175 LYS A CA  1 
ATOM   1350 C C   . LYS A 1 176 ? 2.654   10.687  4.717   1.00 34.33 ? 175 LYS A C   1 
ATOM   1351 O O   . LYS A 1 176 ? 2.292   9.768   5.457   1.00 33.28 ? 175 LYS A O   1 
ATOM   1352 C CB  . LYS A 1 176 ? 0.609   11.968  4.186   1.00 41.11 ? 175 LYS A CB  1 
ATOM   1353 C CG  . LYS A 1 176 ? 0.510   13.389  3.694   1.00 44.08 ? 175 LYS A CG  1 
ATOM   1354 C CD  . LYS A 1 176 ? -0.922  13.907  3.808   1.00 45.04 ? 175 LYS A CD  1 
ATOM   1355 C CE  . LYS A 1 176 ? -1.058  14.993  4.848   1.00 45.29 ? 175 LYS A CE  1 
ATOM   1356 N NZ  . LYS A 1 176 ? -1.800  16.143  4.256   1.00 49.06 ? 175 LYS A NZ  1 
ATOM   1357 N N   . ARG A 1 177 ? 3.814   11.303  4.883   1.00 34.08 ? 176 ARG A N   1 
ATOM   1358 C CA  . ARG A 1 177 ? 4.731   10.866  5.942   1.00 33.28 ? 176 ARG A CA  1 
ATOM   1359 C C   . ARG A 1 177 ? 4.191   11.045  7.365   1.00 33.43 ? 176 ARG A C   1 
ATOM   1360 O O   . ARG A 1 177 ? 4.616   10.341  8.279   1.00 34.50 ? 176 ARG A O   1 
ATOM   1361 C CB  . ARG A 1 177 ? 6.058   11.590  5.813   1.00 33.72 ? 176 ARG A CB  1 
ATOM   1362 C CG  . ARG A 1 177 ? 7.179   10.962  6.628   1.00 34.68 ? 176 ARG A CG  1 
ATOM   1363 C CD  . ARG A 1 177 ? 8.392   11.860  6.615   1.00 36.24 ? 176 ARG A CD  1 
ATOM   1364 N NE  . ARG A 1 177 ? 9.102   11.802  5.347   1.00 35.69 ? 176 ARG A NE  1 
ATOM   1365 C CZ  . ARG A 1 177 ? 9.965   12.717  4.935   1.00 36.36 ? 176 ARG A CZ  1 
ATOM   1366 N NH1 . ARG A 1 177 ? 10.222  13.793  5.674   1.00 33.64 ? 176 ARG A NH1 1 
ATOM   1367 N NH2 . ARG A 1 177 ? 10.564  12.566  3.766   1.00 38.63 ? 176 ARG A NH2 1 
ATOM   1368 N N   . SER A 1 178 ? 3.276   11.982  7.559   1.00 35.36 ? 177 SER A N   1 
ATOM   1369 C CA  . SER A 1 178 ? 2.688   12.223  8.877   1.00 35.92 ? 177 SER A CA  1 
ATOM   1370 C C   . SER A 1 178 ? 1.891   11.015  9.363   1.00 35.37 ? 177 SER A C   1 
ATOM   1371 O O   . SER A 1 178 ? 1.746   10.828  10.579  1.00 32.98 ? 177 SER A O   1 
ATOM   1372 C CB  . SER A 1 178 ? 1.790   13.469  8.840   1.00 35.63 ? 177 SER A CB  1 
ATOM   1373 O OG  . SER A 1 178 ? 1.603   13.920  7.499   1.00 37.99 ? 177 SER A OG  1 
ATOM   1374 N N   . TYR A 1 179 ? 1.384   10.205  8.420   1.00 32.44 ? 178 TYR A N   1 
ATOM   1375 C CA  . TYR A 1 179 ? 0.543   9.074   8.760   1.00 31.48 ? 178 TYR A CA  1 
ATOM   1376 C C   . TYR A 1 179 ? 1.293   8.137   9.653   1.00 32.08 ? 178 TYR A C   1 
ATOM   1377 O O   . TYR A 1 179 ? 0.705   7.484   10.518  1.00 29.21 ? 178 TYR A O   1 
ATOM   1378 C CB  . TYR A 1 179 ? 0.145   8.282   7.519   1.00 33.35 ? 178 TYR A CB  1 
ATOM   1379 C CG  . TYR A 1 179 ? -0.848  8.916   6.587   1.00 34.29 ? 178 TYR A CG  1 
ATOM   1380 C CD1 . TYR A 1 179 ? -1.770  9.855   7.034   1.00 35.47 ? 178 TYR A CD1 1 
ATOM   1381 C CD2 . TYR A 1 179 ? -0.881  8.544   5.259   1.00 36.78 ? 178 TYR A CD2 1 
ATOM   1382 C CE1 . TYR A 1 179 ? -2.670  10.444  6.164   1.00 35.31 ? 178 TYR A CE1 1 
ATOM   1383 C CE2 . TYR A 1 179 ? -1.789  9.111   4.376   1.00 39.43 ? 178 TYR A CE2 1 
ATOM   1384 C CZ  . TYR A 1 179 ? -2.675  10.068  4.831   1.00 38.07 ? 178 TYR A CZ  1 
ATOM   1385 O OH  . TYR A 1 179 ? -3.562  10.607  3.930   1.00 37.52 ? 178 TYR A OH  1 
ATOM   1386 N N   . PHE A 1 180 ? 2.603   8.038   9.412   1.00 34.08 ? 179 PHE A N   1 
ATOM   1387 C CA  . PHE A 1 180 ? 3.445   7.011   10.077  1.00 35.40 ? 179 PHE A CA  1 
ATOM   1388 C C   . PHE A 1 180 ? 4.356   7.519   11.209  1.00 38.95 ? 179 PHE A C   1 
ATOM   1389 O O   . PHE A 1 180 ? 5.415   6.937   11.448  1.00 39.30 ? 179 PHE A O   1 
ATOM   1390 C CB  . PHE A 1 180 ? 4.273   6.257   9.022   1.00 32.61 ? 179 PHE A CB  1 
ATOM   1391 C CG  . PHE A 1 180 ? 3.439   5.687   7.889   1.00 30.81 ? 179 PHE A CG  1 
ATOM   1392 C CD1 . PHE A 1 180 ? 2.662   4.542   8.080   1.00 29.18 ? 179 PHE A CD1 1 
ATOM   1393 C CD2 . PHE A 1 180 ? 3.415   6.295   6.644   1.00 28.70 ? 179 PHE A CD2 1 
ATOM   1394 C CE1 . PHE A 1 180 ? 1.896   4.033   7.058   1.00 26.98 ? 179 PHE A CE1 1 
ATOM   1395 C CE2 . PHE A 1 180 ? 2.630   5.786   5.623   1.00 28.33 ? 179 PHE A CE2 1 
ATOM   1396 C CZ  . PHE A 1 180 ? 1.873   4.655   5.828   1.00 26.70 ? 179 PHE A CZ  1 
ATOM   1397 N N   . ALA A 1 181 ? 3.955   8.573   11.919  1.00 41.74 ? 180 ALA A N   1 
ATOM   1398 C CA  . ALA A 1 181 ? 4.820   9.141   12.972  1.00 44.90 ? 180 ALA A CA  1 
ATOM   1399 C C   . ALA A 1 181 ? 4.441   8.646   14.370  1.00 45.64 ? 180 ALA A C   1 
ATOM   1400 O O   . ALA A 1 181 ? 5.269   8.682   15.299  1.00 45.85 ? 180 ALA A O   1 
ATOM   1401 C CB  . ALA A 1 181 ? 4.820   10.660  12.932  1.00 44.14 ? 180 ALA A CB  1 
HETATM 1402 O O25 . GHZ B 2 .   ? -12.427 -4.110  -5.110  1.00 48.43 ? 201 GHZ A O25 1 
HETATM 1403 C C23 . GHZ B 2 .   ? -11.693 -3.146  -4.964  1.00 54.57 ? 201 GHZ A C23 1 
HETATM 1404 C C15 . GHZ B 2 .   ? -12.407 -1.909  -4.561  1.00 61.71 ? 201 GHZ A C15 1 
HETATM 1405 C C16 . GHZ B 2 .   ? -13.045 -2.260  -3.210  1.00 61.67 ? 201 GHZ A C16 1 
HETATM 1406 C C17 . GHZ B 2 .   ? -13.116 -1.078  -2.279  1.00 67.29 ? 201 GHZ A C17 1 
HETATM 1407 C C22 . GHZ B 2 .   ? -12.308 0.043   -2.478  1.00 67.41 ? 201 GHZ A C22 1 
HETATM 1408 C C21 . GHZ B 2 .   ? -12.393 1.129   -1.599  1.00 67.47 ? 201 GHZ A C21 1 
HETATM 1409 C C20 . GHZ B 2 .   ? -13.278 1.105   -0.522  1.00 69.51 ? 201 GHZ A C20 1 
HETATM 1410 C C19 . GHZ B 2 .   ? -14.081 -0.020  -0.320  1.00 72.30 ? 201 GHZ A C19 1 
HETATM 1411 C C18 . GHZ B 2 .   ? -14.002 -1.112  -1.195  1.00 69.68 ? 201 GHZ A C18 1 
HETATM 1412 N N13 . GHZ B 2 .   ? -13.537 -1.532  -5.411  1.00 70.51 ? 201 GHZ A N13 1 
HETATM 1413 C C12 . GHZ B 2 .   ? -13.540 -1.331  -6.748  1.00 78.08 ? 201 GHZ A C12 1 
HETATM 1414 O O11 . GHZ B 2 .   ? -14.835 -0.950  -7.354  1.00 90.78 ? 201 GHZ A O11 1 
HETATM 1415 C C10 . GHZ B 2 .   ? -15.050 -0.598  -8.738  1.00 91.90 ? 201 GHZ A C10 1 
HETATM 1416 C C1  . GHZ B 2 .   ? -15.302 0.918   -8.881  1.00 91.29 ? 201 GHZ A C1  1 
HETATM 1417 O O14 . GHZ B 2 .   ? -12.544 -1.444  -7.473  1.00 69.66 ? 201 GHZ A O14 1 
HETATM 1418 N N24 . GHZ B 2 .   ? -10.414 -3.119  -5.107  1.00 50.99 ? 201 GHZ A N24 1 
HETATM 1419 C C26 . GHZ B 2 .   ? -9.630  -4.315  -5.475  1.00 48.95 ? 201 GHZ A C26 1 
HETATM 1420 C C27 . GHZ B 2 .   ? -8.814  -4.621  -4.200  1.00 42.04 ? 201 GHZ A C27 1 
HETATM 1421 O O28 . GHZ B 2 .   ? -8.352  -5.964  -4.271  1.00 46.46 ? 201 GHZ A O28 1 
HETATM 1422 C C29 . GHZ B 2 .   ? -8.857  -4.092  -6.798  1.00 50.01 ? 201 GHZ A C29 1 
HETATM 1423 C C30 . GHZ B 2 .   ? -9.745  -3.537  -7.939  1.00 51.95 ? 201 GHZ A C30 1 
HETATM 1424 C C31 . GHZ B 2 .   ? -10.602 -4.616  -8.626  1.00 51.88 ? 201 GHZ A C31 1 
HETATM 1425 C C32 . GHZ B 2 .   ? -10.226 -4.646  -10.096 1.00 50.14 ? 201 GHZ A C32 1 
HETATM 1426 N N33 . GHZ B 2 .   ? -9.196  -3.636  -10.143 1.00 49.71 ? 201 GHZ A N33 1 
HETATM 1427 C C34 . GHZ B 2 .   ? -8.895  -3.054  -9.073  1.00 52.21 ? 201 GHZ A C34 1 
HETATM 1428 O O1  . GHZ B 2 .   ? -7.943  -2.124  -8.984  1.00 56.27 ? 201 GHZ A O1  1 
HETATM 1429 C C2  . GHZ B 2 .   ? -14.125 1.606   -9.567  1.00 84.59 ? 201 GHZ A C2  1 
HETATM 1430 C C3  . GHZ B 2 .   ? -16.606 1.276   -9.604  1.00 88.35 ? 201 GHZ A C3  1 
HETATM 1431 O O   . HOH C 3 .   ? 6.794   -12.826 17.765  1.00 19.13 ? 301 HOH A O   1 
HETATM 1432 O O   . HOH C 3 .   ? 11.284  -9.523  19.523  1.00 20.66 ? 302 HOH A O   1 
HETATM 1433 O O   . HOH C 3 .   ? 5.997   -11.504 20.733  1.00 19.39 ? 303 HOH A O   1 
HETATM 1434 O O   . HOH C 3 .   ? 15.633  1.160   9.813   1.00 14.44 ? 304 HOH A O   1 
HETATM 1435 O O   . HOH C 3 .   ? 15.817  -4.509  6.947   1.00 14.01 ? 305 HOH A O   1 
HETATM 1436 O O   . HOH C 3 .   ? -5.751  2.549   -19.408 1.00 22.22 ? 306 HOH A O   1 
HETATM 1437 O O   . HOH C 3 .   ? -9.371  -1.543  -20.355 1.00 24.06 ? 307 HOH A O   1 
HETATM 1438 O O   . HOH C 3 .   ? 2.542   -13.035 16.633  1.00 7.57  ? 308 HOH A O   1 
HETATM 1439 O O   . HOH C 3 .   ? -0.271  -2.022  1.575   1.00 9.19  ? 309 HOH A O   1 
HETATM 1440 O O   . HOH C 3 .   ? 12.086  9.977   -0.931  1.00 24.31 ? 310 HOH A O   1 
HETATM 1441 O O   . HOH C 3 .   ? 9.761   -12.720 12.905  1.00 16.05 ? 311 HOH A O   1 
HETATM 1442 O O   . HOH C 3 .   ? 0.970   -21.495 -4.561  1.00 19.14 ? 312 HOH A O   1 
HETATM 1443 O O   . HOH C 3 .   ? 17.168  0.800   -12.952 0.50 7.04  ? 313 HOH A O   1 
# 
